data_4JV9
# 
_entry.id   4JV9 
# 
_audit_conform.dict_name       mmcif_pdbx.dic 
_audit_conform.dict_version    5.387 
_audit_conform.dict_location   http://mmcif.pdb.org/dictionaries/ascii/mmcif_pdbx.dic 
# 
loop_
_database_2.database_id 
_database_2.database_code 
_database_2.pdbx_database_accession 
_database_2.pdbx_DOI 
PDB   4JV9         pdb_00004jv9 10.2210/pdb4jv9/pdb 
RCSB  RCSB078547   ?            ?                   
WWPDB D_1000078547 ?            ?                   
# 
loop_
_pdbx_audit_revision_history.ordinal 
_pdbx_audit_revision_history.data_content_type 
_pdbx_audit_revision_history.major_revision 
_pdbx_audit_revision_history.minor_revision 
_pdbx_audit_revision_history.revision_date 
1 'Structure model' 1 0 2013-05-01 
2 'Structure model' 1 1 2013-06-05 
3 'Structure model' 1 2 2024-02-28 
# 
_pdbx_audit_revision_details.ordinal             1 
_pdbx_audit_revision_details.revision_ordinal    1 
_pdbx_audit_revision_details.data_content_type   'Structure model' 
_pdbx_audit_revision_details.provider            repository 
_pdbx_audit_revision_details.type                'Initial release' 
_pdbx_audit_revision_details.description         ? 
_pdbx_audit_revision_details.details             ? 
# 
loop_
_pdbx_audit_revision_group.ordinal 
_pdbx_audit_revision_group.revision_ordinal 
_pdbx_audit_revision_group.data_content_type 
_pdbx_audit_revision_group.group 
1 2 'Structure model' 'Database references'  
2 3 'Structure model' 'Data collection'      
3 3 'Structure model' 'Database references'  
4 3 'Structure model' 'Derived calculations' 
# 
loop_
_pdbx_audit_revision_category.ordinal 
_pdbx_audit_revision_category.revision_ordinal 
_pdbx_audit_revision_category.data_content_type 
_pdbx_audit_revision_category.category 
1 3 'Structure model' chem_comp_atom     
2 3 'Structure model' chem_comp_bond     
3 3 'Structure model' database_2         
4 3 'Structure model' struct_ref_seq_dif 
5 3 'Structure model' struct_site        
# 
loop_
_pdbx_audit_revision_item.ordinal 
_pdbx_audit_revision_item.revision_ordinal 
_pdbx_audit_revision_item.data_content_type 
_pdbx_audit_revision_item.item 
1 3 'Structure model' '_database_2.pdbx_DOI'                
2 3 'Structure model' '_database_2.pdbx_database_accession' 
3 3 'Structure model' '_struct_ref_seq_dif.details'         
4 3 'Structure model' '_struct_site.pdbx_auth_asym_id'      
5 3 'Structure model' '_struct_site.pdbx_auth_comp_id'      
6 3 'Structure model' '_struct_site.pdbx_auth_seq_id'       
# 
_pdbx_database_status.status_code                     REL 
_pdbx_database_status.entry_id                        4JV9 
_pdbx_database_status.recvd_initial_deposition_date   2013-03-25 
_pdbx_database_status.deposit_site                    RCSB 
_pdbx_database_status.process_site                    RCSB 
_pdbx_database_status.status_code_sf                  REL 
_pdbx_database_status.status_code_mr                  ? 
_pdbx_database_status.SG_entry                        ? 
_pdbx_database_status.status_code_cs                  ? 
_pdbx_database_status.methods_development_category    ? 
_pdbx_database_status.pdb_format_compatible           Y 
_pdbx_database_status.status_code_nmr_data            ? 
# 
loop_
_pdbx_database_related.db_name 
_pdbx_database_related.db_id 
_pdbx_database_related.details 
_pdbx_database_related.content_type 
PDB 4JV7 . unspecified 
PDB 4JVE . unspecified 
PDB 4JVR . unspecified 
PDB 4JWR . unspecified 
# 
loop_
_audit_author.name 
_audit_author.pdbx_ordinal 
'Huang, X.'                    1  
'Gonzalez-Lopez de Turiso, F.' 2  
'Sun, D.'                      3  
'Yosup, R.'                    4  
'Bartberger, M.D.'             5  
'Beck, H.P.'                   6  
'Cannon, J.'                   7  
'Shaffer, P.'                  8  
'Oliner, J.D.'                 9  
'Olson, S.H.'                  10 
'Medina, J.C.'                 11 
# 
_citation.id                        primary 
_citation.title                     'Rational Design and Binding Mode Duality of MDM2-p53 Inhibitors.' 
_citation.journal_abbrev            J.Med.Chem. 
_citation.journal_volume            56 
_citation.page_first                4053 
_citation.page_last                 4070 
_citation.year                      2013 
_citation.journal_id_ASTM           JMCMAR 
_citation.country                   US 
_citation.journal_id_ISSN           0022-2623 
_citation.journal_id_CSD            0151 
_citation.book_publisher            ? 
_citation.pdbx_database_id_PubMed   23597064 
_citation.pdbx_database_id_DOI      10.1021/jm400293z 
# 
loop_
_citation_author.citation_id 
_citation_author.name 
_citation_author.ordinal 
_citation_author.identifier_ORCID 
primary 'Gonzalez-Lopez de Turiso, F.' 1  ? 
primary 'Sun, D.'                      2  ? 
primary 'Rew, Y.'                      3  ? 
primary 'Bartberger, M.D.'             4  ? 
primary 'Beck, H.P.'                   5  ? 
primary 'Canon, J.'                    6  ? 
primary 'Chen, A.'                     7  ? 
primary 'Chow, D.'                     8  ? 
primary 'Correll, T.L.'                9  ? 
primary 'Huang, X.'                    10 ? 
primary 'Julian, L.D.'                 11 ? 
primary 'Kayser, F.'                   12 ? 
primary 'Lo, M.C.'                     13 ? 
primary 'Long, A.M.'                   14 ? 
primary 'McMinn, D.'                   15 ? 
primary 'Oliner, J.D.'                 16 ? 
primary 'Osgood, T.'                   17 ? 
primary 'Powers, J.P.'                 18 ? 
primary 'Saiki, A.Y.'                  19 ? 
primary 'Schneider, S.'                20 ? 
primary 'Shaffer, P.'                  21 ? 
primary 'Xiao, S.H.'                   22 ? 
primary 'Yakowec, P.'                  23 ? 
primary 'Yan, X.'                      24 ? 
primary 'Ye, Q.'                       25 ? 
primary 'Yu, D.'                       26 ? 
primary 'Zhao, X.'                     27 ? 
primary 'Zhou, J.'                     28 ? 
primary 'Medina, J.C.'                 29 ? 
primary 'Olson, S.H.'                  30 ? 
# 
loop_
_entity.id 
_entity.type 
_entity.src_method 
_entity.pdbx_description 
_entity.formula_weight 
_entity.pdbx_number_of_molecules 
_entity.pdbx_ec 
_entity.pdbx_mutation 
_entity.pdbx_fragment 
_entity.details 
1 polymer     man 'E3 ubiquitin-protein ligase Mdm2'                                    11156.052 1  6.3.2.- ? 
'UNP residues 18-111' ? 
2 non-polymer syn '(2S,5R,6S)-2-benzyl-5,6-bis(4-chlorophenyl)-4-methylmorpholin-3-one' 426.335   1  ?       ? ? ? 
3 non-polymer syn 'SULFATE ION'                                                         96.063    2  ?       ? ? ? 
4 water       nat water                                                                 18.015    43 ?       ? ? ? 
# 
_entity_name_com.entity_id   1 
_entity_name_com.name        'Double minute 2 protein, Hdm2, Oncoprotein Mdm2, p53-binding protein Mdm2' 
# 
_entity_poly.entity_id                      1 
_entity_poly.type                           'polypeptide(L)' 
_entity_poly.nstd_linkage                   no 
_entity_poly.nstd_monomer                   no 
_entity_poly.pdbx_seq_one_letter_code       
;QIPASEQETLVRPKPLLLKLLKSVGAQKDTYTMKEVLFYLGQYIMTKRLYDEKQQHIVYCSNDLLGDLFGVPSFSVKEHR
KIYTMIYRNLVVVNGS
;
_entity_poly.pdbx_seq_one_letter_code_can   
;QIPASEQETLVRPKPLLLKLLKSVGAQKDTYTMKEVLFYLGQYIMTKRLYDEKQQHIVYCSNDLLGDLFGVPSFSVKEHR
KIYTMIYRNLVVVNGS
;
_entity_poly.pdbx_strand_id                 A 
_entity_poly.pdbx_target_identifier         ? 
# 
loop_
_pdbx_entity_nonpoly.entity_id 
_pdbx_entity_nonpoly.name 
_pdbx_entity_nonpoly.comp_id 
2 '(2S,5R,6S)-2-benzyl-5,6-bis(4-chlorophenyl)-4-methylmorpholin-3-one' 1MO 
3 'SULFATE ION'                                                         SO4 
4 water                                                                 HOH 
# 
loop_
_entity_poly_seq.entity_id 
_entity_poly_seq.num 
_entity_poly_seq.mon_id 
_entity_poly_seq.hetero 
1 1  GLN n 
1 2  ILE n 
1 3  PRO n 
1 4  ALA n 
1 5  SER n 
1 6  GLU n 
1 7  GLN n 
1 8  GLU n 
1 9  THR n 
1 10 LEU n 
1 11 VAL n 
1 12 ARG n 
1 13 PRO n 
1 14 LYS n 
1 15 PRO n 
1 16 LEU n 
1 17 LEU n 
1 18 LEU n 
1 19 LYS n 
1 20 LEU n 
1 21 LEU n 
1 22 LYS n 
1 23 SER n 
1 24 VAL n 
1 25 GLY n 
1 26 ALA n 
1 27 GLN n 
1 28 LYS n 
1 29 ASP n 
1 30 THR n 
1 31 TYR n 
1 32 THR n 
1 33 MET n 
1 34 LYS n 
1 35 GLU n 
1 36 VAL n 
1 37 LEU n 
1 38 PHE n 
1 39 TYR n 
1 40 LEU n 
1 41 GLY n 
1 42 GLN n 
1 43 TYR n 
1 44 ILE n 
1 45 MET n 
1 46 THR n 
1 47 LYS n 
1 48 ARG n 
1 49 LEU n 
1 50 TYR n 
1 51 ASP n 
1 52 GLU n 
1 53 LYS n 
1 54 GLN n 
1 55 GLN n 
1 56 HIS n 
1 57 ILE n 
1 58 VAL n 
1 59 TYR n 
1 60 CYS n 
1 61 SER n 
1 62 ASN n 
1 63 ASP n 
1 64 LEU n 
1 65 LEU n 
1 66 GLY n 
1 67 ASP n 
1 68 LEU n 
1 69 PHE n 
1 70 GLY n 
1 71 VAL n 
1 72 PRO n 
1 73 SER n 
1 74 PHE n 
1 75 SER n 
1 76 VAL n 
1 77 LYS n 
1 78 GLU n 
1 79 HIS n 
1 80 ARG n 
1 81 LYS n 
1 82 ILE n 
1 83 TYR n 
1 84 THR n 
1 85 MET n 
1 86 ILE n 
1 87 TYR n 
1 88 ARG n 
1 89 ASN n 
1 90 LEU n 
1 91 VAL n 
1 92 VAL n 
1 93 VAL n 
1 94 ASN n 
1 95 GLY n 
1 96 SER n 
# 
_entity_src_gen.entity_id                          1 
_entity_src_gen.pdbx_src_id                        1 
_entity_src_gen.pdbx_alt_source_flag               sample 
_entity_src_gen.pdbx_seq_type                      ? 
_entity_src_gen.pdbx_beg_seq_num                   ? 
_entity_src_gen.pdbx_end_seq_num                   ? 
_entity_src_gen.gene_src_common_name               human 
_entity_src_gen.gene_src_genus                     ? 
_entity_src_gen.pdbx_gene_src_gene                 MDM2 
_entity_src_gen.gene_src_species                   ? 
_entity_src_gen.gene_src_strain                    ? 
_entity_src_gen.gene_src_tissue                    ? 
_entity_src_gen.gene_src_tissue_fraction           ? 
_entity_src_gen.gene_src_details                   ? 
_entity_src_gen.pdbx_gene_src_fragment             ? 
_entity_src_gen.pdbx_gene_src_scientific_name      'Homo sapiens' 
_entity_src_gen.pdbx_gene_src_ncbi_taxonomy_id     9606 
_entity_src_gen.pdbx_gene_src_variant              ? 
_entity_src_gen.pdbx_gene_src_cell_line            ? 
_entity_src_gen.pdbx_gene_src_atcc                 ? 
_entity_src_gen.pdbx_gene_src_organ                ? 
_entity_src_gen.pdbx_gene_src_organelle            ? 
_entity_src_gen.pdbx_gene_src_cell                 ? 
_entity_src_gen.pdbx_gene_src_cellular_location    ? 
_entity_src_gen.host_org_common_name               ? 
_entity_src_gen.pdbx_host_org_scientific_name      'Escherichia coli' 
_entity_src_gen.pdbx_host_org_ncbi_taxonomy_id     562 
_entity_src_gen.host_org_genus                     ? 
_entity_src_gen.pdbx_host_org_gene                 ? 
_entity_src_gen.pdbx_host_org_organ                ? 
_entity_src_gen.host_org_species                   ? 
_entity_src_gen.pdbx_host_org_tissue               ? 
_entity_src_gen.pdbx_host_org_tissue_fraction      ? 
_entity_src_gen.pdbx_host_org_strain               ? 
_entity_src_gen.pdbx_host_org_variant              ? 
_entity_src_gen.pdbx_host_org_cell_line            ? 
_entity_src_gen.pdbx_host_org_atcc                 ? 
_entity_src_gen.pdbx_host_org_culture_collection   ? 
_entity_src_gen.pdbx_host_org_cell                 ? 
_entity_src_gen.pdbx_host_org_organelle            ? 
_entity_src_gen.pdbx_host_org_cellular_location    ? 
_entity_src_gen.pdbx_host_org_vector_type          ? 
_entity_src_gen.pdbx_host_org_vector               ? 
_entity_src_gen.host_org_details                   ? 
_entity_src_gen.expression_system_id               ? 
_entity_src_gen.plasmid_name                       ? 
_entity_src_gen.plasmid_details                    ? 
_entity_src_gen.pdbx_description                   ? 
# 
loop_
_chem_comp.id 
_chem_comp.type 
_chem_comp.mon_nstd_flag 
_chem_comp.name 
_chem_comp.pdbx_synonyms 
_chem_comp.formula 
_chem_comp.formula_weight 
1MO non-polymer         . '(2S,5R,6S)-2-benzyl-5,6-bis(4-chlorophenyl)-4-methylmorpholin-3-one' ? 'C24 H21 Cl2 N O2' 426.335 
ALA 'L-peptide linking' y ALANINE                                                               ? 'C3 H7 N O2'       89.093  
ARG 'L-peptide linking' y ARGININE                                                              ? 'C6 H15 N4 O2 1'   175.209 
ASN 'L-peptide linking' y ASPARAGINE                                                            ? 'C4 H8 N2 O3'      132.118 
ASP 'L-peptide linking' y 'ASPARTIC ACID'                                                       ? 'C4 H7 N O4'       133.103 
CYS 'L-peptide linking' y CYSTEINE                                                              ? 'C3 H7 N O2 S'     121.158 
GLN 'L-peptide linking' y GLUTAMINE                                                             ? 'C5 H10 N2 O3'     146.144 
GLU 'L-peptide linking' y 'GLUTAMIC ACID'                                                       ? 'C5 H9 N O4'       147.129 
GLY 'peptide linking'   y GLYCINE                                                               ? 'C2 H5 N O2'       75.067  
HIS 'L-peptide linking' y HISTIDINE                                                             ? 'C6 H10 N3 O2 1'   156.162 
HOH non-polymer         . WATER                                                                 ? 'H2 O'             18.015  
ILE 'L-peptide linking' y ISOLEUCINE                                                            ? 'C6 H13 N O2'      131.173 
LEU 'L-peptide linking' y LEUCINE                                                               ? 'C6 H13 N O2'      131.173 
LYS 'L-peptide linking' y LYSINE                                                                ? 'C6 H15 N2 O2 1'   147.195 
MET 'L-peptide linking' y METHIONINE                                                            ? 'C5 H11 N O2 S'    149.211 
PHE 'L-peptide linking' y PHENYLALANINE                                                         ? 'C9 H11 N O2'      165.189 
PRO 'L-peptide linking' y PROLINE                                                               ? 'C5 H9 N O2'       115.130 
SER 'L-peptide linking' y SERINE                                                                ? 'C3 H7 N O3'       105.093 
SO4 non-polymer         . 'SULFATE ION'                                                         ? 'O4 S -2'          96.063  
THR 'L-peptide linking' y THREONINE                                                             ? 'C4 H9 N O3'       119.119 
TYR 'L-peptide linking' y TYROSINE                                                              ? 'C9 H11 N O3'      181.189 
VAL 'L-peptide linking' y VALINE                                                                ? 'C5 H11 N O2'      117.146 
# 
loop_
_pdbx_poly_seq_scheme.asym_id 
_pdbx_poly_seq_scheme.entity_id 
_pdbx_poly_seq_scheme.seq_id 
_pdbx_poly_seq_scheme.mon_id 
_pdbx_poly_seq_scheme.ndb_seq_num 
_pdbx_poly_seq_scheme.pdb_seq_num 
_pdbx_poly_seq_scheme.auth_seq_num 
_pdbx_poly_seq_scheme.pdb_mon_id 
_pdbx_poly_seq_scheme.auth_mon_id 
_pdbx_poly_seq_scheme.pdb_strand_id 
_pdbx_poly_seq_scheme.pdb_ins_code 
_pdbx_poly_seq_scheme.hetero 
A 1 1  GLN 1  18  ?   ?   ?   A . n 
A 1 2  ILE 2  19  ?   ?   ?   A . n 
A 1 3  PRO 3  20  ?   ?   ?   A . n 
A 1 4  ALA 4  21  ?   ?   ?   A . n 
A 1 5  SER 5  22  ?   ?   ?   A . n 
A 1 6  GLU 6  23  ?   ?   ?   A . n 
A 1 7  GLN 7  24  ?   ?   ?   A . n 
A 1 8  GLU 8  25  ?   ?   ?   A . n 
A 1 9  THR 9  26  26  THR THR A . n 
A 1 10 LEU 10 27  27  LEU LEU A . n 
A 1 11 VAL 11 28  28  VAL VAL A . n 
A 1 12 ARG 12 29  29  ARG ARG A . n 
A 1 13 PRO 13 30  30  PRO PRO A . n 
A 1 14 LYS 14 31  31  LYS LYS A . n 
A 1 15 PRO 15 32  32  PRO PRO A . n 
A 1 16 LEU 16 33  33  LEU LEU A . n 
A 1 17 LEU 17 34  34  LEU LEU A . n 
A 1 18 LEU 18 35  35  LEU LEU A . n 
A 1 19 LYS 19 36  36  LYS LYS A . n 
A 1 20 LEU 20 37  37  LEU LEU A . n 
A 1 21 LEU 21 38  38  LEU LEU A . n 
A 1 22 LYS 22 39  39  LYS LYS A . n 
A 1 23 SER 23 40  40  SER SER A . n 
A 1 24 VAL 24 41  41  VAL VAL A . n 
A 1 25 GLY 25 42  42  GLY GLY A . n 
A 1 26 ALA 26 43  43  ALA ALA A . n 
A 1 27 GLN 27 44  44  GLN GLN A . n 
A 1 28 LYS 28 45  45  LYS LYS A . n 
A 1 29 ASP 29 46  46  ASP ASP A . n 
A 1 30 THR 30 47  47  THR THR A . n 
A 1 31 TYR 31 48  48  TYR TYR A . n 
A 1 32 THR 32 49  49  THR THR A . n 
A 1 33 MET 33 50  50  MET MET A . n 
A 1 34 LYS 34 51  51  LYS LYS A . n 
A 1 35 GLU 35 52  52  GLU GLU A . n 
A 1 36 VAL 36 53  53  VAL VAL A . n 
A 1 37 LEU 37 54  54  LEU LEU A . n 
A 1 38 PHE 38 55  55  PHE PHE A . n 
A 1 39 TYR 39 56  56  TYR TYR A . n 
A 1 40 LEU 40 57  57  LEU LEU A . n 
A 1 41 GLY 41 58  58  GLY GLY A . n 
A 1 42 GLN 42 59  59  GLN GLN A . n 
A 1 43 TYR 43 60  60  TYR TYR A . n 
A 1 44 ILE 44 61  61  ILE ILE A . n 
A 1 45 MET 45 62  62  MET MET A . n 
A 1 46 THR 46 63  63  THR THR A . n 
A 1 47 LYS 47 64  64  LYS LYS A . n 
A 1 48 ARG 48 65  65  ARG ARG A . n 
A 1 49 LEU 49 66  66  LEU LEU A . n 
A 1 50 TYR 50 67  67  TYR TYR A . n 
A 1 51 ASP 51 68  68  ASP ASP A . n 
A 1 52 GLU 52 69  69  GLU GLU A . n 
A 1 53 LYS 53 70  70  LYS LYS A . n 
A 1 54 GLN 54 71  71  GLN GLN A . n 
A 1 55 GLN 55 72  72  GLN GLN A . n 
A 1 56 HIS 56 73  73  HIS HIS A . n 
A 1 57 ILE 57 74  74  ILE ILE A . n 
A 1 58 VAL 58 75  75  VAL VAL A . n 
A 1 59 TYR 59 76  76  TYR TYR A . n 
A 1 60 CYS 60 77  77  CYS CYS A . n 
A 1 61 SER 61 78  78  SER SER A . n 
A 1 62 ASN 62 79  79  ASN ASN A . n 
A 1 63 ASP 63 80  80  ASP ASP A . n 
A 1 64 LEU 64 81  81  LEU LEU A . n 
A 1 65 LEU 65 82  82  LEU LEU A . n 
A 1 66 GLY 66 83  83  GLY GLY A . n 
A 1 67 ASP 67 84  84  ASP ASP A . n 
A 1 68 LEU 68 85  85  LEU LEU A . n 
A 1 69 PHE 69 86  86  PHE PHE A . n 
A 1 70 GLY 70 87  87  GLY GLY A . n 
A 1 71 VAL 71 88  88  VAL VAL A . n 
A 1 72 PRO 72 89  89  PRO PRO A . n 
A 1 73 SER 73 90  90  SER SER A . n 
A 1 74 PHE 74 91  91  PHE PHE A . n 
A 1 75 SER 75 92  92  SER SER A . n 
A 1 76 VAL 76 93  93  VAL VAL A . n 
A 1 77 LYS 77 94  94  LYS LYS A . n 
A 1 78 GLU 78 95  95  GLU GLU A . n 
A 1 79 HIS 79 96  96  HIS HIS A . n 
A 1 80 ARG 80 97  97  ARG ARG A . n 
A 1 81 LYS 81 98  98  LYS LYS A . n 
A 1 82 ILE 82 99  99  ILE ILE A . n 
A 1 83 TYR 83 100 100 TYR TYR A . n 
A 1 84 THR 84 101 101 THR THR A . n 
A 1 85 MET 85 102 102 MET MET A . n 
A 1 86 ILE 86 103 103 ILE ILE A . n 
A 1 87 TYR 87 104 104 TYR TYR A . n 
A 1 88 ARG 88 105 105 ARG ARG A . n 
A 1 89 ASN 89 106 106 ASN ASN A . n 
A 1 90 LEU 90 107 107 LEU LEU A . n 
A 1 91 VAL 91 108 108 VAL VAL A . n 
A 1 92 VAL 92 109 109 VAL VAL A . n 
A 1 93 VAL 93 110 110 VAL VAL A . n 
A 1 94 ASN 94 111 ?   ?   ?   A . n 
A 1 95 GLY 95 112 ?   ?   ?   A . n 
A 1 96 SER 96 113 ?   ?   ?   A . n 
# 
loop_
_pdbx_nonpoly_scheme.asym_id 
_pdbx_nonpoly_scheme.entity_id 
_pdbx_nonpoly_scheme.mon_id 
_pdbx_nonpoly_scheme.ndb_seq_num 
_pdbx_nonpoly_scheme.pdb_seq_num 
_pdbx_nonpoly_scheme.auth_seq_num 
_pdbx_nonpoly_scheme.pdb_mon_id 
_pdbx_nonpoly_scheme.auth_mon_id 
_pdbx_nonpoly_scheme.pdb_strand_id 
_pdbx_nonpoly_scheme.pdb_ins_code 
B 2 1MO 1  201 1  1MO INH A . 
C 3 SO4 1  202 1  SO4 SO4 A . 
D 3 SO4 1  203 3  SO4 SO4 A . 
E 4 HOH 1  301 2  HOH HOH A . 
E 4 HOH 2  302 4  HOH HOH A . 
E 4 HOH 3  303 14 HOH HOH A . 
E 4 HOH 4  304 26 HOH HOH A . 
E 4 HOH 5  305 28 HOH HOH A . 
E 4 HOH 6  306 29 HOH HOH A . 
E 4 HOH 7  307 30 HOH HOH A . 
E 4 HOH 8  308 31 HOH HOH A . 
E 4 HOH 9  309 32 HOH HOH A . 
E 4 HOH 10 310 33 HOH HOH A . 
E 4 HOH 11 311 34 HOH HOH A . 
E 4 HOH 12 312 35 HOH HOH A . 
E 4 HOH 13 313 36 HOH HOH A . 
E 4 HOH 14 314 37 HOH HOH A . 
E 4 HOH 15 315 38 HOH HOH A . 
E 4 HOH 16 316 39 HOH HOH A . 
E 4 HOH 17 317 40 HOH HOH A . 
E 4 HOH 18 318 41 HOH HOH A . 
E 4 HOH 19 319 44 HOH HOH A . 
E 4 HOH 20 320 48 HOH HOH A . 
E 4 HOH 21 321 51 HOH HOH A . 
E 4 HOH 22 322 53 HOH HOH A . 
E 4 HOH 23 323 54 HOH HOH A . 
E 4 HOH 24 324 56 HOH HOH A . 
E 4 HOH 25 325 59 HOH HOH A . 
E 4 HOH 26 326 65 HOH HOH A . 
E 4 HOH 27 327 66 HOH HOH A . 
E 4 HOH 28 328 68 HOH HOH A . 
E 4 HOH 29 329 71 HOH HOH A . 
E 4 HOH 30 330 74 HOH HOH A . 
E 4 HOH 31 331 76 HOH HOH A . 
E 4 HOH 32 332 78 HOH HOH A . 
E 4 HOH 33 333 80 HOH HOH A . 
E 4 HOH 34 334 81 HOH HOH A . 
E 4 HOH 35 335 83 HOH HOH A . 
E 4 HOH 36 336 85 HOH HOH A . 
E 4 HOH 37 337 86 HOH HOH A . 
E 4 HOH 38 338 88 HOH HOH A . 
E 4 HOH 39 339 89 HOH HOH A . 
E 4 HOH 40 340 92 HOH HOH A . 
E 4 HOH 41 341 93 HOH HOH A . 
E 4 HOH 42 342 96 HOH HOH A . 
E 4 HOH 43 343 97 HOH HOH A . 
# 
loop_
_software.name 
_software.classification 
_software.version 
_software.citation_id 
_software.pdbx_ordinal 
CrystalClear 'data collection' . ? 1 
AMoRE        phasing           . ? 2 
CNS          refinement        . ? 3 
DENZO        'data reduction'  . ? 4 
SCALEPACK    'data scaling'    . ? 5 
# 
_cell.entry_id           4JV9 
_cell.length_a           59.848 
_cell.length_b           59.848 
_cell.length_c           75.248 
_cell.angle_alpha        90 
_cell.angle_beta         90 
_cell.angle_gamma        90 
_cell.Z_PDB              8 
_cell.pdbx_unique_axis   ? 
_cell.length_a_esd       ? 
_cell.length_b_esd       ? 
_cell.length_c_esd       ? 
_cell.angle_alpha_esd    ? 
_cell.angle_beta_esd     ? 
_cell.angle_gamma_esd    ? 
# 
_symmetry.entry_id                         4JV9 
_symmetry.space_group_name_H-M             'P 41 21 2' 
_symmetry.pdbx_full_space_group_name_H-M   ? 
_symmetry.cell_setting                     ? 
_symmetry.Int_Tables_number                92 
_symmetry.space_group_name_Hall            ? 
# 
_exptl.entry_id          4JV9 
_exptl.method            'X-RAY DIFFRACTION' 
_exptl.crystals_number   1 
# 
_exptl_crystal.id                    1 
_exptl_crystal.density_meas          ? 
_exptl_crystal.density_Matthews      3.02 
_exptl_crystal.density_percent_sol   59.27 
_exptl_crystal.description           ? 
_exptl_crystal.F_000                 ? 
_exptl_crystal.preparation           ? 
# 
_exptl_crystal_grow.crystal_id      1 
_exptl_crystal_grow.method          'VAPOR DIFFUSION, HANGING DROP' 
_exptl_crystal_grow.temp            277 
_exptl_crystal_grow.temp_details    ? 
_exptl_crystal_grow.pH              7.0 
_exptl_crystal_grow.pdbx_details    
'100 mM HEPES, pH 7.0, 2.1-2.6 M ammonium sulfate, VAPOR DIFFUSION, HANGING DROP, temperature 277K' 
_exptl_crystal_grow.pdbx_pH_range   ? 
# 
_diffrn.id                     1 
_diffrn.ambient_temp           100 
_diffrn.ambient_temp_details   ? 
_diffrn.crystal_id             1 
# 
_diffrn_detector.diffrn_id              1 
_diffrn_detector.detector               'IMAGE PLATE' 
_diffrn_detector.type                   'RIGAKU RAXIS IV++' 
_diffrn_detector.pdbx_collection_date   ? 
_diffrn_detector.details                ? 
# 
_diffrn_radiation.diffrn_id                        1 
_diffrn_radiation.wavelength_id                    1 
_diffrn_radiation.pdbx_monochromatic_or_laue_m_l   M 
_diffrn_radiation.monochromator                    ? 
_diffrn_radiation.pdbx_diffrn_protocol             'SINGLE WAVELENGTH' 
_diffrn_radiation.pdbx_scattering_type             x-ray 
# 
_diffrn_radiation_wavelength.id           1 
_diffrn_radiation_wavelength.wavelength   . 
_diffrn_radiation_wavelength.wt           1.0 
# 
_diffrn_source.diffrn_id                   1 
_diffrn_source.source                      'ROTATING ANODE' 
_diffrn_source.type                        'RIGAKU FR-E DW' 
_diffrn_source.pdbx_synchrotron_site       ? 
_diffrn_source.pdbx_synchrotron_beamline   ? 
_diffrn_source.pdbx_wavelength             ? 
_diffrn_source.pdbx_wavelength_list        ? 
# 
_reflns.entry_id                     4JV9 
_reflns.observed_criterion_sigma_I   -3.0 
_reflns.observed_criterion_sigma_F   ? 
_reflns.d_resolution_low             30.0 
_reflns.d_resolution_high            2.40 
_reflns.number_obs                   5456 
_reflns.number_all                   ? 
_reflns.percent_possible_obs         94.7 
_reflns.pdbx_Rmerge_I_obs            0.089 
_reflns.pdbx_Rsym_value              ? 
_reflns.pdbx_netI_over_sigmaI        ? 
_reflns.B_iso_Wilson_estimate        ? 
_reflns.pdbx_redundancy              ? 
_reflns.R_free_details               ? 
_reflns.limit_h_max                  ? 
_reflns.limit_h_min                  ? 
_reflns.limit_k_max                  ? 
_reflns.limit_k_min                  ? 
_reflns.limit_l_max                  ? 
_reflns.limit_l_min                  ? 
_reflns.observed_criterion_F_max     ? 
_reflns.observed_criterion_F_min     ? 
_reflns.pdbx_chi_squared             ? 
_reflns.pdbx_scaling_rejects         ? 
_reflns.pdbx_ordinal                 1 
_reflns.pdbx_diffrn_id               1 
# 
_reflns_shell.d_res_high             2.40 
_reflns_shell.d_res_low              2.49 
_reflns_shell.percent_possible_all   68.7 
_reflns_shell.Rmerge_I_obs           0.391 
_reflns_shell.pdbx_Rsym_value        ? 
_reflns_shell.meanI_over_sigI_obs    ? 
_reflns_shell.pdbx_redundancy        ? 
_reflns_shell.percent_possible_obs   ? 
_reflns_shell.number_unique_all      ? 
_reflns_shell.number_measured_all    ? 
_reflns_shell.number_measured_obs    ? 
_reflns_shell.number_unique_obs      ? 
_reflns_shell.pdbx_chi_squared       ? 
_reflns_shell.pdbx_ordinal           1 
_reflns_shell.pdbx_diffrn_id         1 
# 
_refine.entry_id                                 4JV9 
_refine.pdbx_refine_id                           'X-RAY DIFFRACTION' 
_refine.ls_d_res_high                            2.500 
_refine.ls_d_res_low                             30.0 
_refine.pdbx_ls_sigma_F                          0.0 
_refine.pdbx_data_cutoff_high_absF               ? 
_refine.pdbx_data_cutoff_low_absF                ? 
_refine.ls_percent_reflns_obs                    98.0 
_refine.ls_number_reflns_obs                     4998 
_refine.ls_number_reflns_all                     ? 
_refine.pdbx_ls_cross_valid_method               ? 
_refine.ls_matrix_type                           ? 
_refine.pdbx_R_Free_selection_details            RANDOM 
_refine.details                                  ? 
_refine.ls_R_factor_all                          ? 
_refine.ls_R_factor_obs                          ? 
_refine.ls_R_factor_R_work                       0.2400 
_refine.ls_wR_factor_R_work                      ? 
_refine.ls_R_factor_R_free                       0.270 
_refine.ls_wR_factor_R_free                      ? 
_refine.ls_percent_reflns_R_free                 4.4 
_refine.ls_number_reflns_R_free                  224 
_refine.ls_number_reflns_R_work                  4774 
_refine.ls_R_factor_R_free_error                 ? 
_refine.B_iso_mean                               26.8926 
_refine.solvent_model_param_bsol                 ? 
_refine.solvent_model_param_ksol                 ? 
_refine.pdbx_isotropic_thermal_model             ? 
_refine.aniso_B[1][1]                            -1.8240 
_refine.aniso_B[2][2]                            -1.8240 
_refine.aniso_B[3][3]                            3.6480 
_refine.aniso_B[1][2]                            0.0000 
_refine.aniso_B[1][3]                            0.0000 
_refine.aniso_B[2][3]                            0.0000 
_refine.correlation_coeff_Fo_to_Fc               ? 
_refine.correlation_coeff_Fo_to_Fc_free          ? 
_refine.overall_SU_R_Cruickshank_DPI             ? 
_refine.pdbx_overall_SU_R_free_Cruickshank_DPI   ? 
_refine.pdbx_overall_SU_R_Blow_DPI               ? 
_refine.pdbx_overall_SU_R_free_Blow_DPI          ? 
_refine.overall_SU_R_free                        ? 
_refine.pdbx_overall_ESU_R                       ? 
_refine.pdbx_overall_ESU_R_Free                  ? 
_refine.overall_SU_ML                            ? 
_refine.overall_SU_B                             ? 
_refine.solvent_model_details                    ? 
_refine.pdbx_solvent_vdw_probe_radii             ? 
_refine.pdbx_solvent_ion_probe_radii             ? 
_refine.pdbx_solvent_shrinkage_radii             ? 
_refine.ls_number_parameters                     ? 
_refine.ls_number_restraints                     ? 
_refine.pdbx_starting_model                      ? 
_refine.pdbx_method_to_determine_struct          'MOLECULAR REPLACEMENT' 
_refine.pdbx_stereochemistry_target_values       'Engh & Huber' 
_refine.pdbx_stereochem_target_val_spec_case     ? 
_refine.overall_FOM_work_R_set                   ? 
_refine.B_iso_max                                98.780 
_refine.B_iso_min                                1.000 
_refine.pdbx_overall_phase_error                 ? 
_refine.occupancy_max                            1.000 
_refine.occupancy_min                            0.500 
_refine.pdbx_ls_sigma_I                          ? 
_refine.ls_redundancy_reflns_obs                 ? 
_refine.ls_R_factor_R_free_error_details         ? 
_refine.pdbx_data_cutoff_high_rms_absF           ? 
_refine.overall_FOM_free_R_set                   ? 
_refine.pdbx_diffrn_id                           1 
_refine.pdbx_TLS_residual_ADP_flag               ? 
# 
_refine_hist.pdbx_refine_id                   'X-RAY DIFFRACTION' 
_refine_hist.cycle_id                         LAST 
_refine_hist.pdbx_number_atoms_protein        703 
_refine_hist.pdbx_number_atoms_nucleic_acid   0 
_refine_hist.pdbx_number_atoms_ligand         39 
_refine_hist.number_atoms_solvent             43 
_refine_hist.number_atoms_total               785 
_refine_hist.d_res_high                       2.500 
_refine_hist.d_res_low                        30.0 
# 
loop_
_refine_ls_restr.pdbx_refine_id 
_refine_ls_restr.type 
_refine_ls_restr.number 
_refine_ls_restr.dev_ideal 
_refine_ls_restr.dev_ideal_target 
_refine_ls_restr.weight 
_refine_ls_restr.pdbx_restraint_function 
'X-RAY DIFFRACTION' c_mcbond_it  ? 1.207 1.500 ? ? 
'X-RAY DIFFRACTION' c_scbond_it  ? 2.344 2.000 ? ? 
'X-RAY DIFFRACTION' c_mcangle_it ? 1.999 2.000 ? ? 
'X-RAY DIFFRACTION' c_scangle_it ? 3.385 2.500 ? ? 
# 
loop_
_pdbx_xplor_file.pdbx_refine_id 
_pdbx_xplor_file.serial_no 
_pdbx_xplor_file.param_file 
_pdbx_xplor_file.topol_file 
'X-RAY DIFFRACTION' 1 mdm2.param                     ? 
'X-RAY DIFFRACTION' 2 2206093.xprm                   ? 
'X-RAY DIFFRACTION' 3 MSI_CNX_TOPPAR:ion.param       ? 
'X-RAY DIFFRACTION' 4 MSI_CNX_TOPPAR:water_rep.param ? 
# 
_struct.entry_id                  4JV9 
_struct.title                     
'Co-crystal structure of MDM2 with inhibitor (2S,5R,6S)-2-benzyl-5,6-bis(4-chlorophenyl)-4-methylmorpholin-3-one' 
_struct.pdbx_model_details        ? 
_struct.pdbx_CASP_flag            ? 
_struct.pdbx_model_type_details   ? 
# 
_struct_keywords.entry_id        4JV9 
_struct_keywords.pdbx_keywords   'LIGASE/LIGASE INHIBITOR' 
_struct_keywords.text            'p53, protein-protein interaction, LIGASE-LIGASE INHIBITOR complex' 
# 
loop_
_struct_asym.id 
_struct_asym.pdbx_blank_PDB_chainid_flag 
_struct_asym.pdbx_modified 
_struct_asym.entity_id 
_struct_asym.details 
A N N 1 ? 
B N N 2 ? 
C N N 3 ? 
D N N 3 ? 
E N N 4 ? 
# 
_struct_ref.id                         1 
_struct_ref.db_name                    UNP 
_struct_ref.db_code                    MDM2_HUMAN 
_struct_ref.pdbx_db_accession          Q00987 
_struct_ref.entity_id                  1 
_struct_ref.pdbx_seq_one_letter_code   
;QIPASEQETLVRPKPLLLKLLKSVGAQKDTYTMKEVLFYLGQYIMTKRLYDEKQQHIVYCSNDLLGDLFGVPSFSVKEHR
KIYTMIYRNLVVVN
;
_struct_ref.pdbx_align_begin           18 
_struct_ref.pdbx_db_isoform            ? 
# 
_struct_ref_seq.align_id                      1 
_struct_ref_seq.ref_id                        1 
_struct_ref_seq.pdbx_PDB_id_code              4JV9 
_struct_ref_seq.pdbx_strand_id                A 
_struct_ref_seq.seq_align_beg                 1 
_struct_ref_seq.pdbx_seq_align_beg_ins_code   ? 
_struct_ref_seq.seq_align_end                 94 
_struct_ref_seq.pdbx_seq_align_end_ins_code   ? 
_struct_ref_seq.pdbx_db_accession             Q00987 
_struct_ref_seq.db_align_beg                  18 
_struct_ref_seq.pdbx_db_align_beg_ins_code    ? 
_struct_ref_seq.db_align_end                  111 
_struct_ref_seq.pdbx_db_align_end_ins_code    ? 
_struct_ref_seq.pdbx_auth_seq_align_beg       18 
_struct_ref_seq.pdbx_auth_seq_align_end       111 
# 
loop_
_struct_ref_seq_dif.align_id 
_struct_ref_seq_dif.pdbx_pdb_id_code 
_struct_ref_seq_dif.mon_id 
_struct_ref_seq_dif.pdbx_pdb_strand_id 
_struct_ref_seq_dif.seq_num 
_struct_ref_seq_dif.pdbx_pdb_ins_code 
_struct_ref_seq_dif.pdbx_seq_db_name 
_struct_ref_seq_dif.pdbx_seq_db_accession_code 
_struct_ref_seq_dif.db_mon_id 
_struct_ref_seq_dif.pdbx_seq_db_seq_num 
_struct_ref_seq_dif.details 
_struct_ref_seq_dif.pdbx_auth_seq_num 
_struct_ref_seq_dif.pdbx_ordinal 
1 4JV9 GLY A 95 ? UNP Q00987 ? ? 'expression tag' 112 1 
1 4JV9 SER A 96 ? UNP Q00987 ? ? 'expression tag' 113 2 
# 
_pdbx_struct_assembly.id                   1 
_pdbx_struct_assembly.details              author_and_software_defined_assembly 
_pdbx_struct_assembly.method_details       PISA 
_pdbx_struct_assembly.oligomeric_details   monomeric 
_pdbx_struct_assembly.oligomeric_count     1 
# 
_pdbx_struct_assembly_gen.assembly_id       1 
_pdbx_struct_assembly_gen.oper_expression   1 
_pdbx_struct_assembly_gen.asym_id_list      A,B,C,D,E 
# 
_pdbx_struct_oper_list.id                   1 
_pdbx_struct_oper_list.type                 'identity operation' 
_pdbx_struct_oper_list.name                 1_555 
_pdbx_struct_oper_list.symmetry_operation   x,y,z 
_pdbx_struct_oper_list.matrix[1][1]         1.0000000000 
_pdbx_struct_oper_list.matrix[1][2]         0.0000000000 
_pdbx_struct_oper_list.matrix[1][3]         0.0000000000 
_pdbx_struct_oper_list.vector[1]            0.0000000000 
_pdbx_struct_oper_list.matrix[2][1]         0.0000000000 
_pdbx_struct_oper_list.matrix[2][2]         1.0000000000 
_pdbx_struct_oper_list.matrix[2][3]         0.0000000000 
_pdbx_struct_oper_list.vector[2]            0.0000000000 
_pdbx_struct_oper_list.matrix[3][1]         0.0000000000 
_pdbx_struct_oper_list.matrix[3][2]         0.0000000000 
_pdbx_struct_oper_list.matrix[3][3]         1.0000000000 
_pdbx_struct_oper_list.vector[3]            0.0000000000 
# 
_struct_biol.id        1 
_struct_biol.details   ? 
# 
loop_
_struct_conf.conf_type_id 
_struct_conf.id 
_struct_conf.pdbx_PDB_helix_id 
_struct_conf.beg_label_comp_id 
_struct_conf.beg_label_asym_id 
_struct_conf.beg_label_seq_id 
_struct_conf.pdbx_beg_PDB_ins_code 
_struct_conf.end_label_comp_id 
_struct_conf.end_label_asym_id 
_struct_conf.end_label_seq_id 
_struct_conf.pdbx_end_PDB_ins_code 
_struct_conf.beg_auth_comp_id 
_struct_conf.beg_auth_asym_id 
_struct_conf.beg_auth_seq_id 
_struct_conf.end_auth_comp_id 
_struct_conf.end_auth_asym_id 
_struct_conf.end_auth_seq_id 
_struct_conf.pdbx_PDB_helix_class 
_struct_conf.details 
_struct_conf.pdbx_PDB_helix_length 
HELX_P HELX_P1 1 LYS A 14 ? SER A 23 ? LYS A 31 SER A 40  1 ? 10 
HELX_P HELX_P2 2 MET A 33 ? ARG A 48 ? MET A 50 ARG A 65  1 ? 16 
HELX_P HELX_P3 3 ASP A 63 ? GLY A 70 ? ASP A 80 GLY A 87  1 ? 8  
HELX_P HELX_P4 4 GLU A 78 ? ARG A 88 ? GLU A 95 ARG A 105 1 ? 11 
# 
_struct_conf_type.id          HELX_P 
_struct_conf_type.criteria    ? 
_struct_conf_type.reference   ? 
# 
loop_
_struct_sheet.id 
_struct_sheet.type 
_struct_sheet.number_strands 
_struct_sheet.details 
A ? 3 ? 
B ? 2 ? 
# 
loop_
_struct_sheet_order.sheet_id 
_struct_sheet_order.range_id_1 
_struct_sheet_order.range_id_2 
_struct_sheet_order.offset 
_struct_sheet_order.sense 
A 1 2 ? anti-parallel 
A 2 3 ? anti-parallel 
B 1 2 ? anti-parallel 
# 
loop_
_struct_sheet_range.sheet_id 
_struct_sheet_range.id 
_struct_sheet_range.beg_label_comp_id 
_struct_sheet_range.beg_label_asym_id 
_struct_sheet_range.beg_label_seq_id 
_struct_sheet_range.pdbx_beg_PDB_ins_code 
_struct_sheet_range.end_label_comp_id 
_struct_sheet_range.end_label_asym_id 
_struct_sheet_range.end_label_seq_id 
_struct_sheet_range.pdbx_end_PDB_ins_code 
_struct_sheet_range.beg_auth_comp_id 
_struct_sheet_range.beg_auth_asym_id 
_struct_sheet_range.beg_auth_seq_id 
_struct_sheet_range.end_auth_comp_id 
_struct_sheet_range.end_auth_asym_id 
_struct_sheet_range.end_auth_seq_id 
A 1 TYR A 31 ? THR A 32 ? TYR A 48  THR A 49  
A 2 LEU A 10 ? PRO A 13 ? LEU A 27  PRO A 30  
A 3 LEU A 90 ? VAL A 92 ? LEU A 107 VAL A 109 
B 1 ILE A 57 ? TYR A 59 ? ILE A 74  TYR A 76  
B 2 SER A 73 ? SER A 75 ? SER A 90  SER A 92  
# 
loop_
_pdbx_struct_sheet_hbond.sheet_id 
_pdbx_struct_sheet_hbond.range_id_1 
_pdbx_struct_sheet_hbond.range_id_2 
_pdbx_struct_sheet_hbond.range_1_label_atom_id 
_pdbx_struct_sheet_hbond.range_1_label_comp_id 
_pdbx_struct_sheet_hbond.range_1_label_asym_id 
_pdbx_struct_sheet_hbond.range_1_label_seq_id 
_pdbx_struct_sheet_hbond.range_1_PDB_ins_code 
_pdbx_struct_sheet_hbond.range_1_auth_atom_id 
_pdbx_struct_sheet_hbond.range_1_auth_comp_id 
_pdbx_struct_sheet_hbond.range_1_auth_asym_id 
_pdbx_struct_sheet_hbond.range_1_auth_seq_id 
_pdbx_struct_sheet_hbond.range_2_label_atom_id 
_pdbx_struct_sheet_hbond.range_2_label_comp_id 
_pdbx_struct_sheet_hbond.range_2_label_asym_id 
_pdbx_struct_sheet_hbond.range_2_label_seq_id 
_pdbx_struct_sheet_hbond.range_2_PDB_ins_code 
_pdbx_struct_sheet_hbond.range_2_auth_atom_id 
_pdbx_struct_sheet_hbond.range_2_auth_comp_id 
_pdbx_struct_sheet_hbond.range_2_auth_asym_id 
_pdbx_struct_sheet_hbond.range_2_auth_seq_id 
A 1 2 O TYR A 31 ? O TYR A 48 N VAL A 11 ? N VAL A 28  
A 2 3 N ARG A 12 ? N ARG A 29 O VAL A 91 ? O VAL A 108 
B 1 2 N VAL A 58 ? N VAL A 75 O PHE A 74 ? O PHE A 91  
# 
loop_
_struct_site.id 
_struct_site.pdbx_evidence_code 
_struct_site.pdbx_auth_asym_id 
_struct_site.pdbx_auth_comp_id 
_struct_site.pdbx_auth_seq_id 
_struct_site.pdbx_auth_ins_code 
_struct_site.pdbx_num_residues 
_struct_site.details 
AC1 Software A 1MO 201 ? 13 'BINDING SITE FOR RESIDUE 1MO A 201' 
AC2 Software A SO4 202 ? 5  'BINDING SITE FOR RESIDUE SO4 A 202' 
AC3 Software A SO4 203 ? 5  'BINDING SITE FOR RESIDUE SO4 A 203' 
# 
loop_
_struct_site_gen.id 
_struct_site_gen.site_id 
_struct_site_gen.pdbx_num_res 
_struct_site_gen.label_comp_id 
_struct_site_gen.label_asym_id 
_struct_site_gen.label_seq_id 
_struct_site_gen.pdbx_auth_ins_code 
_struct_site_gen.auth_comp_id 
_struct_site_gen.auth_asym_id 
_struct_site_gen.auth_seq_id 
_struct_site_gen.label_atom_id 
_struct_site_gen.label_alt_id 
_struct_site_gen.symmetry 
_struct_site_gen.details 
1  AC1 13 LEU A 37 ? LEU A 54  . ? 1_555 ? 
2  AC1 13 PHE A 38 ? PHE A 55  . ? 1_555 ? 
3  AC1 13 LEU A 40 ? LEU A 57  . ? 1_555 ? 
4  AC1 13 GLY A 41 ? GLY A 58  . ? 1_555 ? 
5  AC1 13 GLN A 42 ? GLN A 59  . ? 1_555 ? 
6  AC1 13 ILE A 44 ? ILE A 61  . ? 1_555 ? 
7  AC1 13 MET A 45 ? MET A 62  . ? 1_555 ? 
8  AC1 13 GLN A 55 ? GLN A 72  . ? 1_555 ? 
9  AC1 13 ARG A 80 ? ARG A 97  . ? 4_544 ? 
10 AC1 13 ILE A 82 ? ILE A 99  . ? 1_555 ? 
11 AC1 13 THR A 84 ? THR A 101 . ? 4_544 ? 
12 AC1 13 TYR A 87 ? TYR A 104 . ? 4_544 ? 
13 AC1 13 HOH E .  ? HOH A 308 . ? 1_555 ? 
14 AC2 5  LYS A 14 ? LYS A 31  . ? 1_555 ? 
15 AC2 5  PRO A 15 ? PRO A 32  . ? 1_555 ? 
16 AC2 5  LEU A 16 ? LEU A 33  . ? 1_555 ? 
17 AC2 5  HOH E .  ? HOH A 321 . ? 1_555 ? 
18 AC2 5  HOH E .  ? HOH A 330 . ? 1_555 ? 
19 AC3 5  LYS A 34 ? LYS A 51  . ? 3_445 ? 
20 AC3 5  LYS A 77 ? LYS A 94  . ? 1_555 ? 
21 AC3 5  HIS A 79 ? HIS A 96  . ? 1_555 ? 
22 AC3 5  ARG A 80 ? ARG A 97  . ? 1_555 ? 
23 AC3 5  HOH E .  ? HOH A 304 . ? 1_555 ? 
# 
_pdbx_validate_rmsd_angle.id                         1 
_pdbx_validate_rmsd_angle.PDB_model_num              1 
_pdbx_validate_rmsd_angle.auth_atom_id_1             CA 
_pdbx_validate_rmsd_angle.auth_asym_id_1             A 
_pdbx_validate_rmsd_angle.auth_comp_id_1             LEU 
_pdbx_validate_rmsd_angle.auth_seq_id_1              37 
_pdbx_validate_rmsd_angle.PDB_ins_code_1             ? 
_pdbx_validate_rmsd_angle.label_alt_id_1             ? 
_pdbx_validate_rmsd_angle.auth_atom_id_2             CB 
_pdbx_validate_rmsd_angle.auth_asym_id_2             A 
_pdbx_validate_rmsd_angle.auth_comp_id_2             LEU 
_pdbx_validate_rmsd_angle.auth_seq_id_2              37 
_pdbx_validate_rmsd_angle.PDB_ins_code_2             ? 
_pdbx_validate_rmsd_angle.label_alt_id_2             ? 
_pdbx_validate_rmsd_angle.auth_atom_id_3             CG 
_pdbx_validate_rmsd_angle.auth_asym_id_3             A 
_pdbx_validate_rmsd_angle.auth_comp_id_3             LEU 
_pdbx_validate_rmsd_angle.auth_seq_id_3              37 
_pdbx_validate_rmsd_angle.PDB_ins_code_3             ? 
_pdbx_validate_rmsd_angle.label_alt_id_3             ? 
_pdbx_validate_rmsd_angle.angle_value                130.05 
_pdbx_validate_rmsd_angle.angle_target_value         115.30 
_pdbx_validate_rmsd_angle.angle_deviation            14.75 
_pdbx_validate_rmsd_angle.angle_standard_deviation   2.30 
_pdbx_validate_rmsd_angle.linker_flag                N 
# 
loop_
_pdbx_validate_torsion.id 
_pdbx_validate_torsion.PDB_model_num 
_pdbx_validate_torsion.auth_comp_id 
_pdbx_validate_torsion.auth_asym_id 
_pdbx_validate_torsion.auth_seq_id 
_pdbx_validate_torsion.PDB_ins_code 
_pdbx_validate_torsion.label_alt_id 
_pdbx_validate_torsion.phi 
_pdbx_validate_torsion.psi 
1 1 GLN A 71 ? ? -117.85 79.26 
2 1 GLN A 72 ? ? -59.79  -6.07 
# 
_pdbx_struct_special_symmetry.id              1 
_pdbx_struct_special_symmetry.PDB_model_num   1 
_pdbx_struct_special_symmetry.auth_asym_id    A 
_pdbx_struct_special_symmetry.auth_comp_id    HOH 
_pdbx_struct_special_symmetry.auth_seq_id     302 
_pdbx_struct_special_symmetry.PDB_ins_code    ? 
_pdbx_struct_special_symmetry.label_asym_id   E 
_pdbx_struct_special_symmetry.label_comp_id   HOH 
_pdbx_struct_special_symmetry.label_seq_id    . 
# 
loop_
_pdbx_unobs_or_zero_occ_residues.id 
_pdbx_unobs_or_zero_occ_residues.PDB_model_num 
_pdbx_unobs_or_zero_occ_residues.polymer_flag 
_pdbx_unobs_or_zero_occ_residues.occupancy_flag 
_pdbx_unobs_or_zero_occ_residues.auth_asym_id 
_pdbx_unobs_or_zero_occ_residues.auth_comp_id 
_pdbx_unobs_or_zero_occ_residues.auth_seq_id 
_pdbx_unobs_or_zero_occ_residues.PDB_ins_code 
_pdbx_unobs_or_zero_occ_residues.label_asym_id 
_pdbx_unobs_or_zero_occ_residues.label_comp_id 
_pdbx_unobs_or_zero_occ_residues.label_seq_id 
1  1 Y 1 A GLN 18  ? A GLN 1  
2  1 Y 1 A ILE 19  ? A ILE 2  
3  1 Y 1 A PRO 20  ? A PRO 3  
4  1 Y 1 A ALA 21  ? A ALA 4  
5  1 Y 1 A SER 22  ? A SER 5  
6  1 Y 1 A GLU 23  ? A GLU 6  
7  1 Y 1 A GLN 24  ? A GLN 7  
8  1 Y 1 A GLU 25  ? A GLU 8  
9  1 Y 1 A ASN 111 ? A ASN 94 
10 1 Y 1 A GLY 112 ? A GLY 95 
11 1 Y 1 A SER 113 ? A SER 96 
# 
loop_
_chem_comp_atom.comp_id 
_chem_comp_atom.atom_id 
_chem_comp_atom.type_symbol 
_chem_comp_atom.pdbx_aromatic_flag 
_chem_comp_atom.pdbx_stereo_config 
_chem_comp_atom.pdbx_ordinal 
1MO C3   C  Y N 1   
1MO C2   C  Y N 2   
1MO C1   C  Y N 3   
1MO CL1  CL N N 4   
1MO C4   C  Y N 5   
1MO C5   C  Y N 6   
1MO C6   C  Y N 7   
1MO C7   C  N R 8   
1MO N1   N  N N 9   
1MO C8   C  N N 10  
1MO C9   C  N N 11  
1MO O1   O  N N 12  
1MO C10  C  N S 13  
1MO C11  C  N N 14  
1MO C12  C  Y N 15  
1MO C13  C  Y N 16  
1MO C14  C  Y N 17  
1MO C15  C  Y N 18  
1MO C16  C  Y N 19  
1MO C17  C  Y N 20  
1MO O2   O  N N 21  
1MO C18  C  N S 22  
1MO C19  C  Y N 23  
1MO C20  C  Y N 24  
1MO C21  C  Y N 25  
1MO C22  C  Y N 26  
1MO CL2  CL N N 27  
1MO C23  C  Y N 28  
1MO C24  C  Y N 29  
1MO H1   H  N N 30  
1MO H2   H  N N 31  
1MO H3   H  N N 32  
1MO H4   H  N N 33  
1MO H5   H  N N 34  
1MO H6   H  N N 35  
1MO H7   H  N N 36  
1MO H8   H  N N 37  
1MO H9   H  N N 38  
1MO H10  H  N N 39  
1MO H11  H  N N 40  
1MO H12  H  N N 41  
1MO H13  H  N N 42  
1MO H14  H  N N 43  
1MO H15  H  N N 44  
1MO H16  H  N N 45  
1MO H17  H  N N 46  
1MO H18  H  N N 47  
1MO H19  H  N N 48  
1MO H20  H  N N 49  
1MO H21  H  N N 50  
ALA N    N  N N 51  
ALA CA   C  N S 52  
ALA C    C  N N 53  
ALA O    O  N N 54  
ALA CB   C  N N 55  
ALA OXT  O  N N 56  
ALA H    H  N N 57  
ALA H2   H  N N 58  
ALA HA   H  N N 59  
ALA HB1  H  N N 60  
ALA HB2  H  N N 61  
ALA HB3  H  N N 62  
ALA HXT  H  N N 63  
ARG N    N  N N 64  
ARG CA   C  N S 65  
ARG C    C  N N 66  
ARG O    O  N N 67  
ARG CB   C  N N 68  
ARG CG   C  N N 69  
ARG CD   C  N N 70  
ARG NE   N  N N 71  
ARG CZ   C  N N 72  
ARG NH1  N  N N 73  
ARG NH2  N  N N 74  
ARG OXT  O  N N 75  
ARG H    H  N N 76  
ARG H2   H  N N 77  
ARG HA   H  N N 78  
ARG HB2  H  N N 79  
ARG HB3  H  N N 80  
ARG HG2  H  N N 81  
ARG HG3  H  N N 82  
ARG HD2  H  N N 83  
ARG HD3  H  N N 84  
ARG HE   H  N N 85  
ARG HH11 H  N N 86  
ARG HH12 H  N N 87  
ARG HH21 H  N N 88  
ARG HH22 H  N N 89  
ARG HXT  H  N N 90  
ASN N    N  N N 91  
ASN CA   C  N S 92  
ASN C    C  N N 93  
ASN O    O  N N 94  
ASN CB   C  N N 95  
ASN CG   C  N N 96  
ASN OD1  O  N N 97  
ASN ND2  N  N N 98  
ASN OXT  O  N N 99  
ASN H    H  N N 100 
ASN H2   H  N N 101 
ASN HA   H  N N 102 
ASN HB2  H  N N 103 
ASN HB3  H  N N 104 
ASN HD21 H  N N 105 
ASN HD22 H  N N 106 
ASN HXT  H  N N 107 
ASP N    N  N N 108 
ASP CA   C  N S 109 
ASP C    C  N N 110 
ASP O    O  N N 111 
ASP CB   C  N N 112 
ASP CG   C  N N 113 
ASP OD1  O  N N 114 
ASP OD2  O  N N 115 
ASP OXT  O  N N 116 
ASP H    H  N N 117 
ASP H2   H  N N 118 
ASP HA   H  N N 119 
ASP HB2  H  N N 120 
ASP HB3  H  N N 121 
ASP HD2  H  N N 122 
ASP HXT  H  N N 123 
CYS N    N  N N 124 
CYS CA   C  N R 125 
CYS C    C  N N 126 
CYS O    O  N N 127 
CYS CB   C  N N 128 
CYS SG   S  N N 129 
CYS OXT  O  N N 130 
CYS H    H  N N 131 
CYS H2   H  N N 132 
CYS HA   H  N N 133 
CYS HB2  H  N N 134 
CYS HB3  H  N N 135 
CYS HG   H  N N 136 
CYS HXT  H  N N 137 
GLN N    N  N N 138 
GLN CA   C  N S 139 
GLN C    C  N N 140 
GLN O    O  N N 141 
GLN CB   C  N N 142 
GLN CG   C  N N 143 
GLN CD   C  N N 144 
GLN OE1  O  N N 145 
GLN NE2  N  N N 146 
GLN OXT  O  N N 147 
GLN H    H  N N 148 
GLN H2   H  N N 149 
GLN HA   H  N N 150 
GLN HB2  H  N N 151 
GLN HB3  H  N N 152 
GLN HG2  H  N N 153 
GLN HG3  H  N N 154 
GLN HE21 H  N N 155 
GLN HE22 H  N N 156 
GLN HXT  H  N N 157 
GLU N    N  N N 158 
GLU CA   C  N S 159 
GLU C    C  N N 160 
GLU O    O  N N 161 
GLU CB   C  N N 162 
GLU CG   C  N N 163 
GLU CD   C  N N 164 
GLU OE1  O  N N 165 
GLU OE2  O  N N 166 
GLU OXT  O  N N 167 
GLU H    H  N N 168 
GLU H2   H  N N 169 
GLU HA   H  N N 170 
GLU HB2  H  N N 171 
GLU HB3  H  N N 172 
GLU HG2  H  N N 173 
GLU HG3  H  N N 174 
GLU HE2  H  N N 175 
GLU HXT  H  N N 176 
GLY N    N  N N 177 
GLY CA   C  N N 178 
GLY C    C  N N 179 
GLY O    O  N N 180 
GLY OXT  O  N N 181 
GLY H    H  N N 182 
GLY H2   H  N N 183 
GLY HA2  H  N N 184 
GLY HA3  H  N N 185 
GLY HXT  H  N N 186 
HIS N    N  N N 187 
HIS CA   C  N S 188 
HIS C    C  N N 189 
HIS O    O  N N 190 
HIS CB   C  N N 191 
HIS CG   C  Y N 192 
HIS ND1  N  Y N 193 
HIS CD2  C  Y N 194 
HIS CE1  C  Y N 195 
HIS NE2  N  Y N 196 
HIS OXT  O  N N 197 
HIS H    H  N N 198 
HIS H2   H  N N 199 
HIS HA   H  N N 200 
HIS HB2  H  N N 201 
HIS HB3  H  N N 202 
HIS HD1  H  N N 203 
HIS HD2  H  N N 204 
HIS HE1  H  N N 205 
HIS HE2  H  N N 206 
HIS HXT  H  N N 207 
HOH O    O  N N 208 
HOH H1   H  N N 209 
HOH H2   H  N N 210 
ILE N    N  N N 211 
ILE CA   C  N S 212 
ILE C    C  N N 213 
ILE O    O  N N 214 
ILE CB   C  N S 215 
ILE CG1  C  N N 216 
ILE CG2  C  N N 217 
ILE CD1  C  N N 218 
ILE OXT  O  N N 219 
ILE H    H  N N 220 
ILE H2   H  N N 221 
ILE HA   H  N N 222 
ILE HB   H  N N 223 
ILE HG12 H  N N 224 
ILE HG13 H  N N 225 
ILE HG21 H  N N 226 
ILE HG22 H  N N 227 
ILE HG23 H  N N 228 
ILE HD11 H  N N 229 
ILE HD12 H  N N 230 
ILE HD13 H  N N 231 
ILE HXT  H  N N 232 
LEU N    N  N N 233 
LEU CA   C  N S 234 
LEU C    C  N N 235 
LEU O    O  N N 236 
LEU CB   C  N N 237 
LEU CG   C  N N 238 
LEU CD1  C  N N 239 
LEU CD2  C  N N 240 
LEU OXT  O  N N 241 
LEU H    H  N N 242 
LEU H2   H  N N 243 
LEU HA   H  N N 244 
LEU HB2  H  N N 245 
LEU HB3  H  N N 246 
LEU HG   H  N N 247 
LEU HD11 H  N N 248 
LEU HD12 H  N N 249 
LEU HD13 H  N N 250 
LEU HD21 H  N N 251 
LEU HD22 H  N N 252 
LEU HD23 H  N N 253 
LEU HXT  H  N N 254 
LYS N    N  N N 255 
LYS CA   C  N S 256 
LYS C    C  N N 257 
LYS O    O  N N 258 
LYS CB   C  N N 259 
LYS CG   C  N N 260 
LYS CD   C  N N 261 
LYS CE   C  N N 262 
LYS NZ   N  N N 263 
LYS OXT  O  N N 264 
LYS H    H  N N 265 
LYS H2   H  N N 266 
LYS HA   H  N N 267 
LYS HB2  H  N N 268 
LYS HB3  H  N N 269 
LYS HG2  H  N N 270 
LYS HG3  H  N N 271 
LYS HD2  H  N N 272 
LYS HD3  H  N N 273 
LYS HE2  H  N N 274 
LYS HE3  H  N N 275 
LYS HZ1  H  N N 276 
LYS HZ2  H  N N 277 
LYS HZ3  H  N N 278 
LYS HXT  H  N N 279 
MET N    N  N N 280 
MET CA   C  N S 281 
MET C    C  N N 282 
MET O    O  N N 283 
MET CB   C  N N 284 
MET CG   C  N N 285 
MET SD   S  N N 286 
MET CE   C  N N 287 
MET OXT  O  N N 288 
MET H    H  N N 289 
MET H2   H  N N 290 
MET HA   H  N N 291 
MET HB2  H  N N 292 
MET HB3  H  N N 293 
MET HG2  H  N N 294 
MET HG3  H  N N 295 
MET HE1  H  N N 296 
MET HE2  H  N N 297 
MET HE3  H  N N 298 
MET HXT  H  N N 299 
PHE N    N  N N 300 
PHE CA   C  N S 301 
PHE C    C  N N 302 
PHE O    O  N N 303 
PHE CB   C  N N 304 
PHE CG   C  Y N 305 
PHE CD1  C  Y N 306 
PHE CD2  C  Y N 307 
PHE CE1  C  Y N 308 
PHE CE2  C  Y N 309 
PHE CZ   C  Y N 310 
PHE OXT  O  N N 311 
PHE H    H  N N 312 
PHE H2   H  N N 313 
PHE HA   H  N N 314 
PHE HB2  H  N N 315 
PHE HB3  H  N N 316 
PHE HD1  H  N N 317 
PHE HD2  H  N N 318 
PHE HE1  H  N N 319 
PHE HE2  H  N N 320 
PHE HZ   H  N N 321 
PHE HXT  H  N N 322 
PRO N    N  N N 323 
PRO CA   C  N S 324 
PRO C    C  N N 325 
PRO O    O  N N 326 
PRO CB   C  N N 327 
PRO CG   C  N N 328 
PRO CD   C  N N 329 
PRO OXT  O  N N 330 
PRO H    H  N N 331 
PRO HA   H  N N 332 
PRO HB2  H  N N 333 
PRO HB3  H  N N 334 
PRO HG2  H  N N 335 
PRO HG3  H  N N 336 
PRO HD2  H  N N 337 
PRO HD3  H  N N 338 
PRO HXT  H  N N 339 
SER N    N  N N 340 
SER CA   C  N S 341 
SER C    C  N N 342 
SER O    O  N N 343 
SER CB   C  N N 344 
SER OG   O  N N 345 
SER OXT  O  N N 346 
SER H    H  N N 347 
SER H2   H  N N 348 
SER HA   H  N N 349 
SER HB2  H  N N 350 
SER HB3  H  N N 351 
SER HG   H  N N 352 
SER HXT  H  N N 353 
SO4 S    S  N N 354 
SO4 O1   O  N N 355 
SO4 O2   O  N N 356 
SO4 O3   O  N N 357 
SO4 O4   O  N N 358 
THR N    N  N N 359 
THR CA   C  N S 360 
THR C    C  N N 361 
THR O    O  N N 362 
THR CB   C  N R 363 
THR OG1  O  N N 364 
THR CG2  C  N N 365 
THR OXT  O  N N 366 
THR H    H  N N 367 
THR H2   H  N N 368 
THR HA   H  N N 369 
THR HB   H  N N 370 
THR HG1  H  N N 371 
THR HG21 H  N N 372 
THR HG22 H  N N 373 
THR HG23 H  N N 374 
THR HXT  H  N N 375 
TYR N    N  N N 376 
TYR CA   C  N S 377 
TYR C    C  N N 378 
TYR O    O  N N 379 
TYR CB   C  N N 380 
TYR CG   C  Y N 381 
TYR CD1  C  Y N 382 
TYR CD2  C  Y N 383 
TYR CE1  C  Y N 384 
TYR CE2  C  Y N 385 
TYR CZ   C  Y N 386 
TYR OH   O  N N 387 
TYR OXT  O  N N 388 
TYR H    H  N N 389 
TYR H2   H  N N 390 
TYR HA   H  N N 391 
TYR HB2  H  N N 392 
TYR HB3  H  N N 393 
TYR HD1  H  N N 394 
TYR HD2  H  N N 395 
TYR HE1  H  N N 396 
TYR HE2  H  N N 397 
TYR HH   H  N N 398 
TYR HXT  H  N N 399 
VAL N    N  N N 400 
VAL CA   C  N S 401 
VAL C    C  N N 402 
VAL O    O  N N 403 
VAL CB   C  N N 404 
VAL CG1  C  N N 405 
VAL CG2  C  N N 406 
VAL OXT  O  N N 407 
VAL H    H  N N 408 
VAL H2   H  N N 409 
VAL HA   H  N N 410 
VAL HB   H  N N 411 
VAL HG11 H  N N 412 
VAL HG12 H  N N 413 
VAL HG13 H  N N 414 
VAL HG21 H  N N 415 
VAL HG22 H  N N 416 
VAL HG23 H  N N 417 
VAL HXT  H  N N 418 
# 
loop_
_chem_comp_bond.comp_id 
_chem_comp_bond.atom_id_1 
_chem_comp_bond.atom_id_2 
_chem_comp_bond.value_order 
_chem_comp_bond.pdbx_aromatic_flag 
_chem_comp_bond.pdbx_stereo_config 
_chem_comp_bond.pdbx_ordinal 
1MO C15 C16  doub Y N 1   
1MO C15 C14  sing Y N 2   
1MO C16 C17  sing Y N 3   
1MO C14 C13  doub Y N 4   
1MO C17 C12  doub Y N 5   
1MO C13 C12  sing Y N 6   
1MO C12 C11  sing N N 7   
1MO C11 C10  sing N N 8   
1MO C10 C9   sing N N 9   
1MO C10 O2   sing N N 10  
1MO O1  C9   doub N N 11  
1MO C9  N1   sing N N 12  
1MO O2  C18  sing N N 13  
1MO C18 C19  sing N N 14  
1MO C18 C7   sing N N 15  
1MO N1  C7   sing N N 16  
1MO N1  C8   sing N N 17  
1MO C19 C24  doub Y N 18  
1MO C19 C20  sing Y N 19  
1MO C24 C23  sing Y N 20  
1MO C7  C6   sing N N 21  
1MO C20 C21  doub Y N 22  
1MO C23 C22  doub Y N 23  
1MO C21 C22  sing Y N 24  
1MO C22 CL2  sing N N 25  
1MO C5  C6   doub Y N 26  
1MO C5  C4   sing Y N 27  
1MO C6  C3   sing Y N 28  
1MO C4  C1   doub Y N 29  
1MO C3  C2   doub Y N 30  
1MO C1  C2   sing Y N 31  
1MO C1  CL1  sing N N 32  
1MO C3  H1   sing N N 33  
1MO C2  H2   sing N N 34  
1MO C4  H3   sing N N 35  
1MO C5  H4   sing N N 36  
1MO C7  H5   sing N N 37  
1MO C8  H6   sing N N 38  
1MO C8  H7   sing N N 39  
1MO C8  H8   sing N N 40  
1MO C10 H9   sing N N 41  
1MO C11 H10  sing N N 42  
1MO C11 H11  sing N N 43  
1MO C13 H12  sing N N 44  
1MO C14 H13  sing N N 45  
1MO C15 H14  sing N N 46  
1MO C16 H15  sing N N 47  
1MO C17 H16  sing N N 48  
1MO C18 H17  sing N N 49  
1MO C20 H18  sing N N 50  
1MO C21 H19  sing N N 51  
1MO C23 H20  sing N N 52  
1MO C24 H21  sing N N 53  
ALA N   CA   sing N N 54  
ALA N   H    sing N N 55  
ALA N   H2   sing N N 56  
ALA CA  C    sing N N 57  
ALA CA  CB   sing N N 58  
ALA CA  HA   sing N N 59  
ALA C   O    doub N N 60  
ALA C   OXT  sing N N 61  
ALA CB  HB1  sing N N 62  
ALA CB  HB2  sing N N 63  
ALA CB  HB3  sing N N 64  
ALA OXT HXT  sing N N 65  
ARG N   CA   sing N N 66  
ARG N   H    sing N N 67  
ARG N   H2   sing N N 68  
ARG CA  C    sing N N 69  
ARG CA  CB   sing N N 70  
ARG CA  HA   sing N N 71  
ARG C   O    doub N N 72  
ARG C   OXT  sing N N 73  
ARG CB  CG   sing N N 74  
ARG CB  HB2  sing N N 75  
ARG CB  HB3  sing N N 76  
ARG CG  CD   sing N N 77  
ARG CG  HG2  sing N N 78  
ARG CG  HG3  sing N N 79  
ARG CD  NE   sing N N 80  
ARG CD  HD2  sing N N 81  
ARG CD  HD3  sing N N 82  
ARG NE  CZ   sing N N 83  
ARG NE  HE   sing N N 84  
ARG CZ  NH1  sing N N 85  
ARG CZ  NH2  doub N N 86  
ARG NH1 HH11 sing N N 87  
ARG NH1 HH12 sing N N 88  
ARG NH2 HH21 sing N N 89  
ARG NH2 HH22 sing N N 90  
ARG OXT HXT  sing N N 91  
ASN N   CA   sing N N 92  
ASN N   H    sing N N 93  
ASN N   H2   sing N N 94  
ASN CA  C    sing N N 95  
ASN CA  CB   sing N N 96  
ASN CA  HA   sing N N 97  
ASN C   O    doub N N 98  
ASN C   OXT  sing N N 99  
ASN CB  CG   sing N N 100 
ASN CB  HB2  sing N N 101 
ASN CB  HB3  sing N N 102 
ASN CG  OD1  doub N N 103 
ASN CG  ND2  sing N N 104 
ASN ND2 HD21 sing N N 105 
ASN ND2 HD22 sing N N 106 
ASN OXT HXT  sing N N 107 
ASP N   CA   sing N N 108 
ASP N   H    sing N N 109 
ASP N   H2   sing N N 110 
ASP CA  C    sing N N 111 
ASP CA  CB   sing N N 112 
ASP CA  HA   sing N N 113 
ASP C   O    doub N N 114 
ASP C   OXT  sing N N 115 
ASP CB  CG   sing N N 116 
ASP CB  HB2  sing N N 117 
ASP CB  HB3  sing N N 118 
ASP CG  OD1  doub N N 119 
ASP CG  OD2  sing N N 120 
ASP OD2 HD2  sing N N 121 
ASP OXT HXT  sing N N 122 
CYS N   CA   sing N N 123 
CYS N   H    sing N N 124 
CYS N   H2   sing N N 125 
CYS CA  C    sing N N 126 
CYS CA  CB   sing N N 127 
CYS CA  HA   sing N N 128 
CYS C   O    doub N N 129 
CYS C   OXT  sing N N 130 
CYS CB  SG   sing N N 131 
CYS CB  HB2  sing N N 132 
CYS CB  HB3  sing N N 133 
CYS SG  HG   sing N N 134 
CYS OXT HXT  sing N N 135 
GLN N   CA   sing N N 136 
GLN N   H    sing N N 137 
GLN N   H2   sing N N 138 
GLN CA  C    sing N N 139 
GLN CA  CB   sing N N 140 
GLN CA  HA   sing N N 141 
GLN C   O    doub N N 142 
GLN C   OXT  sing N N 143 
GLN CB  CG   sing N N 144 
GLN CB  HB2  sing N N 145 
GLN CB  HB3  sing N N 146 
GLN CG  CD   sing N N 147 
GLN CG  HG2  sing N N 148 
GLN CG  HG3  sing N N 149 
GLN CD  OE1  doub N N 150 
GLN CD  NE2  sing N N 151 
GLN NE2 HE21 sing N N 152 
GLN NE2 HE22 sing N N 153 
GLN OXT HXT  sing N N 154 
GLU N   CA   sing N N 155 
GLU N   H    sing N N 156 
GLU N   H2   sing N N 157 
GLU CA  C    sing N N 158 
GLU CA  CB   sing N N 159 
GLU CA  HA   sing N N 160 
GLU C   O    doub N N 161 
GLU C   OXT  sing N N 162 
GLU CB  CG   sing N N 163 
GLU CB  HB2  sing N N 164 
GLU CB  HB3  sing N N 165 
GLU CG  CD   sing N N 166 
GLU CG  HG2  sing N N 167 
GLU CG  HG3  sing N N 168 
GLU CD  OE1  doub N N 169 
GLU CD  OE2  sing N N 170 
GLU OE2 HE2  sing N N 171 
GLU OXT HXT  sing N N 172 
GLY N   CA   sing N N 173 
GLY N   H    sing N N 174 
GLY N   H2   sing N N 175 
GLY CA  C    sing N N 176 
GLY CA  HA2  sing N N 177 
GLY CA  HA3  sing N N 178 
GLY C   O    doub N N 179 
GLY C   OXT  sing N N 180 
GLY OXT HXT  sing N N 181 
HIS N   CA   sing N N 182 
HIS N   H    sing N N 183 
HIS N   H2   sing N N 184 
HIS CA  C    sing N N 185 
HIS CA  CB   sing N N 186 
HIS CA  HA   sing N N 187 
HIS C   O    doub N N 188 
HIS C   OXT  sing N N 189 
HIS CB  CG   sing N N 190 
HIS CB  HB2  sing N N 191 
HIS CB  HB3  sing N N 192 
HIS CG  ND1  sing Y N 193 
HIS CG  CD2  doub Y N 194 
HIS ND1 CE1  doub Y N 195 
HIS ND1 HD1  sing N N 196 
HIS CD2 NE2  sing Y N 197 
HIS CD2 HD2  sing N N 198 
HIS CE1 NE2  sing Y N 199 
HIS CE1 HE1  sing N N 200 
HIS NE2 HE2  sing N N 201 
HIS OXT HXT  sing N N 202 
HOH O   H1   sing N N 203 
HOH O   H2   sing N N 204 
ILE N   CA   sing N N 205 
ILE N   H    sing N N 206 
ILE N   H2   sing N N 207 
ILE CA  C    sing N N 208 
ILE CA  CB   sing N N 209 
ILE CA  HA   sing N N 210 
ILE C   O    doub N N 211 
ILE C   OXT  sing N N 212 
ILE CB  CG1  sing N N 213 
ILE CB  CG2  sing N N 214 
ILE CB  HB   sing N N 215 
ILE CG1 CD1  sing N N 216 
ILE CG1 HG12 sing N N 217 
ILE CG1 HG13 sing N N 218 
ILE CG2 HG21 sing N N 219 
ILE CG2 HG22 sing N N 220 
ILE CG2 HG23 sing N N 221 
ILE CD1 HD11 sing N N 222 
ILE CD1 HD12 sing N N 223 
ILE CD1 HD13 sing N N 224 
ILE OXT HXT  sing N N 225 
LEU N   CA   sing N N 226 
LEU N   H    sing N N 227 
LEU N   H2   sing N N 228 
LEU CA  C    sing N N 229 
LEU CA  CB   sing N N 230 
LEU CA  HA   sing N N 231 
LEU C   O    doub N N 232 
LEU C   OXT  sing N N 233 
LEU CB  CG   sing N N 234 
LEU CB  HB2  sing N N 235 
LEU CB  HB3  sing N N 236 
LEU CG  CD1  sing N N 237 
LEU CG  CD2  sing N N 238 
LEU CG  HG   sing N N 239 
LEU CD1 HD11 sing N N 240 
LEU CD1 HD12 sing N N 241 
LEU CD1 HD13 sing N N 242 
LEU CD2 HD21 sing N N 243 
LEU CD2 HD22 sing N N 244 
LEU CD2 HD23 sing N N 245 
LEU OXT HXT  sing N N 246 
LYS N   CA   sing N N 247 
LYS N   H    sing N N 248 
LYS N   H2   sing N N 249 
LYS CA  C    sing N N 250 
LYS CA  CB   sing N N 251 
LYS CA  HA   sing N N 252 
LYS C   O    doub N N 253 
LYS C   OXT  sing N N 254 
LYS CB  CG   sing N N 255 
LYS CB  HB2  sing N N 256 
LYS CB  HB3  sing N N 257 
LYS CG  CD   sing N N 258 
LYS CG  HG2  sing N N 259 
LYS CG  HG3  sing N N 260 
LYS CD  CE   sing N N 261 
LYS CD  HD2  sing N N 262 
LYS CD  HD3  sing N N 263 
LYS CE  NZ   sing N N 264 
LYS CE  HE2  sing N N 265 
LYS CE  HE3  sing N N 266 
LYS NZ  HZ1  sing N N 267 
LYS NZ  HZ2  sing N N 268 
LYS NZ  HZ3  sing N N 269 
LYS OXT HXT  sing N N 270 
MET N   CA   sing N N 271 
MET N   H    sing N N 272 
MET N   H2   sing N N 273 
MET CA  C    sing N N 274 
MET CA  CB   sing N N 275 
MET CA  HA   sing N N 276 
MET C   O    doub N N 277 
MET C   OXT  sing N N 278 
MET CB  CG   sing N N 279 
MET CB  HB2  sing N N 280 
MET CB  HB3  sing N N 281 
MET CG  SD   sing N N 282 
MET CG  HG2  sing N N 283 
MET CG  HG3  sing N N 284 
MET SD  CE   sing N N 285 
MET CE  HE1  sing N N 286 
MET CE  HE2  sing N N 287 
MET CE  HE3  sing N N 288 
MET OXT HXT  sing N N 289 
PHE N   CA   sing N N 290 
PHE N   H    sing N N 291 
PHE N   H2   sing N N 292 
PHE CA  C    sing N N 293 
PHE CA  CB   sing N N 294 
PHE CA  HA   sing N N 295 
PHE C   O    doub N N 296 
PHE C   OXT  sing N N 297 
PHE CB  CG   sing N N 298 
PHE CB  HB2  sing N N 299 
PHE CB  HB3  sing N N 300 
PHE CG  CD1  doub Y N 301 
PHE CG  CD2  sing Y N 302 
PHE CD1 CE1  sing Y N 303 
PHE CD1 HD1  sing N N 304 
PHE CD2 CE2  doub Y N 305 
PHE CD2 HD2  sing N N 306 
PHE CE1 CZ   doub Y N 307 
PHE CE1 HE1  sing N N 308 
PHE CE2 CZ   sing Y N 309 
PHE CE2 HE2  sing N N 310 
PHE CZ  HZ   sing N N 311 
PHE OXT HXT  sing N N 312 
PRO N   CA   sing N N 313 
PRO N   CD   sing N N 314 
PRO N   H    sing N N 315 
PRO CA  C    sing N N 316 
PRO CA  CB   sing N N 317 
PRO CA  HA   sing N N 318 
PRO C   O    doub N N 319 
PRO C   OXT  sing N N 320 
PRO CB  CG   sing N N 321 
PRO CB  HB2  sing N N 322 
PRO CB  HB3  sing N N 323 
PRO CG  CD   sing N N 324 
PRO CG  HG2  sing N N 325 
PRO CG  HG3  sing N N 326 
PRO CD  HD2  sing N N 327 
PRO CD  HD3  sing N N 328 
PRO OXT HXT  sing N N 329 
SER N   CA   sing N N 330 
SER N   H    sing N N 331 
SER N   H2   sing N N 332 
SER CA  C    sing N N 333 
SER CA  CB   sing N N 334 
SER CA  HA   sing N N 335 
SER C   O    doub N N 336 
SER C   OXT  sing N N 337 
SER CB  OG   sing N N 338 
SER CB  HB2  sing N N 339 
SER CB  HB3  sing N N 340 
SER OG  HG   sing N N 341 
SER OXT HXT  sing N N 342 
SO4 S   O1   doub N N 343 
SO4 S   O2   doub N N 344 
SO4 S   O3   sing N N 345 
SO4 S   O4   sing N N 346 
THR N   CA   sing N N 347 
THR N   H    sing N N 348 
THR N   H2   sing N N 349 
THR CA  C    sing N N 350 
THR CA  CB   sing N N 351 
THR CA  HA   sing N N 352 
THR C   O    doub N N 353 
THR C   OXT  sing N N 354 
THR CB  OG1  sing N N 355 
THR CB  CG2  sing N N 356 
THR CB  HB   sing N N 357 
THR OG1 HG1  sing N N 358 
THR CG2 HG21 sing N N 359 
THR CG2 HG22 sing N N 360 
THR CG2 HG23 sing N N 361 
THR OXT HXT  sing N N 362 
TYR N   CA   sing N N 363 
TYR N   H    sing N N 364 
TYR N   H2   sing N N 365 
TYR CA  C    sing N N 366 
TYR CA  CB   sing N N 367 
TYR CA  HA   sing N N 368 
TYR C   O    doub N N 369 
TYR C   OXT  sing N N 370 
TYR CB  CG   sing N N 371 
TYR CB  HB2  sing N N 372 
TYR CB  HB3  sing N N 373 
TYR CG  CD1  doub Y N 374 
TYR CG  CD2  sing Y N 375 
TYR CD1 CE1  sing Y N 376 
TYR CD1 HD1  sing N N 377 
TYR CD2 CE2  doub Y N 378 
TYR CD2 HD2  sing N N 379 
TYR CE1 CZ   doub Y N 380 
TYR CE1 HE1  sing N N 381 
TYR CE2 CZ   sing Y N 382 
TYR CE2 HE2  sing N N 383 
TYR CZ  OH   sing N N 384 
TYR OH  HH   sing N N 385 
TYR OXT HXT  sing N N 386 
VAL N   CA   sing N N 387 
VAL N   H    sing N N 388 
VAL N   H2   sing N N 389 
VAL CA  C    sing N N 390 
VAL CA  CB   sing N N 391 
VAL CA  HA   sing N N 392 
VAL C   O    doub N N 393 
VAL C   OXT  sing N N 394 
VAL CB  CG1  sing N N 395 
VAL CB  CG2  sing N N 396 
VAL CB  HB   sing N N 397 
VAL CG1 HG11 sing N N 398 
VAL CG1 HG12 sing N N 399 
VAL CG1 HG13 sing N N 400 
VAL CG2 HG21 sing N N 401 
VAL CG2 HG22 sing N N 402 
VAL CG2 HG23 sing N N 403 
VAL OXT HXT  sing N N 404 
# 
_atom_sites.entry_id                    4JV9 
_atom_sites.fract_transf_matrix[1][1]   -0.00650996 
_atom_sites.fract_transf_matrix[1][2]   -0.01473605 
_atom_sites.fract_transf_matrix[1][3]   0.00443394 
_atom_sites.fract_transf_matrix[2][1]   0.01072965 
_atom_sites.fract_transf_matrix[2][2]   -0.00089543 
_atom_sites.fract_transf_matrix[2][3]   0.01277746 
_atom_sites.fract_transf_matrix[3][1]   -0.00877327 
_atom_sites.fract_transf_matrix[3][2]   0.00622374 
_atom_sites.fract_transf_matrix[3][3]   0.00780335 
_atom_sites.fract_transf_vector[1]      0.200462 
_atom_sites.fract_transf_vector[2]      -0.506944 
_atom_sites.fract_transf_vector[3]      0.033570 
# 
loop_
_atom_type.symbol 
C  
CL 
N  
O  
S  
# 
loop_
_atom_site.group_PDB 
_atom_site.id 
_atom_site.type_symbol 
_atom_site.label_atom_id 
_atom_site.label_alt_id 
_atom_site.label_comp_id 
_atom_site.label_asym_id 
_atom_site.label_entity_id 
_atom_site.label_seq_id 
_atom_site.pdbx_PDB_ins_code 
_atom_site.Cartn_x 
_atom_site.Cartn_y 
_atom_site.Cartn_z 
_atom_site.occupancy 
_atom_site.B_iso_or_equiv 
_atom_site.pdbx_formal_charge 
_atom_site.auth_seq_id 
_atom_site.auth_comp_id 
_atom_site.auth_asym_id 
_atom_site.auth_atom_id 
_atom_site.pdbx_PDB_model_num 
ATOM   1   N  N   . THR A 1 9  ? 13.919  6.815   8.438   1.00 37.99 ? 26  THR A N   1 
ATOM   2   C  CA  . THR A 1 9  ? 12.848  6.196   9.264   1.00 37.78 ? 26  THR A CA  1 
ATOM   3   C  C   . THR A 1 9  ? 12.566  4.791   8.764   1.00 34.68 ? 26  THR A C   1 
ATOM   4   O  O   . THR A 1 9  ? 12.012  4.606   7.677   1.00 36.26 ? 26  THR A O   1 
ATOM   5   C  CB  . THR A 1 9  ? 11.542  7.031   9.207   1.00 39.95 ? 26  THR A CB  1 
ATOM   6   O  OG1 . THR A 1 9  ? 11.840  8.385   9.582   1.00 43.56 ? 26  THR A OG1 1 
ATOM   7   C  CG2 . THR A 1 9  ? 10.492  6.472   10.169  1.00 41.81 ? 26  THR A CG2 1 
ATOM   8   N  N   . LEU A 1 10 ? 12.986  3.811   9.558   1.00 31.12 ? 27  LEU A N   1 
ATOM   9   C  CA  . LEU A 1 10 ? 12.774  2.410   9.248   1.00 29.33 ? 27  LEU A CA  1 
ATOM   10  C  C   . LEU A 1 10 ? 11.493  2.006   9.938   1.00 28.53 ? 27  LEU A C   1 
ATOM   11  O  O   . LEU A 1 10 ? 11.266  2.350   11.098  1.00 27.77 ? 27  LEU A O   1 
ATOM   12  C  CB  . LEU A 1 10 ? 13.915  1.541   9.777   1.00 29.12 ? 27  LEU A CB  1 
ATOM   13  C  CG  . LEU A 1 10 ? 15.313  1.768   9.207   1.00 29.55 ? 27  LEU A CG  1 
ATOM   14  C  CD1 . LEU A 1 10 ? 16.212  0.631   9.633   1.00 28.91 ? 27  LEU A CD1 1 
ATOM   15  C  CD2 . LEU A 1 10 ? 15.245  1.820   7.696   1.00 28.56 ? 27  LEU A CD2 1 
ATOM   16  N  N   . VAL A 1 11 ? 10.653  1.281   9.218   1.00 27.93 ? 28  VAL A N   1 
ATOM   17  C  CA  . VAL A 1 11 ? 9.398   0.834   9.773   1.00 27.11 ? 28  VAL A CA  1 
ATOM   18  C  C   . VAL A 1 11 ? 9.289   -0.667  9.620   1.00 26.24 ? 28  VAL A C   1 
ATOM   19  O  O   . VAL A 1 11 ? 10.007  -1.283  8.828   1.00 24.33 ? 28  VAL A O   1 
ATOM   20  C  CB  . VAL A 1 11 ? 8.194   1.527   9.076   1.00 27.59 ? 28  VAL A CB  1 
ATOM   21  C  CG1 . VAL A 1 11 ? 8.318   3.035   9.228   1.00 23.95 ? 28  VAL A CG1 1 
ATOM   22  C  CG2 . VAL A 1 11 ? 8.140   1.145   7.594   1.00 27.11 ? 28  VAL A CG2 1 
ATOM   23  N  N   . ARG A 1 12 ? 8.376   -1.229  10.400  1.00 27.22 ? 29  ARG A N   1 
ATOM   24  C  CA  . ARG A 1 12 ? 8.096   -2.655  10.445  1.00 27.26 ? 29  ARG A CA  1 
ATOM   25  C  C   . ARG A 1 12 ? 6.625   -2.848  10.112  1.00 27.06 ? 29  ARG A C   1 
ATOM   26  O  O   . ARG A 1 12 ? 5.753   -2.637  10.983  1.00 27.71 ? 29  ARG A O   1 
ATOM   27  C  CB  . ARG A 1 12 ? 8.338   -3.189  11.860  1.00 30.39 ? 29  ARG A CB  1 
ATOM   28  C  CG  . ARG A 1 12 ? 9.501   -4.092  12.038  1.00 35.46 ? 29  ARG A CG  1 
ATOM   29  C  CD  . ARG A 1 12 ? 9.267   -5.252  13.010  1.00 40.69 ? 29  ARG A CD  1 
ATOM   30  N  NE  . ARG A 1 12 ? 10.596  -5.844  13.052  1.00 44.86 ? 29  ARG A NE  1 
ATOM   31  C  CZ  . ARG A 1 12 ? 10.937  -6.981  12.506  1.00 46.77 ? 29  ARG A CZ  1 
ATOM   32  N  NH1 . ARG A 1 12 ? 10.058  -7.769  11.895  1.00 48.02 ? 29  ARG A NH1 1 
ATOM   33  N  NH2 . ARG A 1 12 ? 12.219  -7.286  12.359  1.00 48.85 ? 29  ARG A NH2 1 
ATOM   34  N  N   . PRO A 1 13 ? 6.308   -3.249  8.864   1.00 26.05 ? 30  PRO A N   1 
ATOM   35  C  CA  . PRO A 1 13 ? 4.934   -3.474  8.406   1.00 25.05 ? 30  PRO A CA  1 
ATOM   36  C  C   . PRO A 1 13 ? 4.212   -4.592  9.166   1.00 25.08 ? 30  PRO A C   1 
ATOM   37  O  O   . PRO A 1 13 ? 4.794   -5.636  9.445   1.00 25.67 ? 30  PRO A O   1 
ATOM   38  C  CB  . PRO A 1 13 ? 5.094   -3.821  6.929   1.00 24.40 ? 30  PRO A CB  1 
ATOM   39  C  CG  . PRO A 1 13 ? 6.395   -3.183  6.562   1.00 24.42 ? 30  PRO A CG  1 
ATOM   40  C  CD  . PRO A 1 13 ? 7.261   -3.446  7.743   1.00 25.46 ? 30  PRO A CD  1 
ATOM   41  N  N   . LYS A 1 14 ? 2.949   -4.365  9.489   1.00 26.52 ? 31  LYS A N   1 
ATOM   42  C  CA  . LYS A 1 14 ? 2.149   -5.358  10.204  1.00 26.65 ? 31  LYS A CA  1 
ATOM   43  C  C   . LYS A 1 14 ? 1.852   -6.519  9.250   1.00 26.01 ? 31  LYS A C   1 
ATOM   44  O  O   . LYS A 1 14 ? 1.867   -6.341  8.037   1.00 25.87 ? 31  LYS A O   1 
ATOM   45  C  CB  . LYS A 1 14 ? 0.864   -4.697  10.703  1.00 27.98 ? 31  LYS A CB  1 
ATOM   46  C  CG  . LYS A 1 14 ? 1.140   -3.463  11.540  1.00 29.97 ? 31  LYS A CG  1 
ATOM   47  C  CD  . LYS A 1 14 ? 1.486   -3.829  12.968  1.00 34.14 ? 31  LYS A CD  1 
ATOM   48  C  CE  . LYS A 1 14 ? 0.248   -3.752  13.843  1.00 37.02 ? 31  LYS A CE  1 
ATOM   49  N  NZ  . LYS A 1 14 ? 0.559   -4.172  15.236  1.00 40.86 ? 31  LYS A NZ  1 
ATOM   50  N  N   . PRO A 1 15 ? 1.562   -7.715  9.788   1.00 24.52 ? 32  PRO A N   1 
ATOM   51  C  CA  . PRO A 1 15 ? 1.281   -8.898  8.964   1.00 23.53 ? 32  PRO A CA  1 
ATOM   52  C  C   . PRO A 1 15 ? 0.636   -8.684  7.588   1.00 22.55 ? 32  PRO A C   1 
ATOM   53  O  O   . PRO A 1 15 ? 1.207   -9.044  6.562   1.00 22.81 ? 32  PRO A O   1 
ATOM   54  C  CB  . PRO A 1 15 ? 0.409   -9.754  9.886   1.00 23.98 ? 32  PRO A CB  1 
ATOM   55  C  CG  . PRO A 1 15 ? 0.976   -9.451  11.227  1.00 22.52 ? 32  PRO A CG  1 
ATOM   56  C  CD  . PRO A 1 15 ? 1.138   -7.947  11.180  1.00 23.49 ? 32  PRO A CD  1 
ATOM   57  N  N   . LEU A 1 16 ? -0.552  -8.102  7.569   1.00 22.16 ? 33  LEU A N   1 
ATOM   58  C  CA  . LEU A 1 16 ? -1.275  -7.891  6.322   1.00 23.29 ? 33  LEU A CA  1 
ATOM   59  C  C   . LEU A 1 16 ? -0.553  -7.080  5.243   1.00 24.48 ? 33  LEU A C   1 
ATOM   60  O  O   . LEU A 1 16 ? -0.664  -7.393  4.064   1.00 26.52 ? 33  LEU A O   1 
ATOM   61  C  CB  . LEU A 1 16 ? -2.639  -7.265  6.626   1.00 24.41 ? 33  LEU A CB  1 
ATOM   62  C  CG  . LEU A 1 16 ? -3.867  -8.095  6.243   1.00 27.80 ? 33  LEU A CG  1 
ATOM   63  C  CD1 . LEU A 1 16 ? -3.631  -9.596  6.521   1.00 25.77 ? 33  LEU A CD1 1 
ATOM   64  C  CD2 . LEU A 1 16 ? -5.052  -7.574  7.034   1.00 26.64 ? 33  LEU A CD2 1 
ATOM   65  N  N   . LEU A 1 17 ? 0.158   -6.026  5.630   1.00 22.88 ? 34  LEU A N   1 
ATOM   66  C  CA  . LEU A 1 17 ? 0.884   -5.208  4.666   1.00 20.66 ? 34  LEU A CA  1 
ATOM   67  C  C   . LEU A 1 17 ? 2.126   -5.979  4.256   1.00 21.25 ? 34  LEU A C   1 
ATOM   68  O  O   . LEU A 1 17 ? 2.552   -5.920  3.109   1.00 23.23 ? 34  LEU A O   1 
ATOM   69  C  CB  . LEU A 1 17 ? 1.278   -3.864  5.291   1.00 20.58 ? 34  LEU A CB  1 
ATOM   70  C  CG  . LEU A 1 17 ? 2.126   -2.843  4.517   1.00 18.98 ? 34  LEU A CG  1 
ATOM   71  C  CD1 . LEU A 1 17 ? 1.494   -2.571  3.185   1.00 20.13 ? 34  LEU A CD1 1 
ATOM   72  C  CD2 . LEU A 1 17 ? 2.237   -1.540  5.311   1.00 18.01 ? 34  LEU A CD2 1 
ATOM   73  N  N   . LEU A 1 18 ? 2.703   -6.716  5.195   1.00 21.38 ? 35  LEU A N   1 
ATOM   74  C  CA  . LEU A 1 18 ? 3.894   -7.487  4.896   1.00 21.55 ? 35  LEU A CA  1 
ATOM   75  C  C   . LEU A 1 18 ? 3.535   -8.498  3.817   1.00 23.04 ? 35  LEU A C   1 
ATOM   76  O  O   . LEU A 1 18 ? 4.277   -8.698  2.856   1.00 24.65 ? 35  LEU A O   1 
ATOM   77  C  CB  . LEU A 1 18 ? 4.398   -8.191  6.152   1.00 19.57 ? 35  LEU A CB  1 
ATOM   78  C  CG  . LEU A 1 18 ? 5.827   -8.726  6.033   1.00 19.57 ? 35  LEU A CG  1 
ATOM   79  C  CD1 . LEU A 1 18 ? 6.781   -7.586  5.730   1.00 18.79 ? 35  LEU A CD1 1 
ATOM   80  C  CD2 . LEU A 1 18 ? 6.220   -9.426  7.309   1.00 18.16 ? 35  LEU A CD2 1 
ATOM   81  N  N   . LYS A 1 19 ? 2.376   -9.124  3.983   1.00 25.37 ? 36  LYS A N   1 
ATOM   82  C  CA  . LYS A 1 19 ? 1.894   -10.090 3.011   1.00 26.66 ? 36  LYS A CA  1 
ATOM   83  C  C   . LYS A 1 19 ? 1.771   -9.395  1.637   1.00 26.94 ? 36  LYS A C   1 
ATOM   84  O  O   . LYS A 1 19 ? 2.204   -9.958  0.656   1.00 26.87 ? 36  LYS A O   1 
ATOM   85  C  CB  . LYS A 1 19 ? 0.523   -10.630 3.412   1.00 29.41 ? 36  LYS A CB  1 
ATOM   86  C  CG  . LYS A 1 19 ? 0.160   -11.943 2.791   1.00 33.79 ? 36  LYS A CG  1 
ATOM   87  C  CD  . LYS A 1 19 ? -1.350  -12.135 2.742   1.00 35.57 ? 36  LYS A CD  1 
ATOM   88  C  CE  . LYS A 1 19 ? -1.692  -13.481 2.122   1.00 39.29 ? 36  LYS A CE  1 
ATOM   89  N  NZ  . LYS A 1 19 ? -3.169  -13.573 1.865   1.00 42.78 ? 36  LYS A NZ  1 
ATOM   90  N  N   . LEU A 1 20 ? 1.200   -8.188  1.554   1.00 26.45 ? 37  LEU A N   1 
ATOM   91  C  CA  . LEU A 1 20 ? 1.084   -7.552  0.243   1.00 26.98 ? 37  LEU A CA  1 
ATOM   92  C  C   . LEU A 1 20 ? 2.411   -7.190  -0.341  1.00 27.28 ? 37  LEU A C   1 
ATOM   93  O  O   . LEU A 1 20 ? 2.593   -7.320  -1.538  1.00 27.37 ? 37  LEU A O   1 
ATOM   94  C  CB  . LEU A 1 20 ? 0.225   -6.277  0.230   1.00 27.52 ? 37  LEU A CB  1 
ATOM   95  C  CG  . LEU A 1 20 ? 0.573   -4.838  -0.256  1.00 28.19 ? 37  LEU A CG  1 
ATOM   96  C  CD1 . LEU A 1 20 ? 1.252   -4.593  -1.670  1.00 29.29 ? 37  LEU A CD1 1 
ATOM   97  C  CD2 . LEU A 1 20 ? -0.740  -4.185  -0.291  1.00 27.05 ? 37  LEU A CD2 1 
ATOM   98  N  N   . LEU A 1 21 ? 3.325   -6.669  0.467   1.00 26.58 ? 38  LEU A N   1 
ATOM   99  C  CA  . LEU A 1 21 ? 4.617   -6.275  -0.062  1.00 25.84 ? 38  LEU A CA  1 
ATOM   100 C  C   . LEU A 1 21 ? 5.353   -7.490  -0.614  1.00 26.27 ? 38  LEU A C   1 
ATOM   101 O  O   . LEU A 1 21 ? 5.894   -7.460  -1.721  1.00 28.22 ? 38  LEU A O   1 
ATOM   102 C  CB  . LEU A 1 21 ? 5.496   -5.624  1.010   1.00 25.31 ? 38  LEU A CB  1 
ATOM   103 C  CG  . LEU A 1 21 ? 5.023   -4.447  1.862   1.00 24.45 ? 38  LEU A CG  1 
ATOM   104 C  CD1 . LEU A 1 21 ? 6.121   -4.143  2.877   1.00 25.01 ? 38  LEU A CD1 1 
ATOM   105 C  CD2 . LEU A 1 21 ? 4.727   -3.224  1.022   1.00 22.08 ? 38  LEU A CD2 1 
ATOM   106 N  N   . LYS A 1 22 ? 5.384   -8.563  0.161   1.00 25.35 ? 39  LYS A N   1 
ATOM   107 C  CA  . LYS A 1 22 ? 6.076   -9.773  -0.262  1.00 25.47 ? 39  LYS A CA  1 
ATOM   108 C  C   . LYS A 1 22 ? 5.442   -10.433 -1.488  1.00 25.51 ? 39  LYS A C   1 
ATOM   109 O  O   . LYS A 1 22 ? 6.109   -11.176 -2.207  1.00 25.77 ? 39  LYS A O   1 
ATOM   110 C  CB  . LYS A 1 22 ? 6.154   -10.773 0.898   1.00 23.95 ? 39  LYS A CB  1 
ATOM   111 C  CG  . LYS A 1 22 ? 7.131   -10.363 1.995   1.00 24.24 ? 39  LYS A CG  1 
ATOM   112 C  CD  . LYS A 1 22 ? 7.389   -11.499 2.964   1.00 22.69 ? 39  LYS A CD  1 
ATOM   113 C  CE  . LYS A 1 22 ? 8.436   -11.115 3.996   1.00 26.88 ? 39  LYS A CE  1 
ATOM   114 N  NZ  . LYS A 1 22 ? 8.751   -12.250 4.903   1.00 28.54 ? 39  LYS A NZ  1 
ATOM   115 N  N   . SER A 1 23 ? 4.163   -10.162 -1.731  1.00 26.36 ? 40  SER A N   1 
ATOM   116 C  CA  . SER A 1 23 ? 3.483   -10.748 -2.878  1.00 26.19 ? 40  SER A CA  1 
ATOM   117 C  C   . SER A 1 23 ? 3.983   -10.135 -4.181  1.00 26.18 ? 40  SER A C   1 
ATOM   118 O  O   . SER A 1 23 ? 3.655   -10.613 -5.258  1.00 28.21 ? 40  SER A O   1 
ATOM   119 C  CB  . SER A 1 23 ? 1.970   -10.569 -2.769  1.00 26.24 ? 40  SER A CB  1 
ATOM   120 O  OG  . SER A 1 23 ? 1.600   -9.206  -2.834  1.00 28.02 ? 40  SER A OG  1 
ATOM   121 N  N   . VAL A 1 24 ? 4.767   -9.070  -4.085  1.00 25.39 ? 41  VAL A N   1 
ATOM   122 C  CA  . VAL A 1 24 ? 5.332   -8.456  -5.276  1.00 25.91 ? 41  VAL A CA  1 
ATOM   123 C  C   . VAL A 1 24 ? 6.857   -8.435  -5.211  1.00 27.83 ? 41  VAL A C   1 
ATOM   124 O  O   . VAL A 1 24 ? 7.501   -7.562  -5.783  1.00 29.54 ? 41  VAL A O   1 
ATOM   125 C  CB  . VAL A 1 24 ? 4.793   -7.020  -5.511  1.00 25.04 ? 41  VAL A CB  1 
ATOM   126 C  CG1 . VAL A 1 24 ? 3.370   -7.100  -6.073  1.00 24.83 ? 41  VAL A CG1 1 
ATOM   127 C  CG2 . VAL A 1 24 ? 4.818   -6.218  -4.201  1.00 22.79 ? 41  VAL A CG2 1 
ATOM   128 N  N   . GLY A 1 25 ? 7.427   -9.401  -4.495  1.00 29.10 ? 42  GLY A N   1 
ATOM   129 C  CA  . GLY A 1 25 ? 8.870   -9.505  -4.408  1.00 30.56 ? 42  GLY A CA  1 
ATOM   130 C  C   . GLY A 1 25 ? 9.610   -8.988  -3.196  1.00 32.76 ? 42  GLY A C   1 
ATOM   131 O  O   . GLY A 1 25 ? 10.821  -9.184  -3.122  1.00 33.67 ? 42  GLY A O   1 
ATOM   132 N  N   . ALA A 1 26 ? 8.928   -8.330  -2.258  1.00 34.77 ? 43  ALA A N   1 
ATOM   133 C  CA  . ALA A 1 26 ? 9.615   -7.814  -1.072  1.00 36.48 ? 43  ALA A CA  1 
ATOM   134 C  C   . ALA A 1 26 ? 10.165  -8.985  -0.264  1.00 37.95 ? 43  ALA A C   1 
ATOM   135 O  O   . ALA A 1 26 ? 9.557   -10.059 -0.227  1.00 37.91 ? 43  ALA A O   1 
ATOM   136 C  CB  . ALA A 1 26 ? 8.668   -6.989  -0.227  1.00 37.67 ? 43  ALA A CB  1 
ATOM   137 N  N   . GLN A 1 27 ? 11.309  -8.784  0.383   1.00 39.32 ? 44  GLN A N   1 
ATOM   138 C  CA  . GLN A 1 27 ? 11.929  -9.861  1.156   1.00 41.50 ? 44  GLN A CA  1 
ATOM   139 C  C   . GLN A 1 27 ? 12.255  -9.604  2.629   1.00 41.00 ? 44  GLN A C   1 
ATOM   140 O  O   . GLN A 1 27 ? 12.427  -10.552 3.403   1.00 40.93 ? 44  GLN A O   1 
ATOM   141 C  CB  . GLN A 1 27 ? 13.210  -10.307 0.452   1.00 44.69 ? 44  GLN A CB  1 
ATOM   142 C  CG  . GLN A 1 27 ? 12.985  -10.795 -0.971  1.00 48.06 ? 44  GLN A CG  1 
ATOM   143 C  CD  . GLN A 1 27 ? 13.661  -12.122 -1.222  1.00 50.85 ? 44  GLN A CD  1 
ATOM   144 O  OE1 . GLN A 1 27 ? 14.888  -12.199 -1.358  1.00 52.81 ? 44  GLN A OE1 1 
ATOM   145 N  NE2 . GLN A 1 27 ? 12.864  -13.188 -1.266  1.00 52.51 ? 44  GLN A NE2 1 
ATOM   146 N  N   . LYS A 1 28 ? 12.334  -8.339  3.023   1.00 40.63 ? 45  LYS A N   1 
ATOM   147 C  CA  . LYS A 1 28 ? 12.681  -8.015  4.398   1.00 40.21 ? 45  LYS A CA  1 
ATOM   148 C  C   . LYS A 1 28 ? 11.499  -7.809  5.314   1.00 40.28 ? 45  LYS A C   1 
ATOM   149 O  O   . LYS A 1 28 ? 10.346  -7.829  4.895   1.00 40.90 ? 45  LYS A O   1 
ATOM   150 C  CB  . LYS A 1 28 ? 13.555  -6.761  4.441   1.00 41.39 ? 45  LYS A CB  1 
ATOM   151 C  CG  . LYS A 1 28 ? 13.961  -6.201  3.077   1.00 41.25 ? 45  LYS A CG  1 
ATOM   152 C  CD  . LYS A 1 28 ? 14.522  -4.791  3.250   1.00 43.51 ? 45  LYS A CD  1 
ATOM   153 C  CE  . LYS A 1 28 ? 14.733  -4.090  1.921   1.00 44.26 ? 45  LYS A CE  1 
ATOM   154 N  NZ  . LYS A 1 28 ? 15.312  -2.737  2.132   1.00 46.19 ? 45  LYS A NZ  1 
ATOM   155 N  N   . ASP A 1 29 ? 11.806  -7.620  6.591   1.00 41.14 ? 46  ASP A N   1 
ATOM   156 C  CA  . ASP A 1 29 ? 10.790  -7.366  7.592   1.00 40.79 ? 46  ASP A CA  1 
ATOM   157 C  C   . ASP A 1 29 ? 10.831  -5.882  7.925   1.00 38.70 ? 46  ASP A C   1 
ATOM   158 O  O   . ASP A 1 29 ? 9.839   -5.303  8.382   1.00 38.27 ? 46  ASP A O   1 
ATOM   159 C  CB  . ASP A 1 29 ? 11.053  -8.191  8.847   1.00 45.56 ? 46  ASP A CB  1 
ATOM   160 C  CG  . ASP A 1 29 ? 10.280  -9.477  8.851   1.00 51.01 ? 46  ASP A CG  1 
ATOM   161 O  OD1 . ASP A 1 29 ? 9.511   -9.669  7.876   1.00 54.97 ? 46  ASP A OD1 1 
ATOM   162 O  OD2 . ASP A 1 29 ? 10.434  -10.269 9.809   1.00 54.33 ? 46  ASP A OD2 1 
ATOM   163 N  N   . THR A 1 30 ? 11.979  -5.269  7.655   1.00 35.45 ? 47  THR A N   1 
ATOM   164 C  CA  . THR A 1 30 ? 12.160  -3.856  7.929   1.00 33.82 ? 47  THR A CA  1 
ATOM   165 C  C   . THR A 1 30 ? 12.412  -3.099  6.635   1.00 31.77 ? 47  THR A C   1 
ATOM   166 O  O   . THR A 1 30 ? 13.113  -3.581  5.757   1.00 33.56 ? 47  THR A O   1 
ATOM   167 C  CB  . THR A 1 30 ? 13.314  -3.648  8.910   1.00 33.65 ? 47  THR A CB  1 
ATOM   168 O  OG1 . THR A 1 30 ? 13.060  -4.420  10.093  1.00 34.49 ? 47  THR A OG1 1 
ATOM   169 C  CG2 . THR A 1 30 ? 13.419  -2.193  9.298   1.00 34.94 ? 47  THR A CG2 1 
ATOM   170 N  N   . TYR A 1 31 ? 11.829  -1.911  6.521   1.00 29.00 ? 48  TYR A N   1 
ATOM   171 C  CA  . TYR A 1 31 ? 11.951  -1.101  5.312   1.00 26.95 ? 48  TYR A CA  1 
ATOM   172 C  C   . TYR A 1 31 ? 11.969  0.405   5.604   1.00 26.91 ? 48  TYR A C   1 
ATOM   173 O  O   . TYR A 1 31 ? 11.683  0.844   6.722   1.00 27.41 ? 48  TYR A O   1 
ATOM   174 C  CB  . TYR A 1 31 ? 10.741  -1.338  4.381   1.00 26.18 ? 48  TYR A CB  1 
ATOM   175 C  CG  . TYR A 1 31 ? 10.409  -2.760  3.986   1.00 22.00 ? 48  TYR A CG  1 
ATOM   176 C  CD1 . TYR A 1 31 ? 9.825   -3.645  4.883   1.00 23.09 ? 48  TYR A CD1 1 
ATOM   177 C  CD2 . TYR A 1 31 ? 10.658  -3.212  2.695   1.00 23.34 ? 48  TYR A CD2 1 
ATOM   178 C  CE1 . TYR A 1 31 ? 9.498   -4.957  4.497   1.00 23.98 ? 48  TYR A CE1 1 
ATOM   179 C  CE2 . TYR A 1 31 ? 10.340  -4.510  2.306   1.00 24.02 ? 48  TYR A CE2 1 
ATOM   180 C  CZ  . TYR A 1 31 ? 9.763   -5.374  3.206   1.00 23.59 ? 48  TYR A CZ  1 
ATOM   181 O  OH  . TYR A 1 31 ? 9.470   -6.658  2.807   1.00 26.29 ? 48  TYR A OH  1 
ATOM   182 N  N   . THR A 1 32 ? 12.294  1.192   4.578   1.00 25.64 ? 49  THR A N   1 
ATOM   183 C  CA  . THR A 1 32 ? 12.243  2.646   4.698   1.00 26.42 ? 49  THR A CA  1 
ATOM   184 C  C   . THR A 1 32 ? 10.894  2.926   4.051   1.00 26.48 ? 49  THR A C   1 
ATOM   185 O  O   . THR A 1 32 ? 10.369  2.068   3.340   1.00 28.29 ? 49  THR A O   1 
ATOM   186 C  CB  . THR A 1 32 ? 13.308  3.379   3.856   1.00 26.56 ? 49  THR A CB  1 
ATOM   187 O  OG1 . THR A 1 32 ? 13.071  3.128   2.466   1.00 29.04 ? 49  THR A OG1 1 
ATOM   188 C  CG2 . THR A 1 32 ? 14.700  2.930   4.229   1.00 25.69 ? 49  THR A CG2 1 
ATOM   189 N  N   . MET A 1 33 ? 10.327  4.102   4.282   1.00 25.53 ? 50  MET A N   1 
ATOM   190 C  CA  . MET A 1 33 ? 9.035   4.423   3.693   1.00 25.95 ? 50  MET A CA  1 
ATOM   191 C  C   . MET A 1 33 ? 9.064   4.385   2.170   1.00 26.18 ? 50  MET A C   1 
ATOM   192 O  O   . MET A 1 33 ? 8.098   3.981   1.527   1.00 26.20 ? 50  MET A O   1 
ATOM   193 C  CB  . MET A 1 33 ? 8.565   5.800   4.152   1.00 26.78 ? 50  MET A CB  1 
ATOM   194 C  CG  . MET A 1 33 ? 7.926   5.805   5.525   1.00 31.24 ? 50  MET A CG  1 
ATOM   195 S  SD  . MET A 1 33 ? 6.558   4.646   5.638   1.00 35.08 ? 50  MET A SD  1 
ATOM   196 C  CE  . MET A 1 33 ? 5.366   5.334   4.577   1.00 28.84 ? 50  MET A CE  1 
ATOM   197 N  N   . LYS A 1 34 ? 10.173  4.810   1.587   1.00 26.96 ? 51  LYS A N   1 
ATOM   198 C  CA  . LYS A 1 34 ? 10.274  4.826   0.142   1.00 27.83 ? 51  LYS A CA  1 
ATOM   199 C  C   . LYS A 1 34 ? 10.166  3.422   -0.435  1.00 26.17 ? 51  LYS A C   1 
ATOM   200 O  O   . LYS A 1 34 ? 9.622   3.230   -1.521  1.00 25.03 ? 51  LYS A O   1 
ATOM   201 C  CB  . LYS A 1 34 ? 11.590  5.456   -0.290  1.00 30.59 ? 51  LYS A CB  1 
ATOM   202 C  CG  . LYS A 1 34 ? 11.742  5.525   -1.779  1.00 35.47 ? 51  LYS A CG  1 
ATOM   203 C  CD  . LYS A 1 34 ? 13.158  5.888   -2.155  1.00 40.81 ? 51  LYS A CD  1 
ATOM   204 C  CE  . LYS A 1 34 ? 13.271  6.113   -3.660  1.00 44.07 ? 51  LYS A CE  1 
ATOM   205 N  NZ  . LYS A 1 34 ? 14.698  6.214   -4.072  1.00 47.45 ? 51  LYS A NZ  1 
ATOM   206 N  N   . GLU A 1 35 ? 10.692  2.442   0.288   1.00 25.59 ? 52  GLU A N   1 
ATOM   207 C  CA  . GLU A 1 35 ? 10.624  1.068   -0.177  1.00 24.97 ? 52  GLU A CA  1 
ATOM   208 C  C   . GLU A 1 35 ? 9.196   0.544   -0.014  1.00 24.12 ? 52  GLU A C   1 
ATOM   209 O  O   . GLU A 1 35 ? 8.714   -0.225  -0.846  1.00 24.30 ? 52  GLU A O   1 
ATOM   210 C  CB  . GLU A 1 35 ? 11.594  0.184   0.607   1.00 26.59 ? 52  GLU A CB  1 
ATOM   211 C  CG  . GLU A 1 35 ? 13.035  0.633   0.565   1.00 28.95 ? 52  GLU A CG  1 
ATOM   212 C  CD  . GLU A 1 35 ? 13.966  -0.357  1.241   1.00 33.20 ? 52  GLU A CD  1 
ATOM   213 O  OE1 . GLU A 1 35 ? 13.767  -0.662  2.438   1.00 35.10 ? 52  GLU A OE1 1 
ATOM   214 O  OE2 . GLU A 1 35 ? 14.907  -0.838  0.575   1.00 36.82 ? 52  GLU A OE2 1 
ATOM   215 N  N   . VAL A 1 36 ? 8.519   0.959   1.054   1.00 22.17 ? 53  VAL A N   1 
ATOM   216 C  CA  . VAL A 1 36 ? 7.150   0.511   1.276   1.00 20.47 ? 53  VAL A CA  1 
ATOM   217 C  C   . VAL A 1 36 ? 6.303   0.984   0.106   1.00 20.34 ? 53  VAL A C   1 
ATOM   218 O  O   . VAL A 1 36 ? 5.618   0.194   -0.540  1.00 18.86 ? 53  VAL A O   1 
ATOM   219 C  CB  . VAL A 1 36 ? 6.554   1.080   2.593   1.00 21.15 ? 53  VAL A CB  1 
ATOM   220 C  CG1 . VAL A 1 36 ? 5.049   0.797   2.655   1.00 17.36 ? 53  VAL A CG1 1 
ATOM   221 C  CG2 . VAL A 1 36 ? 7.248   0.444   3.800   1.00 20.24 ? 53  VAL A CG2 1 
ATOM   222 N  N   . LEU A 1 37 ? 6.378   2.281   -0.167  1.00 19.19 ? 54  LEU A N   1 
ATOM   223 C  CA  . LEU A 1 37 ? 5.622   2.896   -1.241  1.00 19.24 ? 54  LEU A CA  1 
ATOM   224 C  C   . LEU A 1 37 ? 5.942   2.300   -2.594  1.00 19.62 ? 54  LEU A C   1 
ATOM   225 O  O   . LEU A 1 37 ? 5.060   2.154   -3.437  1.00 19.25 ? 54  LEU A O   1 
ATOM   226 C  CB  . LEU A 1 37 ? 5.885   4.397   -1.259  1.00 20.51 ? 54  LEU A CB  1 
ATOM   227 C  CG  . LEU A 1 37 ? 5.224   5.210   -0.145  1.00 20.81 ? 54  LEU A CG  1 
ATOM   228 C  CD1 . LEU A 1 37 ? 5.850   6.589   -0.104  1.00 20.32 ? 54  LEU A CD1 1 
ATOM   229 C  CD2 . LEU A 1 37 ? 3.726   5.295   -0.383  1.00 18.52 ? 54  LEU A CD2 1 
ATOM   230 N  N   . PHE A 1 38 ? 7.209   1.952   -2.797  1.00 20.21 ? 55  PHE A N   1 
ATOM   231 C  CA  . PHE A 1 38 ? 7.629   1.363   -4.054  1.00 20.19 ? 55  PHE A CA  1 
ATOM   232 C  C   . PHE A 1 38 ? 6.920   0.022   -4.284  1.00 20.13 ? 55  PHE A C   1 
ATOM   233 O  O   . PHE A 1 38 ? 6.373   -0.217  -5.358  1.00 20.77 ? 55  PHE A O   1 
ATOM   234 C  CB  . PHE A 1 38 ? 9.139   1.154   -4.069  1.00 18.48 ? 55  PHE A CB  1 
ATOM   235 C  CG  . PHE A 1 38 ? 9.654   0.625   -5.375  1.00 20.39 ? 55  PHE A CG  1 
ATOM   236 C  CD1 . PHE A 1 38 ? 10.109  1.490   -6.366  1.00 20.38 ? 55  PHE A CD1 1 
ATOM   237 C  CD2 . PHE A 1 38 ? 9.635   -0.742  -5.639  1.00 19.63 ? 55  PHE A CD2 1 
ATOM   238 C  CE1 . PHE A 1 38 ? 10.540  0.996   -7.599  1.00 20.06 ? 55  PHE A CE1 1 
ATOM   239 C  CE2 . PHE A 1 38 ? 10.060  -1.239  -6.862  1.00 19.73 ? 55  PHE A CE2 1 
ATOM   240 C  CZ  . PHE A 1 38 ? 10.511  -0.372  -7.845  1.00 19.24 ? 55  PHE A CZ  1 
ATOM   241 N  N   . TYR A 1 39 ? 6.940   -0.848  -3.275  1.00 19.84 ? 56  TYR A N   1 
ATOM   242 C  CA  . TYR A 1 39 ? 6.292   -2.158  -3.363  1.00 20.09 ? 56  TYR A CA  1 
ATOM   243 C  C   . TYR A 1 39 ? 4.789   -2.030  -3.334  1.00 18.93 ? 56  TYR A C   1 
ATOM   244 O  O   . TYR A 1 39 ? 4.086   -2.753  -4.033  1.00 19.31 ? 56  TYR A O   1 
ATOM   245 C  CB  . TYR A 1 39 ? 6.725   -3.064  -2.214  1.00 22.61 ? 56  TYR A CB  1 
ATOM   246 C  CG  . TYR A 1 39 ? 8.133   -3.570  -2.350  1.00 26.07 ? 56  TYR A CG  1 
ATOM   247 C  CD1 . TYR A 1 39 ? 8.523   -4.302  -3.475  1.00 26.55 ? 56  TYR A CD1 1 
ATOM   248 C  CD2 . TYR A 1 39 ? 9.086   -3.302  -1.366  1.00 26.99 ? 56  TYR A CD2 1 
ATOM   249 C  CE1 . TYR A 1 39 ? 9.830   -4.751  -3.618  1.00 29.25 ? 56  TYR A CE1 1 
ATOM   250 C  CE2 . TYR A 1 39 ? 10.398  -3.746  -1.497  1.00 29.30 ? 56  TYR A CE2 1 
ATOM   251 C  CZ  . TYR A 1 39 ? 10.762  -4.467  -2.626  1.00 30.79 ? 56  TYR A CZ  1 
ATOM   252 O  OH  . TYR A 1 39 ? 12.064  -4.890  -2.774  1.00 34.20 ? 56  TYR A OH  1 
ATOM   253 N  N   . LEU A 1 40 ? 4.295   -1.124  -2.502  1.00 18.88 ? 57  LEU A N   1 
ATOM   254 C  CA  . LEU A 1 40 ? 2.869   -0.900  -2.427  1.00 18.18 ? 57  LEU A CA  1 
ATOM   255 C  C   . LEU A 1 40 ? 2.405   -0.504  -3.830  1.00 17.99 ? 57  LEU A C   1 
ATOM   256 O  O   . LEU A 1 40 ? 1.414   -1.022  -4.343  1.00 17.31 ? 57  LEU A O   1 
ATOM   257 C  CB  . LEU A 1 40 ? 2.562   0.222   -1.441  1.00 20.56 ? 57  LEU A CB  1 
ATOM   258 C  CG  . LEU A 1 40 ? 1.092   0.607   -1.390  1.00 21.39 ? 57  LEU A CG  1 
ATOM   259 C  CD1 . LEU A 1 40 ? 0.269   -0.640  -1.099  1.00 23.51 ? 57  LEU A CD1 1 
ATOM   260 C  CD2 . LEU A 1 40 ? 0.869   1.680   -0.325  1.00 20.05 ? 57  LEU A CD2 1 
ATOM   261 N  N   . GLY A 1 41 ? 3.155   0.403   -4.450  1.00 16.65 ? 58  GLY A N   1 
ATOM   262 C  CA  . GLY A 1 41 ? 2.823   0.866   -5.784  1.00 17.75 ? 58  GLY A CA  1 
ATOM   263 C  C   . GLY A 1 41 ? 2.937   -0.180  -6.875  1.00 18.68 ? 58  GLY A C   1 
ATOM   264 O  O   . GLY A 1 41 ? 2.161   -0.156  -7.827  1.00 17.68 ? 58  GLY A O   1 
ATOM   265 N  N   . GLN A 1 42 ? 3.906   -1.085  -6.747  1.00 17.63 ? 59  GLN A N   1 
ATOM   266 C  CA  . GLN A 1 42 ? 4.092   -2.140  -7.731  1.00 18.80 ? 59  GLN A CA  1 
ATOM   267 C  C   . GLN A 1 42 ? 2.961   -3.147  -7.584  1.00 19.02 ? 59  GLN A C   1 
ATOM   268 O  O   . GLN A 1 42 ? 2.646   -3.888  -8.506  1.00 19.34 ? 59  GLN A O   1 
ATOM   269 C  CB  . GLN A 1 42 ? 5.433   -2.839  -7.526  1.00 17.68 ? 59  GLN A CB  1 
ATOM   270 C  CG  . GLN A 1 42 ? 5.690   -3.972  -8.494  1.00 19.40 ? 59  GLN A CG  1 
ATOM   271 C  CD  . GLN A 1 42 ? 7.018   -4.655  -8.250  1.00 22.59 ? 59  GLN A CD  1 
ATOM   272 O  OE1 . GLN A 1 42 ? 7.243   -5.772  -8.692  1.00 26.74 ? 59  GLN A OE1 1 
ATOM   273 N  NE2 . GLN A 1 42 ? 7.906   -3.985  -7.548  1.00 25.24 ? 59  GLN A NE2 1 
ATOM   274 N  N   . TYR A 1 43 ? 2.358   -3.175  -6.406  1.00 19.19 ? 60  TYR A N   1 
ATOM   275 C  CA  . TYR A 1 43 ? 1.249   -4.082  -6.140  1.00 19.43 ? 60  TYR A CA  1 
ATOM   276 C  C   . TYR A 1 43 ? -0.018  -3.587  -6.842  1.00 18.85 ? 60  TYR A C   1 
ATOM   277 O  O   . TYR A 1 43 ? -0.775  -4.374  -7.415  1.00 19.67 ? 60  TYR A O   1 
ATOM   278 C  CB  . TYR A 1 43 ? 0.998   -4.152  -4.645  1.00 17.21 ? 60  TYR A CB  1 
ATOM   279 C  CG  . TYR A 1 43 ? -0.227  -4.943  -4.268  1.00 17.52 ? 60  TYR A CG  1 
ATOM   280 C  CD1 . TYR A 1 43 ? -0.169  -6.329  -4.131  1.00 17.41 ? 60  TYR A CD1 1 
ATOM   281 C  CD2 . TYR A 1 43 ? -1.456  -4.306  -4.051  1.00 17.67 ? 60  TYR A CD2 1 
ATOM   282 C  CE1 . TYR A 1 43 ? -1.301  -7.063  -3.789  1.00 16.25 ? 60  TYR A CE1 1 
ATOM   283 C  CE2 . TYR A 1 43 ? -2.597  -5.037  -3.707  1.00 17.38 ? 60  TYR A CE2 1 
ATOM   284 C  CZ  . TYR A 1 43 ? -2.506  -6.412  -3.582  1.00 15.19 ? 60  TYR A CZ  1 
ATOM   285 O  OH  . TYR A 1 43 ? -3.621  -7.132  -3.275  1.00 17.10 ? 60  TYR A OH  1 
ATOM   286 N  N   . ILE A 1 44 ? -0.233  -2.274  -6.763  1.00 18.34 ? 61  ILE A N   1 
ATOM   287 C  CA  . ILE A 1 44 ? -1.375  -1.586  -7.361  1.00 15.86 ? 61  ILE A CA  1 
ATOM   288 C  C   . ILE A 1 44 ? -1.288  -1.681  -8.873  1.00 15.86 ? 61  ILE A C   1 
ATOM   289 O  O   . ILE A 1 44 ? -2.261  -1.992  -9.549  1.00 14.08 ? 61  ILE A O   1 
ATOM   290 C  CB  . ILE A 1 44 ? -1.352  -0.093  -6.979  1.00 15.39 ? 61  ILE A CB  1 
ATOM   291 C  CG1 . ILE A 1 44 ? -1.774  0.081   -5.525  1.00 15.84 ? 61  ILE A CG1 1 
ATOM   292 C  CG2 . ILE A 1 44 ? -2.206  0.709   -7.930  1.00 14.24 ? 61  ILE A CG2 1 
ATOM   293 C  CD1 . ILE A 1 44 ? -1.196  1.326   -4.873  1.00 14.72 ? 61  ILE A CD1 1 
ATOM   294 N  N   . MET A 1 45 ? -0.098  -1.387  -9.385  1.00 16.70 ? 62  MET A N   1 
ATOM   295 C  CA  . MET A 1 45 ? 0.175   -1.416  -10.813 1.00 17.52 ? 62  MET A CA  1 
ATOM   296 C  C   . MET A 1 45 ? 0.115   -2.833  -11.387 1.00 17.02 ? 62  MET A C   1 
ATOM   297 O  O   . MET A 1 45 ? -0.401  -3.032  -12.479 1.00 17.42 ? 62  MET A O   1 
ATOM   298 C  CB  . MET A 1 45 ? 1.544   -0.785  -11.106 1.00 18.05 ? 62  MET A CB  1 
ATOM   299 C  CG  . MET A 1 45 ? 1.632   0.716   -10.839 1.00 17.90 ? 62  MET A CG  1 
ATOM   300 S  SD  . MET A 1 45 ? 0.266   1.667   -11.525 1.00 19.67 ? 62  MET A SD  1 
ATOM   301 C  CE  . MET A 1 45 ? 0.463   1.509   -13.261 1.00 19.45 ? 62  MET A CE  1 
ATOM   302 N  N   . THR A 1 46 ? 0.633   -3.804  -10.640 1.00 16.85 ? 63  THR A N   1 
ATOM   303 C  CA  . THR A 1 46 ? 0.620   -5.205  -11.053 1.00 17.81 ? 63  THR A CA  1 
ATOM   304 C  C   . THR A 1 46 ? -0.811  -5.728  -11.117 1.00 18.32 ? 63  THR A C   1 
ATOM   305 O  O   . THR A 1 46 ? -1.188  -6.438  -12.049 1.00 18.91 ? 63  THR A O   1 
ATOM   306 C  CB  . THR A 1 46 ? 1.415   -6.115  -10.057 1.00 18.69 ? 63  THR A CB  1 
ATOM   307 O  OG1 . THR A 1 46 ? 2.799   -5.749  -10.066 1.00 17.89 ? 63  THR A OG1 1 
ATOM   308 C  CG2 . THR A 1 46 ? 1.297   -7.587  -10.449 1.00 17.60 ? 63  THR A CG2 1 
ATOM   309 N  N   . LYS A 1 47 ? -1.608  -5.395  -10.112 1.00 16.63 ? 64  LYS A N   1 
ATOM   310 C  CA  . LYS A 1 47 ? -2.977  -5.857  -10.101 1.00 17.75 ? 64  LYS A CA  1 
ATOM   311 C  C   . LYS A 1 47 ? -3.879  -4.983  -10.971 1.00 19.10 ? 64  LYS A C   1 
ATOM   312 O  O   . LYS A 1 47 ? -4.954  -5.421  -11.383 1.00 19.63 ? 64  LYS A O   1 
ATOM   313 C  CB  . LYS A 1 47 ? -3.502  -5.911  -8.668  1.00 18.04 ? 64  LYS A CB  1 
ATOM   314 C  CG  . LYS A 1 47 ? -2.794  -6.945  -7.813  1.00 19.53 ? 64  LYS A CG  1 
ATOM   315 C  CD  . LYS A 1 47 ? -3.612  -7.345  -6.587  1.00 20.36 ? 64  LYS A CD  1 
ATOM   316 C  CE  . LYS A 1 47 ? -4.862  -8.123  -6.975  1.00 19.67 ? 64  LYS A CE  1 
ATOM   317 N  NZ  . LYS A 1 47 ? -5.622  -8.583  -5.793  1.00 18.48 ? 64  LYS A NZ  1 
ATOM   318 N  N   . ARG A 1 48 ? -3.422  -3.769  -11.272 1.00 17.74 ? 65  ARG A N   1 
ATOM   319 C  CA  . ARG A 1 48 ? -4.193  -2.829  -12.065 1.00 18.23 ? 65  ARG A CA  1 
ATOM   320 C  C   . ARG A 1 48 ? -5.462  -2.468  -11.317 1.00 18.97 ? 65  ARG A C   1 
ATOM   321 O  O   . ARG A 1 48 ? -6.572  -2.635  -11.819 1.00 19.44 ? 65  ARG A O   1 
ATOM   322 C  CB  . ARG A 1 48 ? -4.521  -3.411  -13.439 1.00 18.50 ? 65  ARG A CB  1 
ATOM   323 C  CG  . ARG A 1 48 ? -3.350  -3.327  -14.400 1.00 22.08 ? 65  ARG A CG  1 
ATOM   324 C  CD  . ARG A 1 48 ? -3.731  -3.568  -15.849 1.00 23.56 ? 65  ARG A CD  1 
ATOM   325 N  NE  . ARG A 1 48 ? -2.548  -3.450  -16.689 1.00 25.03 ? 65  ARG A NE  1 
ATOM   326 C  CZ  . ARG A 1 48 ? -2.476  -2.726  -17.798 1.00 25.27 ? 65  ARG A CZ  1 
ATOM   327 N  NH1 . ARG A 1 48 ? -3.524  -2.045  -18.225 1.00 24.62 ? 65  ARG A NH1 1 
ATOM   328 N  NH2 . ARG A 1 48 ? -1.339  -2.663  -18.467 1.00 27.67 ? 65  ARG A NH2 1 
ATOM   329 N  N   . LEU A 1 49 ? -5.270  -1.970  -10.102 1.00 18.87 ? 66  LEU A N   1 
ATOM   330 C  CA  . LEU A 1 49 ? -6.366  -1.577  -9.238  1.00 19.52 ? 66  LEU A CA  1 
ATOM   331 C  C   . LEU A 1 49 ? -6.793  -0.158  -9.549  1.00 21.53 ? 66  LEU A C   1 
ATOM   332 O  O   . LEU A 1 49 ? -7.810  0.316   -9.038  1.00 24.32 ? 66  LEU A O   1 
ATOM   333 C  CB  . LEU A 1 49 ? -5.954  -1.714  -7.768  1.00 16.32 ? 66  LEU A CB  1 
ATOM   334 C  CG  . LEU A 1 49 ? -5.663  -3.160  -7.355  1.00 17.23 ? 66  LEU A CG  1 
ATOM   335 C  CD1 . LEU A 1 49 ? -5.405  -3.245  -5.848  1.00 16.05 ? 66  LEU A CD1 1 
ATOM   336 C  CD2 . LEU A 1 49 ? -6.861  -4.025  -7.727  1.00 16.01 ? 66  LEU A CD2 1 
ATOM   337 N  N   . TYR A 1 50 ? -6.016  0.504   -10.407 1.00 20.81 ? 67  TYR A N   1 
ATOM   338 C  CA  . TYR A 1 50 ? -6.303  1.867   -10.827 1.00 20.00 ? 67  TYR A CA  1 
ATOM   339 C  C   . TYR A 1 50 ? -7.302  1.863   -11.982 1.00 20.95 ? 67  TYR A C   1 
ATOM   340 O  O   . TYR A 1 50 ? -7.459  0.856   -12.670 1.00 21.40 ? 67  TYR A O   1 
ATOM   341 C  CB  . TYR A 1 50 ? -5.006  2.566   -11.261 1.00 19.67 ? 67  TYR A CB  1 
ATOM   342 C  CG  . TYR A 1 50 ? -4.342  1.976   -12.490 1.00 18.09 ? 67  TYR A CG  1 
ATOM   343 C  CD1 . TYR A 1 50 ? -4.698  2.393   -13.771 1.00 16.51 ? 67  TYR A CD1 1 
ATOM   344 C  CD2 . TYR A 1 50 ? -3.372  0.986   -12.367 1.00 19.64 ? 67  TYR A CD2 1 
ATOM   345 C  CE1 . TYR A 1 50 ? -4.103  1.840   -14.891 1.00 18.93 ? 67  TYR A CE1 1 
ATOM   346 C  CE2 . TYR A 1 50 ? -2.778  0.419   -13.481 1.00 20.29 ? 67  TYR A CE2 1 
ATOM   347 C  CZ  . TYR A 1 50 ? -3.145  0.849   -14.740 1.00 21.36 ? 67  TYR A CZ  1 
ATOM   348 O  OH  . TYR A 1 50 ? -2.554  0.280   -15.842 1.00 23.21 ? 67  TYR A OH  1 
ATOM   349 N  N   . ASP A 1 51 ? -7.967  2.999   -12.186 1.00 22.72 ? 68  ASP A N   1 
ATOM   350 C  CA  . ASP A 1 51 ? -8.961  3.177   -13.249 1.00 23.52 ? 68  ASP A CA  1 
ATOM   351 C  C   . ASP A 1 51 ? -8.240  3.612   -14.529 1.00 23.68 ? 68  ASP A C   1 
ATOM   352 O  O   . ASP A 1 51 ? -7.435  4.537   -14.487 1.00 24.87 ? 68  ASP A O   1 
ATOM   353 C  CB  . ASP A 1 51 ? -9.959  4.254   -12.817 1.00 23.72 ? 68  ASP A CB  1 
ATOM   354 C  CG  . ASP A 1 51 ? -11.122 4.400   -13.773 1.00 27.22 ? 68  ASP A CG  1 
ATOM   355 O  OD1 . ASP A 1 51 ? -12.242 3.985   -13.406 1.00 32.72 ? 68  ASP A OD1 1 
ATOM   356 O  OD2 . ASP A 1 51 ? -10.932 4.929   -14.889 1.00 28.29 ? 68  ASP A OD2 1 
ATOM   357 N  N   . GLU A 1 52 ? -8.511  2.945   -15.655 1.00 23.46 ? 69  GLU A N   1 
ATOM   358 C  CA  . GLU A 1 52 ? -7.876  3.287   -16.930 1.00 24.68 ? 69  GLU A CA  1 
ATOM   359 C  C   . GLU A 1 52 ? -8.148  4.721   -17.358 1.00 24.94 ? 69  GLU A C   1 
ATOM   360 O  O   . GLU A 1 52 ? -7.283  5.398   -17.912 1.00 25.55 ? 69  GLU A O   1 
ATOM   361 C  CB  . GLU A 1 52 ? -8.366  2.368   -18.048 1.00 27.25 ? 69  GLU A CB  1 
ATOM   362 C  CG  . GLU A 1 52 ? -7.459  1.198   -18.341 1.00 31.14 ? 69  GLU A CG  1 
ATOM   363 C  CD  . GLU A 1 52 ? -6.043  1.624   -18.726 1.00 33.81 ? 69  GLU A CD  1 
ATOM   364 O  OE1 . GLU A 1 52 ? -5.842  2.135   -19.854 1.00 35.65 ? 69  GLU A OE1 1 
ATOM   365 O  OE2 . GLU A 1 52 ? -5.121  1.454   -17.896 1.00 34.85 ? 69  GLU A OE2 1 
ATOM   366 N  N   . LYS A 1 53 ? -9.365  5.182   -17.120 1.00 24.07 ? 70  LYS A N   1 
ATOM   367 C  CA  . LYS A 1 53 ? -9.718  6.531   -17.510 1.00 25.23 ? 70  LYS A CA  1 
ATOM   368 C  C   . LYS A 1 53 ? -9.212  7.559   -16.494 1.00 25.94 ? 70  LYS A C   1 
ATOM   369 O  O   . LYS A 1 53 ? -8.688  8.599   -16.863 1.00 27.64 ? 70  LYS A O   1 
ATOM   370 C  CB  . LYS A 1 53 ? -11.235 6.618   -17.721 1.00 23.47 ? 70  LYS A CB  1 
ATOM   371 C  CG  . LYS A 1 53 ? -11.713 5.851   -18.958 1.00 24.30 ? 70  LYS A CG  1 
ATOM   372 C  CD  . LYS A 1 53 ? -13.214 5.975   -19.123 1.00 25.79 ? 70  LYS A CD  1 
ATOM   373 C  CE  . LYS A 1 53 ? -13.710 5.423   -20.450 1.00 26.94 ? 70  LYS A CE  1 
ATOM   374 N  NZ  . LYS A 1 53 ? -15.204 5.531   -20.543 1.00 28.98 ? 70  LYS A NZ  1 
ATOM   375 N  N   . GLN A 1 54 ? -9.346  7.255   -15.214 1.00 26.14 ? 71  GLN A N   1 
ATOM   376 C  CA  . GLN A 1 54 ? -8.881  8.157   -14.175 1.00 26.34 ? 71  GLN A CA  1 
ATOM   377 C  C   . GLN A 1 54 ? -7.807  7.415   -13.411 1.00 24.95 ? 71  GLN A C   1 
ATOM   378 O  O   . GLN A 1 54 ? -8.033  6.898   -12.323 1.00 25.35 ? 71  GLN A O   1 
ATOM   379 C  CB  . GLN A 1 54 ? -10.029 8.529   -13.250 1.00 28.54 ? 71  GLN A CB  1 
ATOM   380 C  CG  . GLN A 1 54 ? -11.144 9.270   -13.933 1.00 32.72 ? 71  GLN A CG  1 
ATOM   381 C  CD  . GLN A 1 54 ? -12.231 9.603   -12.961 1.00 37.46 ? 71  GLN A CD  1 
ATOM   382 O  OE1 . GLN A 1 54 ? -12.039 10.413  -12.050 1.00 39.61 ? 71  GLN A OE1 1 
ATOM   383 N  NE2 . GLN A 1 54 ? -13.384 8.965   -13.125 1.00 38.31 ? 71  GLN A NE2 1 
ATOM   384 N  N   . GLN A 1 55 ? -6.624  7.392   -14.001 1.00 24.98 ? 72  GLN A N   1 
ATOM   385 C  CA  . GLN A 1 55 ? -5.483  6.664   -13.466 1.00 24.90 ? 72  GLN A CA  1 
ATOM   386 C  C   . GLN A 1 55 ? -4.925  6.981   -12.095 1.00 23.83 ? 72  GLN A C   1 
ATOM   387 O  O   . GLN A 1 55 ? -4.038  6.275   -11.623 1.00 23.48 ? 72  GLN A O   1 
ATOM   388 C  CB  . GLN A 1 55 ? -4.353  6.700   -14.492 1.00 24.98 ? 72  GLN A CB  1 
ATOM   389 C  CG  . GLN A 1 55 ? -4.709  5.982   -15.767 1.00 25.85 ? 72  GLN A CG  1 
ATOM   390 C  CD  . GLN A 1 55 ? -3.643  6.107   -16.816 1.00 26.60 ? 72  GLN A CD  1 
ATOM   391 O  OE1 . GLN A 1 55 ? -2.670  6.847   -16.644 1.00 29.46 ? 72  GLN A OE1 1 
ATOM   392 N  NE2 . GLN A 1 55 ? -3.816  5.391   -17.919 1.00 25.96 ? 72  GLN A NE2 1 
ATOM   393 N  N   . HIS A 1 56 ? -5.423  8.019   -11.440 1.00 24.42 ? 73  HIS A N   1 
ATOM   394 C  CA  . HIS A 1 56 ? -4.919  8.342   -10.112 1.00 23.75 ? 73  HIS A CA  1 
ATOM   395 C  C   . HIS A 1 56 ? -5.853  7.704   -9.082  1.00 22.59 ? 73  HIS A C   1 
ATOM   396 O  O   . HIS A 1 56 ? -5.540  7.627   -7.892  1.00 22.16 ? 73  HIS A O   1 
ATOM   397 C  CB  . HIS A 1 56 ? -4.866  9.858   -9.926  1.00 23.83 ? 73  HIS A CB  1 
ATOM   398 C  CG  . HIS A 1 56 ? -6.165  10.539  -10.214 1.00 24.42 ? 73  HIS A CG  1 
ATOM   399 N  ND1 . HIS A 1 56 ? -7.166  10.659  -9.276  1.00 25.61 ? 73  HIS A ND1 1 
ATOM   400 C  CD2 . HIS A 1 56 ? -6.644  11.096  -11.351 1.00 24.69 ? 73  HIS A CD2 1 
ATOM   401 C  CE1 . HIS A 1 56 ? -8.208  11.261  -9.824  1.00 26.22 ? 73  HIS A CE1 1 
ATOM   402 N  NE2 . HIS A 1 56 ? -7.915  11.535  -11.084 1.00 25.90 ? 73  HIS A NE2 1 
ATOM   403 N  N   . ILE A 1 57 ? -6.993  7.225   -9.564  1.00 21.06 ? 74  ILE A N   1 
ATOM   404 C  CA  . ILE A 1 57 ? -7.998  6.596   -8.716  1.00 21.29 ? 74  ILE A CA  1 
ATOM   405 C  C   . ILE A 1 57 ? -7.780  5.092   -8.569  1.00 21.15 ? 74  ILE A C   1 
ATOM   406 O  O   . ILE A 1 57 ? -7.579  4.380   -9.550  1.00 21.28 ? 74  ILE A O   1 
ATOM   407 C  CB  . ILE A 1 57 ? -9.409  6.854   -9.281  1.00 21.63 ? 74  ILE A CB  1 
ATOM   408 C  CG1 . ILE A 1 57 ? -9.672  8.363   -9.334  1.00 22.25 ? 74  ILE A CG1 1 
ATOM   409 C  CG2 . ILE A 1 57 ? -10.453 6.170   -8.423  1.00 21.00 ? 74  ILE A CG2 1 
ATOM   410 C  CD1 . ILE A 1 57 ? -9.525  9.064   -7.993  1.00 19.48 ? 74  ILE A CD1 1 
ATOM   411 N  N   . VAL A 1 58 ? -7.840  4.611   -7.334  1.00 20.93 ? 75  VAL A N   1 
ATOM   412 C  CA  . VAL A 1 58 ? -7.628  3.198   -7.069  1.00 20.07 ? 75  VAL A CA  1 
ATOM   413 C  C   . VAL A 1 58 ? -8.850  2.511   -6.468  1.00 20.65 ? 75  VAL A C   1 
ATOM   414 O  O   . VAL A 1 58 ? -9.444  3.008   -5.516  1.00 20.52 ? 75  VAL A O   1 
ATOM   415 C  CB  . VAL A 1 58 ? -6.406  3.002   -6.136  1.00 19.42 ? 75  VAL A CB  1 
ATOM   416 C  CG1 . VAL A 1 58 ? -6.229  1.537   -5.799  1.00 17.74 ? 75  VAL A CG1 1 
ATOM   417 C  CG2 . VAL A 1 58 ? -5.153  3.534   -6.812  1.00 16.34 ? 75  VAL A CG2 1 
ATOM   418 N  N   . TYR A 1 59 ? -9.226  1.378   -7.058  1.00 20.71 ? 76  TYR A N   1 
ATOM   419 C  CA  . TYR A 1 59 ? -10.357 0.579   -6.598  1.00 19.89 ? 76  TYR A CA  1 
ATOM   420 C  C   . TYR A 1 59 ? -9.782  -0.663  -5.950  1.00 20.09 ? 76  TYR A C   1 
ATOM   421 O  O   . TYR A 1 59 ? -9.137  -1.485  -6.606  1.00 20.83 ? 76  TYR A O   1 
ATOM   422 C  CB  . TYR A 1 59 ? -11.273 0.214   -7.768  1.00 21.16 ? 76  TYR A CB  1 
ATOM   423 C  CG  . TYR A 1 59 ? -11.867 1.443   -8.399  1.00 24.52 ? 76  TYR A CG  1 
ATOM   424 C  CD1 . TYR A 1 59 ? -12.675 2.297   -7.646  1.00 26.00 ? 76  TYR A CD1 1 
ATOM   425 C  CD2 . TYR A 1 59 ? -11.542 1.823   -9.706  1.00 25.94 ? 76  TYR A CD2 1 
ATOM   426 C  CE1 . TYR A 1 59 ? -13.135 3.499   -8.163  1.00 25.59 ? 76  TYR A CE1 1 
ATOM   427 C  CE2 . TYR A 1 59 ? -11.998 3.025   -10.231 1.00 26.13 ? 76  TYR A CE2 1 
ATOM   428 C  CZ  . TYR A 1 59 ? -12.789 3.856   -9.450  1.00 26.76 ? 76  TYR A CZ  1 
ATOM   429 O  OH  . TYR A 1 59 ? -13.206 5.069   -9.945  1.00 31.23 ? 76  TYR A OH  1 
ATOM   430 N  N   . CYS A 1 60 ? -10.015 -0.777  -4.648  1.00 20.14 ? 77  CYS A N   1 
ATOM   431 C  CA  . CYS A 1 60 ? -9.489  -1.874  -3.851  1.00 19.71 ? 77  CYS A CA  1 
ATOM   432 C  C   . CYS A 1 60 ? -10.548 -2.580  -3.032  1.00 20.73 ? 77  CYS A C   1 
ATOM   433 O  O   . CYS A 1 60 ? -10.242 -3.213  -2.027  1.00 20.81 ? 77  CYS A O   1 
ATOM   434 C  CB  . CYS A 1 60 ? -8.390  -1.346  -2.930  1.00 18.17 ? 77  CYS A CB  1 
ATOM   435 S  SG  . CYS A 1 60 ? -8.851  0.152   -2.062  1.00 19.07 ? 77  CYS A SG  1 
ATOM   436 N  N   . SER A 1 61 ? -11.794 -2.481  -3.475  1.00 21.17 ? 78  SER A N   1 
ATOM   437 C  CA  . SER A 1 61 ? -12.895 -3.135  -2.784  1.00 21.93 ? 78  SER A CA  1 
ATOM   438 C  C   . SER A 1 61 ? -12.749 -4.652  -2.901  1.00 22.58 ? 78  SER A C   1 
ATOM   439 O  O   . SER A 1 61 ? -12.477 -5.178  -3.984  1.00 24.58 ? 78  SER A O   1 
ATOM   440 C  CB  . SER A 1 61 ? -14.223 -2.703  -3.389  1.00 22.53 ? 78  SER A CB  1 
ATOM   441 O  OG  . SER A 1 61 ? -15.292 -3.286  -2.678  1.00 24.24 ? 78  SER A OG  1 
ATOM   442 N  N   . ASN A 1 62 ? -12.929 -5.341  -1.779  1.00 22.47 ? 79  ASN A N   1 
ATOM   443 C  CA  . ASN A 1 62 ? -12.822 -6.796  -1.704  1.00 22.76 ? 79  ASN A CA  1 
ATOM   444 C  C   . ASN A 1 62 ? -11.389 -7.243  -1.963  1.00 22.09 ? 79  ASN A C   1 
ATOM   445 O  O   . ASN A 1 62 ? -11.142 -8.393  -2.308  1.00 22.18 ? 79  ASN A O   1 
ATOM   446 C  CB  . ASN A 1 62 ? -13.774 -7.480  -2.700  1.00 26.08 ? 79  ASN A CB  1 
ATOM   447 C  CG  . ASN A 1 62 ? -14.029 -8.947  -2.357  1.00 31.77 ? 79  ASN A CG  1 
ATOM   448 O  OD1 . ASN A 1 62 ? -14.621 -9.703  -3.143  1.00 34.94 ? 79  ASN A OD1 1 
ATOM   449 N  ND2 . ASN A 1 62 ? -13.590 -9.354  -1.175  1.00 34.07 ? 79  ASN A ND2 1 
ATOM   450 N  N   . ASP A 1 63 ? -10.441 -6.327  -1.799  1.00 20.90 ? 80  ASP A N   1 
ATOM   451 C  CA  . ASP A 1 63 ? -9.038  -6.664  -1.995  1.00 19.67 ? 80  ASP A CA  1 
ATOM   452 C  C   . ASP A 1 63 ? -8.275  -6.615  -0.675  1.00 19.06 ? 80  ASP A C   1 
ATOM   453 O  O   . ASP A 1 63 ? -8.757  -6.064  0.310   1.00 20.76 ? 80  ASP A O   1 
ATOM   454 C  CB  . ASP A 1 63 ? -8.375  -5.688  -2.959  1.00 18.44 ? 80  ASP A CB  1 
ATOM   455 C  CG  . ASP A 1 63 ? -7.045  -6.191  -3.448  1.00 17.27 ? 80  ASP A CG  1 
ATOM   456 O  OD1 . ASP A 1 63 ? -7.022  -6.947  -4.431  1.00 17.25 ? 80  ASP A OD1 1 
ATOM   457 O  OD2 . ASP A 1 63 ? -6.016  -5.857  -2.843  1.00 18.77 ? 80  ASP A OD2 1 
ATOM   458 N  N   . LEU A 1 64 ? -7.082  -7.199  -0.664  1.00 18.79 ? 81  LEU A N   1 
ATOM   459 C  CA  . LEU A 1 64 ? -6.220  -7.193  0.515   1.00 18.47 ? 81  LEU A CA  1 
ATOM   460 C  C   . LEU A 1 64 ? -5.904  -5.745  0.899   1.00 18.69 ? 81  LEU A C   1 
ATOM   461 O  O   . LEU A 1 64 ? -5.824  -5.409  2.076   1.00 20.27 ? 81  LEU A O   1 
ATOM   462 C  CB  . LEU A 1 64 ? -4.916  -7.944  0.214   1.00 19.69 ? 81  LEU A CB  1 
ATOM   463 C  CG  . LEU A 1 64 ? -3.717  -7.795  1.162   1.00 23.20 ? 81  LEU A CG  1 
ATOM   464 C  CD1 . LEU A 1 64 ? -4.038  -8.348  2.557   1.00 22.94 ? 81  LEU A CD1 1 
ATOM   465 C  CD2 . LEU A 1 64 ? -2.534  -8.528  0.557   1.00 19.94 ? 81  LEU A CD2 1 
ATOM   466 N  N   . LEU A 1 65 ? -5.737  -4.893  -0.109  1.00 17.18 ? 82  LEU A N   1 
ATOM   467 C  CA  . LEU A 1 65 ? -5.425  -3.491  0.111   1.00 17.48 ? 82  LEU A CA  1 
ATOM   468 C  C   . LEU A 1 65 ? -6.621  -2.746  0.706   1.00 19.73 ? 82  LEU A C   1 
ATOM   469 O  O   . LEU A 1 65 ? -6.460  -1.842  1.532   1.00 21.20 ? 82  LEU A O   1 
ATOM   470 C  CB  . LEU A 1 65 ? -4.994  -2.845  -1.206  1.00 15.86 ? 82  LEU A CB  1 
ATOM   471 C  CG  . LEU A 1 65 ? -4.646  -1.355  -1.173  1.00 16.59 ? 82  LEU A CG  1 
ATOM   472 C  CD1 . LEU A 1 65 ? -3.528  -1.092  -0.175  1.00 15.64 ? 82  LEU A CD1 1 
ATOM   473 C  CD2 . LEU A 1 65 ? -4.252  -0.905  -2.555  1.00 13.96 ? 82  LEU A CD2 1 
ATOM   474 N  N   . GLY A 1 66 ? -7.821  -3.124  0.276   1.00 19.50 ? 83  GLY A N   1 
ATOM   475 C  CA  . GLY A 1 66 ? -9.016  -2.511  0.808   1.00 18.89 ? 83  GLY A CA  1 
ATOM   476 C  C   . GLY A 1 66 ? -9.122  -2.895  2.273   1.00 20.51 ? 83  GLY A C   1 
ATOM   477 O  O   . GLY A 1 66 ? -9.520  -2.088  3.104   1.00 20.31 ? 83  GLY A O   1 
ATOM   478 N  N   . ASP A 1 67 ? -8.761  -4.135  2.591   1.00 21.70 ? 84  ASP A N   1 
ATOM   479 C  CA  . ASP A 1 67 ? -8.797  -4.601  3.974   1.00 24.08 ? 84  ASP A CA  1 
ATOM   480 C  C   . ASP A 1 67 ? -7.795  -3.788  4.797   1.00 25.10 ? 84  ASP A C   1 
ATOM   481 O  O   . ASP A 1 67 ? -8.107  -3.304  5.875   1.00 24.42 ? 84  ASP A O   1 
ATOM   482 C  CB  . ASP A 1 67 ? -8.401  -6.080  4.072   1.00 25.43 ? 84  ASP A CB  1 
ATOM   483 C  CG  . ASP A 1 67 ? -9.342  -6.999  3.331   1.00 27.32 ? 84  ASP A CG  1 
ATOM   484 O  OD1 . ASP A 1 67 ? -10.526 -6.643  3.164   1.00 31.24 ? 84  ASP A OD1 1 
ATOM   485 O  OD2 . ASP A 1 67 ? -8.903  -8.099  2.934   1.00 30.04 ? 84  ASP A OD2 1 
ATOM   486 N  N   . LEU A 1 68 ? -6.579  -3.670  4.270   1.00 25.34 ? 85  LEU A N   1 
ATOM   487 C  CA  . LEU A 1 68 ? -5.498  -2.930  4.912   1.00 25.61 ? 85  LEU A CA  1 
ATOM   488 C  C   . LEU A 1 68 ? -5.849  -1.499  5.258   1.00 23.81 ? 85  LEU A C   1 
ATOM   489 O  O   . LEU A 1 68 ? -5.726  -1.070  6.398   1.00 23.69 ? 85  LEU A O   1 
ATOM   490 C  CB  . LEU A 1 68 ? -4.277  -2.865  3.993   1.00 28.23 ? 85  LEU A CB  1 
ATOM   491 C  CG  . LEU A 1 68 ? -3.169  -3.899  4.126   1.00 30.71 ? 85  LEU A CG  1 
ATOM   492 C  CD1 . LEU A 1 68 ? -3.626  -5.243  3.635   1.00 33.53 ? 85  LEU A CD1 1 
ATOM   493 C  CD2 . LEU A 1 68 ? -1.985  -3.443  3.310   1.00 33.35 ? 85  LEU A CD2 1 
ATOM   494 N  N   . PHE A 1 69 ? -6.239  -0.761  4.226   1.00 23.41 ? 86  PHE A N   1 
ATOM   495 C  CA  . PHE A 1 69 ? -6.571  0.654   4.306   1.00 22.21 ? 86  PHE A CA  1 
ATOM   496 C  C   . PHE A 1 69 ? -7.936  0.993   4.893   1.00 22.61 ? 86  PHE A C   1 
ATOM   497 O  O   . PHE A 1 69 ? -8.180  2.125   5.294   1.00 23.49 ? 86  PHE A O   1 
ATOM   498 C  CB  . PHE A 1 69 ? -6.482  1.259   2.907   1.00 20.55 ? 86  PHE A CB  1 
ATOM   499 C  CG  . PHE A 1 69 ? -5.094  1.635   2.478   1.00 18.59 ? 86  PHE A CG  1 
ATOM   500 C  CD1 . PHE A 1 69 ? -3.973  1.216   3.185   1.00 19.42 ? 86  PHE A CD1 1 
ATOM   501 C  CD2 . PHE A 1 69 ? -4.914  2.403   1.335   1.00 19.29 ? 86  PHE A CD2 1 
ATOM   502 C  CE1 . PHE A 1 69 ? -2.688  1.585   2.776   1.00 19.29 ? 86  PHE A CE1 1 
ATOM   503 C  CE2 . PHE A 1 69 ? -3.650  2.775   0.914   1.00 17.06 ? 86  PHE A CE2 1 
ATOM   504 C  CZ  . PHE A 1 69 ? -2.527  2.355   1.629   1.00 20.96 ? 86  PHE A CZ  1 
ATOM   505 N  N   . GLY A 1 70 ? -8.832  0.018   4.917   1.00 23.88 ? 87  GLY A N   1 
ATOM   506 C  CA  . GLY A 1 70 ? -10.160 0.259   5.441   1.00 24.11 ? 87  GLY A CA  1 
ATOM   507 C  C   . GLY A 1 70 ? -11.067 1.078   4.531   1.00 24.15 ? 87  GLY A C   1 
ATOM   508 O  O   . GLY A 1 70 ? -12.138 1.498   4.973   1.00 24.35 ? 87  GLY A O   1 
ATOM   509 N  N   . VAL A 1 71 ? -10.659 1.314   3.281   1.00 23.73 ? 88  VAL A N   1 
ATOM   510 C  CA  . VAL A 1 71 ? -11.472 2.089   2.324   1.00 23.27 ? 88  VAL A CA  1 
ATOM   511 C  C   . VAL A 1 71 ? -11.717 1.300   1.031   1.00 22.32 ? 88  VAL A C   1 
ATOM   512 O  O   . VAL A 1 71 ? -10.960 0.388   0.708   1.00 25.85 ? 88  VAL A O   1 
ATOM   513 C  CB  . VAL A 1 71 ? -10.785 3.435   1.931   1.00 23.80 ? 88  VAL A CB  1 
ATOM   514 C  CG1 . VAL A 1 71 ? -10.476 4.249   3.177   1.00 22.05 ? 88  VAL A CG1 1 
ATOM   515 C  CG2 . VAL A 1 71 ? -9.516  3.167   1.116   1.00 23.30 ? 88  VAL A CG2 1 
ATOM   516 N  N   . PRO A 1 72 ? -12.781 1.635   0.276   1.00 19.43 ? 89  PRO A N   1 
ATOM   517 C  CA  . PRO A 1 72 ? -13.053 0.912   -0.977  1.00 17.10 ? 89  PRO A CA  1 
ATOM   518 C  C   . PRO A 1 72 ? -12.319 1.507   -2.184  1.00 18.03 ? 89  PRO A C   1 
ATOM   519 O  O   . PRO A 1 72 ? -12.171 0.861   -3.218  1.00 18.00 ? 89  PRO A O   1 
ATOM   520 C  CB  . PRO A 1 72 ? -14.561 1.027   -1.110  1.00 17.16 ? 89  PRO A CB  1 
ATOM   521 C  CG  . PRO A 1 72 ? -14.816 2.385   -0.575  1.00 15.59 ? 89  PRO A CG  1 
ATOM   522 C  CD  . PRO A 1 72 ? -13.944 2.450   0.664   1.00 16.70 ? 89  PRO A CD  1 
ATOM   523 N  N   . SER A 1 73 ? -11.870 2.749   -2.040  1.00 17.83 ? 90  SER A N   1 
ATOM   524 C  CA  . SER A 1 73 ? -11.154 3.437   -3.099  1.00 18.06 ? 90  SER A CA  1 
ATOM   525 C  C   . SER A 1 73 ? -10.429 4.644   -2.531  1.00 17.61 ? 90  SER A C   1 
ATOM   526 O  O   . SER A 1 73 ? -10.811 5.178   -1.494  1.00 20.07 ? 90  SER A O   1 
ATOM   527 C  CB  . SER A 1 73 ? -12.128 3.915   -4.171  1.00 19.90 ? 90  SER A CB  1 
ATOM   528 O  OG  . SER A 1 73 ? -12.934 4.974   -3.680  1.00 27.18 ? 90  SER A OG  1 
ATOM   529 N  N   . PHE A 1 74 ? -9.386  5.079   -3.225  1.00 18.01 ? 91  PHE A N   1 
ATOM   530 C  CA  . PHE A 1 74 ? -8.630  6.249   -2.814  1.00 17.21 ? 91  PHE A CA  1 
ATOM   531 C  C   . PHE A 1 74 ? -7.850  6.797   -3.999  1.00 18.22 ? 91  PHE A C   1 
ATOM   532 O  O   . PHE A 1 74 ? -7.695  6.117   -5.012  1.00 17.46 ? 91  PHE A O   1 
ATOM   533 C  CB  . PHE A 1 74 ? -7.688  5.899   -1.656  1.00 17.87 ? 91  PHE A CB  1 
ATOM   534 C  CG  . PHE A 1 74 ? -6.559  4.991   -2.039  1.00 18.84 ? 91  PHE A CG  1 
ATOM   535 C  CD1 . PHE A 1 74 ? -5.375  5.513   -2.554  1.00 18.52 ? 91  PHE A CD1 1 
ATOM   536 C  CD2 . PHE A 1 74 ? -6.676  3.612   -1.889  1.00 18.15 ? 91  PHE A CD2 1 
ATOM   537 C  CE1 . PHE A 1 74 ? -4.326  4.675   -2.919  1.00 19.78 ? 91  PHE A CE1 1 
ATOM   538 C  CE2 . PHE A 1 74 ? -5.633  2.768   -2.249  1.00 17.68 ? 91  PHE A CE2 1 
ATOM   539 C  CZ  . PHE A 1 74 ? -4.456  3.300   -2.762  1.00 18.82 ? 91  PHE A CZ  1 
ATOM   540 N  N   . SER A 1 75 ? -7.379  8.034   -3.866  1.00 19.95 ? 92  SER A N   1 
ATOM   541 C  CA  . SER A 1 75 ? -6.609  8.703   -4.903  1.00 21.23 ? 92  SER A CA  1 
ATOM   542 C  C   . SER A 1 75 ? -5.144  8.845   -4.516  1.00 24.07 ? 92  SER A C   1 
ATOM   543 O  O   . SER A 1 75 ? -4.826  9.303   -3.422  1.00 24.63 ? 92  SER A O   1 
ATOM   544 C  CB  . SER A 1 75 ? -7.185  10.088  -5.170  1.00 20.15 ? 92  SER A CB  1 
ATOM   545 O  OG  . SER A 1 75 ? -6.194  10.948  -5.707  1.00 19.64 ? 92  SER A OG  1 
ATOM   546 N  N   . VAL A 1 76 ? -4.252  8.461   -5.422  1.00 25.52 ? 93  VAL A N   1 
ATOM   547 C  CA  . VAL A 1 76 ? -2.823  8.561   -5.164  1.00 26.17 ? 93  VAL A CA  1 
ATOM   548 C  C   . VAL A 1 76 ? -2.360  10.013  -4.977  1.00 26.67 ? 93  VAL A C   1 
ATOM   549 O  O   . VAL A 1 76 ? -1.252  10.256  -4.508  1.00 26.35 ? 93  VAL A O   1 
ATOM   550 C  CB  . VAL A 1 76 ? -1.998  7.882   -6.304  1.00 25.98 ? 93  VAL A CB  1 
ATOM   551 C  CG1 . VAL A 1 76 ? -2.370  6.418   -6.397  1.00 25.74 ? 93  VAL A CG1 1 
ATOM   552 C  CG2 . VAL A 1 76 ? -2.251  8.571   -7.643  1.00 25.44 ? 93  VAL A CG2 1 
ATOM   553 N  N   . LYS A 1 77 ? -3.217  10.968  -5.333  1.00 28.68 ? 94  LYS A N   1 
ATOM   554 C  CA  . LYS A 1 77 ? -2.907  12.401  -5.201  1.00 30.56 ? 94  LYS A CA  1 
ATOM   555 C  C   . LYS A 1 77 ? -3.067  12.901  -3.770  1.00 30.71 ? 94  LYS A C   1 
ATOM   556 O  O   . LYS A 1 77 ? -2.656  14.017  -3.438  1.00 32.46 ? 94  LYS A O   1 
ATOM   557 C  CB  . LYS A 1 77 ? -3.834  13.233  -6.076  1.00 30.59 ? 94  LYS A CB  1 
ATOM   558 C  CG  . LYS A 1 77 ? -3.619  13.045  -7.532  1.00 34.43 ? 94  LYS A CG  1 
ATOM   559 C  CD  . LYS A 1 77 ? -4.586  13.895  -8.308  1.00 37.39 ? 94  LYS A CD  1 
ATOM   560 C  CE  . LYS A 1 77 ? -4.348  13.749  -9.803  1.00 40.44 ? 94  LYS A CE  1 
ATOM   561 N  NZ  . LYS A 1 77 ? -5.347  14.551  -10.570 1.00 42.14 ? 94  LYS A NZ  1 
ATOM   562 N  N   . GLU A 1 78 ? -3.690  12.084  -2.932  1.00 30.21 ? 95  GLU A N   1 
ATOM   563 C  CA  . GLU A 1 78 ? -3.928  12.447  -1.543  1.00 30.00 ? 95  GLU A CA  1 
ATOM   564 C  C   . GLU A 1 78 ? -2.818  11.841  -0.694  1.00 28.37 ? 95  GLU A C   1 
ATOM   565 O  O   . GLU A 1 78 ? -3.003  10.802  -0.066  1.00 25.57 ? 95  GLU A O   1 
ATOM   566 C  CB  . GLU A 1 78 ? -5.286  11.898  -1.116  1.00 31.84 ? 95  GLU A CB  1 
ATOM   567 C  CG  . GLU A 1 78 ? -6.368  12.071  -2.167  1.00 37.49 ? 95  GLU A CG  1 
ATOM   568 C  CD  . GLU A 1 78 ? -7.347  13.167  -1.818  1.00 43.75 ? 95  GLU A CD  1 
ATOM   569 O  OE1 . GLU A 1 78 ? -6.904  14.329  -1.626  1.00 48.25 ? 95  GLU A OE1 1 
ATOM   570 O  OE2 . GLU A 1 78 ? -8.564  12.870  -1.729  1.00 46.49 ? 95  GLU A OE2 1 
ATOM   571 N  N   . HIS A 1 79 ? -1.671  12.507  -0.655  1.00 27.56 ? 96  HIS A N   1 
ATOM   572 C  CA  . HIS A 1 79 ? -0.535  11.974  0.080   1.00 29.37 ? 96  HIS A CA  1 
ATOM   573 C  C   . HIS A 1 79 ? -0.708  11.823  1.586   1.00 28.76 ? 96  HIS A C   1 
ATOM   574 O  O   . HIS A 1 79 ? -0.357  10.778  2.132   1.00 30.16 ? 96  HIS A O   1 
ATOM   575 C  CB  . HIS A 1 79 ? 0.717   12.787  -0.271  1.00 30.78 ? 96  HIS A CB  1 
ATOM   576 C  CG  . HIS A 1 79 ? 0.998   12.824  -1.743  1.00 33.88 ? 96  HIS A CG  1 
ATOM   577 N  ND1 . HIS A 1 79 ? 2.040   13.528  -2.293  1.00 36.79 ? 96  HIS A ND1 1 
ATOM   578 C  CD2 . HIS A 1 79 ? 0.328   12.262  -2.780  1.00 33.54 ? 96  HIS A CD2 1 
ATOM   579 C  CE1 . HIS A 1 79 ? 2.004   13.406  -3.613  1.00 36.54 ? 96  HIS A CE1 1 
ATOM   580 N  NE2 . HIS A 1 79 ? 0.974   12.646  -3.928  1.00 35.66 ? 96  HIS A NE2 1 
ATOM   581 N  N   . ARG A 1 80 ? -1.260  12.833  2.259   1.00 27.70 ? 97  ARG A N   1 
ATOM   582 C  CA  . ARG A 1 80 ? -1.454  12.753  3.707   1.00 26.60 ? 97  ARG A CA  1 
ATOM   583 C  C   . ARG A 1 80 ? -2.380  11.596  4.087   1.00 25.38 ? 97  ARG A C   1 
ATOM   584 O  O   . ARG A 1 80 ? -2.129  10.882  5.056   1.00 25.54 ? 97  ARG A O   1 
ATOM   585 C  CB  . ARG A 1 80 ? -1.993  14.081  4.231   1.00 26.16 ? 97  ARG A CB  1 
ATOM   586 C  CG  . ARG A 1 80 ? -0.980  15.205  4.119   1.00 29.86 ? 97  ARG A CG  1 
ATOM   587 C  CD  . ARG A 1 80 ? -1.593  16.598  4.287   1.00 32.60 ? 97  ARG A CD  1 
ATOM   588 N  NE  . ARG A 1 80 ? -2.604  16.898  3.274   1.00 36.76 ? 97  ARG A NE  1 
ATOM   589 C  CZ  . ARG A 1 80 ? -3.046  18.120  2.988   1.00 40.28 ? 97  ARG A CZ  1 
ATOM   590 N  NH1 . ARG A 1 80 ? -2.567  19.179  3.639   1.00 42.33 ? 97  ARG A NH1 1 
ATOM   591 N  NH2 . ARG A 1 80 ? -3.968  18.287  2.041   1.00 42.67 ? 97  ARG A NH2 1 
ATOM   592 N  N   . LYS A 1 81 ? -3.435  11.400  3.302   1.00 25.20 ? 98  LYS A N   1 
ATOM   593 C  CA  . LYS A 1 81 ? -4.383  10.315  3.541   1.00 25.07 ? 98  LYS A CA  1 
ATOM   594 C  C   . LYS A 1 81 ? -3.723  8.953   3.332   1.00 25.16 ? 98  LYS A C   1 
ATOM   595 O  O   . LYS A 1 81 ? -3.945  8.017   4.094   1.00 24.63 ? 98  LYS A O   1 
ATOM   596 C  CB  . LYS A 1 81 ? -5.578  10.448  2.600   1.00 27.27 ? 98  LYS A CB  1 
ATOM   597 C  CG  . LYS A 1 81 ? -6.420  11.682  2.850   1.00 31.73 ? 98  LYS A CG  1 
ATOM   598 C  CD  . LYS A 1 81 ? -7.562  11.771  1.864   1.00 37.95 ? 98  LYS A CD  1 
ATOM   599 C  CE  . LYS A 1 81 ? -8.606  12.778  2.304   1.00 40.43 ? 98  LYS A CE  1 
ATOM   600 N  NZ  . LYS A 1 81 ? -9.772  12.795  1.344   1.00 46.40 ? 98  LYS A NZ  1 
ATOM   601 N  N   . ILE A 1 82 ? -2.918  8.837   2.283   1.00 24.24 ? 99  ILE A N   1 
ATOM   602 C  CA  . ILE A 1 82 ? -2.231  7.585   2.020   1.00 24.88 ? 99  ILE A CA  1 
ATOM   603 C  C   . ILE A 1 82 ? -1.242  7.319   3.147   1.00 24.97 ? 99  ILE A C   1 
ATOM   604 O  O   . ILE A 1 82 ? -1.156  6.200   3.637   1.00 26.29 ? 99  ILE A O   1 
ATOM   605 C  CB  . ILE A 1 82 ? -1.485  7.611   0.661   1.00 26.01 ? 99  ILE A CB  1 
ATOM   606 C  CG1 . ILE A 1 82 ? -2.495  7.518   -0.491  1.00 27.34 ? 99  ILE A CG1 1 
ATOM   607 C  CG2 . ILE A 1 82 ? -0.506  6.456   0.589   1.00 26.07 ? 99  ILE A CG2 1 
ATOM   608 C  CD1 . ILE A 1 82 ? -1.895  7.709   -1.859  1.00 28.25 ? 99  ILE A CD1 1 
ATOM   609 N  N   . TYR A 1 83 ? -0.503  8.345   3.570   1.00 23.53 ? 100 TYR A N   1 
ATOM   610 C  CA  . TYR A 1 83 ? 0.459   8.171   4.654   1.00 24.92 ? 100 TYR A CA  1 
ATOM   611 C  C   . TYR A 1 83 ? -0.211  7.707   5.934   1.00 24.01 ? 100 TYR A C   1 
ATOM   612 O  O   . TYR A 1 83 ? 0.326   6.854   6.654   1.00 22.24 ? 100 TYR A O   1 
ATOM   613 C  CB  . TYR A 1 83 ? 1.219   9.470   4.924   1.00 29.99 ? 100 TYR A CB  1 
ATOM   614 C  CG  . TYR A 1 83 ? 2.628   9.444   4.376   1.00 33.60 ? 100 TYR A CG  1 
ATOM   615 C  CD1 . TYR A 1 83 ? 2.853   9.220   3.028   1.00 35.87 ? 100 TYR A CD1 1 
ATOM   616 C  CD2 . TYR A 1 83 ? 3.733   9.599   5.212   1.00 37.06 ? 100 TYR A CD2 1 
ATOM   617 C  CE1 . TYR A 1 83 ? 4.134   9.139   2.513   1.00 37.93 ? 100 TYR A CE1 1 
ATOM   618 C  CE2 . TYR A 1 83 ? 5.036   9.522   4.704   1.00 38.74 ? 100 TYR A CE2 1 
ATOM   619 C  CZ  . TYR A 1 83 ? 5.220   9.288   3.345   1.00 39.37 ? 100 TYR A CZ  1 
ATOM   620 O  OH  . TYR A 1 83 ? 6.482   9.187   2.803   1.00 42.81 ? 100 TYR A OH  1 
ATOM   621 N  N   . THR A 1 84 ? -1.384  8.272   6.203   1.00 21.82 ? 101 THR A N   1 
ATOM   622 C  CA  . THR A 1 84 ? -2.153  7.934   7.387   1.00 19.89 ? 101 THR A CA  1 
ATOM   623 C  C   . THR A 1 84 ? -2.533  6.459   7.385   1.00 18.95 ? 101 THR A C   1 
ATOM   624 O  O   . THR A 1 84 ? -2.305  5.752   8.357   1.00 19.35 ? 101 THR A O   1 
ATOM   625 C  CB  . THR A 1 84 ? -3.440  8.784   7.460   1.00 20.36 ? 101 THR A CB  1 
ATOM   626 O  OG1 . THR A 1 84 ? -3.095  10.175  7.442   1.00 22.05 ? 101 THR A OG1 1 
ATOM   627 C  CG2 . THR A 1 84 ? -4.221  8.468   8.720   1.00 18.39 ? 101 THR A CG2 1 
ATOM   628 N  N   . MET A 1 85 ? -3.106  6.001   6.280   1.00 19.15 ? 102 MET A N   1 
ATOM   629 C  CA  . MET A 1 85 ? -3.534  4.620   6.164   1.00 19.83 ? 102 MET A CA  1 
ATOM   630 C  C   . MET A 1 85 ? -2.356  3.671   6.228   1.00 20.77 ? 102 MET A C   1 
ATOM   631 O  O   . MET A 1 85 ? -2.448  2.610   6.843   1.00 20.49 ? 102 MET A O   1 
ATOM   632 C  CB  . MET A 1 85 ? -4.298  4.404   4.857   1.00 21.71 ? 102 MET A CB  1 
ATOM   633 C  CG  . MET A 1 85 ? -5.557  5.243   4.721   1.00 19.96 ? 102 MET A CG  1 
ATOM   634 S  SD  . MET A 1 85 ? -6.586  4.805   3.277   1.00 26.22 ? 102 MET A SD  1 
ATOM   635 C  CE  . MET A 1 85 ? -5.722  5.683   1.957   1.00 18.55 ? 102 MET A CE  1 
ATOM   636 N  N   . ILE A 1 86 ? -1.249  4.036   5.586   1.00 20.80 ? 103 ILE A N   1 
ATOM   637 C  CA  . ILE A 1 86 ? -0.081  3.168   5.637   1.00 19.64 ? 103 ILE A CA  1 
ATOM   638 C  C   . ILE A 1 86 ? 0.444   3.065   7.072   1.00 19.98 ? 103 ILE A C   1 
ATOM   639 O  O   . ILE A 1 86 ? 0.694   1.964   7.556   1.00 21.43 ? 103 ILE A O   1 
ATOM   640 C  CB  . ILE A 1 86 ? 1.065   3.665   4.730   1.00 19.24 ? 103 ILE A CB  1 
ATOM   641 C  CG1 . ILE A 1 86 ? 0.641   3.631   3.269   1.00 19.12 ? 103 ILE A CG1 1 
ATOM   642 C  CG2 . ILE A 1 86 ? 2.284   2.786   4.908   1.00 18.04 ? 103 ILE A CG2 1 
ATOM   643 C  CD1 . ILE A 1 86 ? 1.730   4.092   2.332   1.00 19.36 ? 103 ILE A CD1 1 
ATOM   644 N  N   . TYR A 1 87 ? 0.597   4.206   7.747   1.00 19.58 ? 104 TYR A N   1 
ATOM   645 C  CA  . TYR A 1 87 ? 1.105   4.224   9.113   1.00 21.10 ? 104 TYR A CA  1 
ATOM   646 C  C   . TYR A 1 87 ? 0.344   3.334   10.072  1.00 21.83 ? 104 TYR A C   1 
ATOM   647 O  O   . TYR A 1 87 ? 0.926   2.806   11.025  1.00 21.98 ? 104 TYR A O   1 
ATOM   648 C  CB  . TYR A 1 87 ? 1.148   5.651   9.659   1.00 22.72 ? 104 TYR A CB  1 
ATOM   649 C  CG  . TYR A 1 87 ? 2.527   6.260   9.553   1.00 22.79 ? 104 TYR A CG  1 
ATOM   650 C  CD1 . TYR A 1 87 ? 3.068   6.599   8.312   1.00 21.51 ? 104 TYR A CD1 1 
ATOM   651 C  CD2 . TYR A 1 87 ? 3.337   6.397   10.681  1.00 24.43 ? 104 TYR A CD2 1 
ATOM   652 C  CE1 . TYR A 1 87 ? 4.378   7.047   8.199   1.00 21.34 ? 104 TYR A CE1 1 
ATOM   653 C  CE2 . TYR A 1 87 ? 4.648   6.840   10.575  1.00 21.52 ? 104 TYR A CE2 1 
ATOM   654 C  CZ  . TYR A 1 87 ? 5.159   7.159   9.334   1.00 22.04 ? 104 TYR A CZ  1 
ATOM   655 O  OH  . TYR A 1 87 ? 6.464   7.565   9.225   1.00 25.80 ? 104 TYR A OH  1 
ATOM   656 N  N   . ARG A 1 88 ? -0.954  3.169   9.818   1.00 21.86 ? 105 ARG A N   1 
ATOM   657 C  CA  . ARG A 1 88 ? -1.805  2.311   10.633  1.00 21.57 ? 105 ARG A CA  1 
ATOM   658 C  C   . ARG A 1 88 ? -1.410  0.840   10.443  1.00 21.90 ? 105 ARG A C   1 
ATOM   659 O  O   . ARG A 1 88 ? -1.813  -0.025  11.218  1.00 24.03 ? 105 ARG A O   1 
ATOM   660 C  CB  . ARG A 1 88 ? -3.277  2.496   10.244  1.00 20.57 ? 105 ARG A CB  1 
ATOM   661 C  CG  . ARG A 1 88 ? -3.901  3.819   10.683  1.00 22.59 ? 105 ARG A CG  1 
ATOM   662 C  CD  . ARG A 1 88 ? -5.257  4.057   10.017  1.00 24.59 ? 105 ARG A CD  1 
ATOM   663 N  NE  . ARG A 1 88 ? -5.839  5.359   10.343  1.00 25.37 ? 105 ARG A NE  1 
ATOM   664 C  CZ  . ARG A 1 88 ? -6.817  5.934   9.648   1.00 28.55 ? 105 ARG A CZ  1 
ATOM   665 N  NH1 . ARG A 1 88 ? -7.318  5.326   8.580   1.00 28.71 ? 105 ARG A NH1 1 
ATOM   666 N  NH2 . ARG A 1 88 ? -7.311  7.108   10.033  1.00 30.93 ? 105 ARG A NH2 1 
ATOM   667 N  N   . ASN A 1 89 ? -0.619  0.558   9.414   1.00 22.41 ? 106 ASN A N   1 
ATOM   668 C  CA  . ASN A 1 89 ? -0.201  -0.810  9.148   1.00 23.29 ? 106 ASN A CA  1 
ATOM   669 C  C   . ASN A 1 89 ? 1.294   -1.063  9.326   1.00 23.22 ? 106 ASN A C   1 
ATOM   670 O  O   . ASN A 1 89 ? 1.892   -1.894  8.628   1.00 21.94 ? 106 ASN A O   1 
ATOM   671 C  CB  . ASN A 1 89 ? -0.647  -1.226  7.742   1.00 23.15 ? 106 ASN A CB  1 
ATOM   672 C  CG  . ASN A 1 89 ? -2.162  -1.254  7.597   1.00 23.09 ? 106 ASN A CG  1 
ATOM   673 O  OD1 . ASN A 1 89 ? -2.784  -0.257  7.226   1.00 23.14 ? 106 ASN A OD1 1 
ATOM   674 N  ND2 . ASN A 1 89 ? -2.762  -2.400  7.904   1.00 22.59 ? 106 ASN A ND2 1 
ATOM   675 N  N   . LEU A 1 90 ? 1.897   -0.355  10.273  1.00 23.16 ? 107 LEU A N   1 
ATOM   676 C  CA  . LEU A 1 90 ? 3.313   -0.540  10.545  1.00 24.15 ? 107 LEU A CA  1 
ATOM   677 C  C   . LEU A 1 90 ? 3.723   0.093   11.863  1.00 24.52 ? 107 LEU A C   1 
ATOM   678 O  O   . LEU A 1 90 ? 3.021   0.955   12.380  1.00 24.63 ? 107 LEU A O   1 
ATOM   679 C  CB  . LEU A 1 90 ? 4.147   0.048   9.399   1.00 23.26 ? 107 LEU A CB  1 
ATOM   680 C  CG  . LEU A 1 90 ? 4.109   1.548   9.088   1.00 23.45 ? 107 LEU A CG  1 
ATOM   681 C  CD1 . LEU A 1 90 ? 4.968   2.301   10.092  1.00 23.09 ? 107 LEU A CD1 1 
ATOM   682 C  CD2 . LEU A 1 90 ? 4.641   1.793   7.674   1.00 24.92 ? 107 LEU A CD2 1 
ATOM   683 N  N   . VAL A 1 91 ? 4.831   -0.364  12.436  1.00 24.91 ? 108 VAL A N   1 
ATOM   684 C  CA  . VAL A 1 91 ? 5.309   0.263   13.658  1.00 26.87 ? 108 VAL A CA  1 
ATOM   685 C  C   . VAL A 1 91 ? 6.665   0.872   13.285  1.00 26.87 ? 108 VAL A C   1 
ATOM   686 O  O   . VAL A 1 91 ? 7.478   0.235   12.607  1.00 27.07 ? 108 VAL A O   1 
ATOM   687 C  CB  . VAL A 1 91 ? 5.446   -0.732  14.861  1.00 26.22 ? 108 VAL A CB  1 
ATOM   688 C  CG1 . VAL A 1 91 ? 4.410   -1.822  14.750  1.00 28.82 ? 108 VAL A CG1 1 
ATOM   689 C  CG2 . VAL A 1 91 ? 6.860   -1.294  14.951  1.00 30.69 ? 108 VAL A CG2 1 
ATOM   690 N  N   . VAL A 1 92 ? 6.873   2.123   13.681  1.00 25.80 ? 109 VAL A N   1 
ATOM   691 C  CA  . VAL A 1 92 ? 8.111   2.837   13.394  1.00 25.67 ? 109 VAL A CA  1 
ATOM   692 C  C   . VAL A 1 92 ? 9.220   2.366   14.336  1.00 27.82 ? 109 VAL A C   1 
ATOM   693 O  O   . VAL A 1 92 ? 9.096   2.419   15.565  1.00 26.66 ? 109 VAL A O   1 
ATOM   694 C  CB  . VAL A 1 92 ? 7.895   4.372   13.526  1.00 24.05 ? 109 VAL A CB  1 
ATOM   695 C  CG1 . VAL A 1 92 ? 9.215   5.097   13.432  1.00 18.91 ? 109 VAL A CG1 1 
ATOM   696 C  CG2 . VAL A 1 92 ? 6.936   4.860   12.439  1.00 20.33 ? 109 VAL A CG2 1 
ATOM   697 N  N   . VAL A 1 93 ? 10.316  1.910   13.738  1.00 31.03 ? 110 VAL A N   1 
ATOM   698 C  CA  . VAL A 1 93 ? 11.457  1.370   14.485  1.00 34.93 ? 110 VAL A CA  1 
ATOM   699 C  C   . VAL A 1 93 ? 12.273  2.331   15.338  1.00 37.99 ? 110 VAL A C   1 
ATOM   700 O  O   . VAL A 1 93 ? 12.846  3.286   14.846  1.00 39.48 ? 110 VAL A O   1 
ATOM   701 C  CB  . VAL A 1 93 ? 12.402  0.620   13.526  1.00 34.38 ? 110 VAL A CB  1 
ATOM   702 C  CG1 . VAL A 1 93 ? 13.631  0.146   14.272  1.00 33.44 ? 110 VAL A CG1 1 
ATOM   703 C  CG2 . VAL A 1 93 ? 11.666  -0.558  12.906  1.00 33.98 ? 110 VAL A CG2 1 
HETATM 704 C  C3  . 1MO B 2 .  ? 1.747   5.980   -5.270  1.00 22.78 ? 201 1MO A C3  1 
HETATM 705 C  C2  . 1MO B 2 .  ? 0.751   5.705   -4.304  1.00 26.17 ? 201 1MO A C2  1 
HETATM 706 C  C1  . 1MO B 2 .  ? 0.891   4.608   -3.460  1.00 26.62 ? 201 1MO A C1  1 
HETATM 707 CL CL1 . 1MO B 2 .  ? -0.376  4.204   -2.344  1.00 37.59 ? 201 1MO A CL1 1 
HETATM 708 C  C4  . 1MO B 2 .  ? 2.052   3.797   -3.585  1.00 26.79 ? 201 1MO A C4  1 
HETATM 709 C  C5  . 1MO B 2 .  ? 3.035   4.056   -4.527  1.00 22.37 ? 201 1MO A C5  1 
HETATM 710 C  C6  . 1MO B 2 .  ? 2.889   5.144   -5.388  1.00 23.93 ? 201 1MO A C6  1 
HETATM 711 C  C7  . 1MO B 2 .  ? 3.896   5.440   -6.488  1.00 21.72 ? 201 1MO A C7  1 
HETATM 712 N  N1  . 1MO B 2 .  ? 5.218   5.348   -5.956  1.00 21.77 ? 201 1MO A N1  1 
HETATM 713 C  C8  . 1MO B 2 .  ? 5.679   6.461   -5.122  1.00 16.35 ? 201 1MO A C8  1 
HETATM 714 C  C9  . 1MO B 2 .  ? 6.004   4.230   -6.204  1.00 22.46 ? 201 1MO A C9  1 
HETATM 715 O  O1  . 1MO B 2 .  ? 7.118   4.126   -5.694  1.00 24.57 ? 201 1MO A O1  1 
HETATM 716 C  C10 . 1MO B 2 .  ? 5.474   3.077   -7.145  1.00 21.72 ? 201 1MO A C10 1 
HETATM 717 C  C11 . 1MO B 2 .  ? 6.412   2.908   -8.353  1.00 21.46 ? 201 1MO A C11 1 
HETATM 718 C  C12 . 1MO B 2 .  ? 6.273   1.612   -9.143  1.00 19.59 ? 201 1MO A C12 1 
HETATM 719 C  C13 . 1MO B 2 .  ? 5.399   1.455   -10.239 1.00 18.09 ? 201 1MO A C13 1 
HETATM 720 C  C14 . 1MO B 2 .  ? 5.341   0.221   -10.924 1.00 18.75 ? 201 1MO A C14 1 
HETATM 721 C  C15 . 1MO B 2 .  ? 6.151   -0.841  -10.510 1.00 18.65 ? 201 1MO A C15 1 
HETATM 722 C  C16 . 1MO B 2 .  ? 7.014   -0.681  -9.431  1.00 18.40 ? 201 1MO A C16 1 
HETATM 723 C  C17 . 1MO B 2 .  ? 7.071   0.525   -8.760  1.00 18.73 ? 201 1MO A C17 1 
HETATM 724 O  O2  . 1MO B 2 .  ? 4.132   3.295   -7.513  1.00 21.32 ? 201 1MO A O2  1 
HETATM 725 C  C18 . 1MO B 2 .  ? 3.759   4.603   -7.808  1.00 20.84 ? 201 1MO A C18 1 
HETATM 726 C  C19 . 1MO B 2 .  ? 2.369   4.571   -8.329  1.00 22.01 ? 201 1MO A C19 1 
HETATM 727 C  C20 . 1MO B 2 .  ? 1.797   5.696   -8.971  1.00 21.78 ? 201 1MO A C20 1 
HETATM 728 C  C21 . 1MO B 2 .  ? 0.448   5.650   -9.375  1.00 24.16 ? 201 1MO A C21 1 
HETATM 729 C  C22 . 1MO B 2 .  ? -0.349  4.492   -9.152  1.00 25.38 ? 201 1MO A C22 1 
HETATM 730 CL CL2 . 1MO B 2 .  ? -1.992  4.452   -9.582  1.00 32.36 ? 201 1MO A CL2 1 
HETATM 731 C  C23 . 1MO B 2 .  ? 0.243   3.381   -8.522  1.00 24.62 ? 201 1MO A C23 1 
HETATM 732 C  C24 . 1MO B 2 .  ? 1.585   3.409   -8.115  1.00 21.50 ? 201 1MO A C24 1 
HETATM 733 S  S   . SO4 C 3 .  ? -2.724  -6.757  10.744  1.00 55.65 ? 202 SO4 A S   1 
HETATM 734 O  O1  . SO4 C 3 .  ? -1.285  -6.802  10.160  1.00 56.48 ? 202 SO4 A O1  1 
HETATM 735 O  O2  . SO4 C 3 .  ? -3.308  -8.182  10.792  1.00 57.20 ? 202 SO4 A O2  1 
HETATM 736 O  O3  . SO4 C 3 .  ? -3.753  -5.847  10.021  1.00 57.05 ? 202 SO4 A O3  1 
HETATM 737 O  O4  . SO4 C 3 .  ? -2.568  -6.176  12.137  1.00 56.48 ? 202 SO4 A O4  1 
HETATM 738 S  S   . SO4 D 3 .  ? -2.060  16.333  -0.144  1.00 65.02 ? 203 SO4 A S   1 
HETATM 739 O  O1  . SO4 D 3 .  ? -1.076  17.232  0.341   1.00 65.22 ? 203 SO4 A O1  1 
HETATM 740 O  O2  . SO4 D 3 .  ? -1.398  15.505  -1.173  1.00 65.60 ? 203 SO4 A O2  1 
HETATM 741 O  O3  . SO4 D 3 .  ? -2.538  15.494  0.936   1.00 64.18 ? 203 SO4 A O3  1 
HETATM 742 O  O4  . SO4 D 3 .  ? -3.182  16.970  -0.721  1.00 65.17 ? 203 SO4 A O4  1 
HETATM 743 O  O   . HOH E 4 .  ? -10.514 -4.703  -5.582  1.00 15.50 ? 301 HOH A O   1 
HETATM 744 O  O   . HOH E 4 .  ? -9.762  0.358   -15.529 0.50 1.00  ? 302 HOH A O   1 
HETATM 745 O  O   . HOH E 4 .  ? -3.272  -7.414  -13.950 1.00 52.19 ? 303 HOH A O   1 
HETATM 746 O  O   . HOH E 4 .  ? -4.630  14.437  1.641   1.00 53.34 ? 304 HOH A O   1 
HETATM 747 O  O   . HOH E 4 .  ? -5.973  6.944   12.766  1.00 23.15 ? 305 HOH A O   1 
HETATM 748 O  O   . HOH E 4 .  ? -7.060  -9.578  -2.225  1.00 14.66 ? 306 HOH A O   1 
HETATM 749 O  O   . HOH E 4 .  ? -0.055  -6.362  -14.520 1.00 16.43 ? 307 HOH A O   1 
HETATM 750 O  O   . HOH E 4 .  ? 8.683   5.020   -3.369  1.00 25.92 ? 308 HOH A O   1 
HETATM 751 O  O   . HOH E 4 .  ? -8.309  9.645   -1.169  1.00 37.50 ? 309 HOH A O   1 
HETATM 752 O  O   . HOH E 4 .  ? -7.569  -5.479  -12.439 1.00 19.20 ? 310 HOH A O   1 
HETATM 753 O  O   . HOH E 4 .  ? 15.380  -7.405  7.592   1.00 34.02 ? 311 HOH A O   1 
HETATM 754 O  O   . HOH E 4 .  ? -5.716  -0.645  -17.220 1.00 20.52 ? 312 HOH A O   1 
HETATM 755 O  O   . HOH E 4 .  ? -7.446  -0.962  -14.745 1.00 18.07 ? 313 HOH A O   1 
HETATM 756 O  O   . HOH E 4 .  ? -8.594  -3.185  -13.501 1.00 17.43 ? 314 HOH A O   1 
HETATM 757 O  O   . HOH E 4 .  ? 2.479   3.412   13.592  1.00 25.82 ? 315 HOH A O   1 
HETATM 758 O  O   . HOH E 4 .  ? 14.782  -7.453  9.987   1.00 69.21 ? 316 HOH A O   1 
HETATM 759 O  O   . HOH E 4 .  ? -6.171  2.295   7.739   1.00 43.14 ? 317 HOH A O   1 
HETATM 760 O  O   . HOH E 4 .  ? 2.836   -12.409 0.349   1.00 31.43 ? 318 HOH A O   1 
HETATM 761 O  O   . HOH E 4 .  ? 2.371   -11.637 6.818   1.00 30.69 ? 319 HOH A O   1 
HETATM 762 O  O   . HOH E 4 .  ? 14.380  -10.086 7.446   1.00 53.15 ? 320 HOH A O   1 
HETATM 763 O  O   . HOH E 4 .  ? -0.949  -4.486  8.176   1.00 20.16 ? 321 HOH A O   1 
HETATM 764 O  O   . HOH E 4 .  ? 16.485  -5.236  5.792   1.00 67.80 ? 322 HOH A O   1 
HETATM 765 O  O   . HOH E 4 .  ? 12.229  7.223   2.925   1.00 37.92 ? 323 HOH A O   1 
HETATM 766 O  O   . HOH E 4 .  ? -5.636  9.741   -16.068 1.00 29.25 ? 324 HOH A O   1 
HETATM 767 O  O   . HOH E 4 .  ? 10.153  6.686   17.039  1.00 41.90 ? 325 HOH A O   1 
HETATM 768 O  O   . HOH E 4 .  ? -2.437  3.743   -20.251 1.00 65.82 ? 326 HOH A O   1 
HETATM 769 O  O   . HOH E 4 .  ? 13.779  -6.858  -0.125  1.00 98.78 ? 327 HOH A O   1 
HETATM 770 O  O   . HOH E 4 .  ? -1.399  6.894   -19.719 1.00 50.30 ? 328 HOH A O   1 
HETATM 771 O  O   . HOH E 4 .  ? -7.491  -11.634 -0.204  1.00 33.15 ? 329 HOH A O   1 
HETATM 772 O  O   . HOH E 4 .  ? -5.564  -4.020  9.142   1.00 81.79 ? 330 HOH A O   1 
HETATM 773 O  O   . HOH E 4 .  ? 4.207   -8.293  10.410  1.00 33.64 ? 331 HOH A O   1 
HETATM 774 O  O   . HOH E 4 .  ? 5.421   -4.585  13.021  1.00 36.77 ? 332 HOH A O   1 
HETATM 775 O  O   . HOH E 4 .  ? 7.227   -4.692  15.450  1.00 52.91 ? 333 HOH A O   1 
HETATM 776 O  O   . HOH E 4 .  ? -4.258  -12.145 -0.619  1.00 65.42 ? 334 HOH A O   1 
HETATM 777 O  O   . HOH E 4 .  ? -11.546 7.923   -4.622  1.00 38.62 ? 335 HOH A O   1 
HETATM 778 O  O   . HOH E 4 .  ? 7.304   -12.272 9.204   1.00 56.17 ? 336 HOH A O   1 
HETATM 779 O  O   . HOH E 4 .  ? -8.406  9.649   11.390  1.00 48.66 ? 337 HOH A O   1 
HETATM 780 O  O   . HOH E 4 .  ? 12.516  -3.726  15.245  1.00 58.03 ? 338 HOH A O   1 
HETATM 781 O  O   . HOH E 4 .  ? -11.023 7.284   11.014  1.00 27.95 ? 339 HOH A O   1 
HETATM 782 O  O   . HOH E 4 .  ? -11.006 7.924   8.769   1.00 66.76 ? 340 HOH A O   1 
HETATM 783 O  O   . HOH E 4 .  ? 3.951   -14.258 -1.691  1.00 30.86 ? 341 HOH A O   1 
HETATM 784 O  O   . HOH E 4 .  ? -13.951 6.221   -14.657 1.00 39.30 ? 342 HOH A O   1 
HETATM 785 O  O   . HOH E 4 .  ? 9.809   -14.469 2.730   1.00 91.25 ? 343 HOH A O   1 
# 
